data_6HB9
# 
_entry.id   6HB9 
# 
_audit_conform.dict_name       mmcif_pdbx.dic 
_audit_conform.dict_version    5.392 
_audit_conform.dict_location   http://mmcif.pdb.org/dictionaries/ascii/mmcif_pdbx.dic 
# 
loop_
_database_2.database_id 
_database_2.database_code 
_database_2.pdbx_database_accession 
_database_2.pdbx_DOI 
PDB   6HB9         pdb_00006hb9 10.2210/pdb6hb9/pdb 
WWPDB D_1200011406 ?            ?                   
# 
loop_
_pdbx_audit_revision_history.ordinal 
_pdbx_audit_revision_history.data_content_type 
_pdbx_audit_revision_history.major_revision 
_pdbx_audit_revision_history.minor_revision 
_pdbx_audit_revision_history.revision_date 
1 'Structure model' 1 0 2019-05-01 
2 'Structure model' 1 1 2019-05-08 
3 'Structure model' 1 2 2020-01-29 
4 'Structure model' 1 3 2024-05-15 
# 
_pdbx_audit_revision_details.ordinal             1 
_pdbx_audit_revision_details.revision_ordinal    1 
_pdbx_audit_revision_details.data_content_type   'Structure model' 
_pdbx_audit_revision_details.provider            repository 
_pdbx_audit_revision_details.type                'Initial release' 
_pdbx_audit_revision_details.description         ? 
_pdbx_audit_revision_details.details             ? 
# 
loop_
_pdbx_audit_revision_group.ordinal 
_pdbx_audit_revision_group.revision_ordinal 
_pdbx_audit_revision_group.data_content_type 
_pdbx_audit_revision_group.group 
1 2 'Structure model' 'Data collection'     
2 2 'Structure model' 'Database references' 
3 3 'Structure model' 'Database references' 
4 4 'Structure model' 'Data collection'     
5 4 'Structure model' 'Database references' 
# 
loop_
_pdbx_audit_revision_category.ordinal 
_pdbx_audit_revision_category.revision_ordinal 
_pdbx_audit_revision_category.data_content_type 
_pdbx_audit_revision_category.category 
1 2 'Structure model' citation        
2 3 'Structure model' citation        
3 3 'Structure model' citation_author 
4 4 'Structure model' chem_comp_atom  
5 4 'Structure model' chem_comp_bond  
6 4 'Structure model' database_2      
# 
loop_
_pdbx_audit_revision_item.ordinal 
_pdbx_audit_revision_item.revision_ordinal 
_pdbx_audit_revision_item.data_content_type 
_pdbx_audit_revision_item.item 
1 2 'Structure model' '_citation.page_first'                
2 2 'Structure model' '_citation.page_last'                 
3 3 'Structure model' '_citation.journal_volume'            
4 3 'Structure model' '_citation.page_first'                
5 3 'Structure model' '_citation.page_last'                 
6 3 'Structure model' '_citation.year'                      
7 3 'Structure model' '_citation_author.identifier_ORCID'   
8 4 'Structure model' '_database_2.pdbx_DOI'                
9 4 'Structure model' '_database_2.pdbx_database_accession' 
# 
_pdbx_database_status.status_code                     REL 
_pdbx_database_status.status_code_sf                  REL 
_pdbx_database_status.status_code_mr                  ? 
_pdbx_database_status.entry_id                        6HB9 
_pdbx_database_status.recvd_initial_deposition_date   2018-08-10 
_pdbx_database_status.SG_entry                        N 
_pdbx_database_status.deposit_site                    PDBE 
_pdbx_database_status.process_site                    PDBE 
_pdbx_database_status.status_code_cs                  ? 
_pdbx_database_status.methods_development_category    ? 
_pdbx_database_status.pdb_format_compatible           Y 
_pdbx_database_status.status_code_nmr_data            ? 
# 
_pdbx_database_related.content_type   unspecified 
_pdbx_database_related.db_id          6H8C 
_pdbx_database_related.db_name        PDB 
_pdbx_database_related.details        'Structure of the human GABARAPL2 protein in complex with the UBA5 LIR motif' 
# 
loop_
_audit_author.name 
_audit_author.pdbx_ordinal 
_audit_author.identifier_ORCID 
'Huber, J.'  1 ? 
'Rogov, V.'  2 ? 
'Akutsu, M.' 3 ? 
# 
_citation.abstract                  ? 
_citation.abstract_id_CAS           ? 
_citation.book_id_ISBN              ? 
_citation.book_publisher            ? 
_citation.book_publisher_city       ? 
_citation.book_title                ? 
_citation.coordinate_linkage        ? 
_citation.country                   US 
_citation.database_id_Medline       ? 
_citation.details                   ? 
_citation.id                        primary 
_citation.journal_abbrev            Autophagy 
_citation.journal_id_ASTM           ? 
_citation.journal_id_CSD            ? 
_citation.journal_id_ISSN           1554-8635 
_citation.journal_full              ? 
_citation.journal_issue             ? 
_citation.journal_volume            16 
_citation.language                  ? 
_citation.page_first                256 
_citation.page_last                 270 
_citation.title                     
;An atypical LIR motif within UBA5 (ubiquitin like modifier activating enzyme 5) interacts with GABARAP proteins and mediates membrane localization of UBA5.
;
_citation.year                      2020 
_citation.database_id_CSD           ? 
_citation.pdbx_database_id_DOI      10.1080/15548627.2019.1606637 
_citation.pdbx_database_id_PubMed   30990354 
_citation.unpublished_flag          ? 
# 
loop_
_citation_author.citation_id 
_citation_author.name 
_citation_author.ordinal 
_citation_author.identifier_ORCID 
primary 'Huber, J.'   1  ? 
primary 'Obata, M.'   2  ? 
primary 'Gruber, J.'  3  ? 
primary 'Akutsu, M.'  4  ? 
primary 'Lohr, F.'    5  ? 
primary 'Rogova, N.'  6  ? 
primary 'Guntert, P.' 7  ? 
primary 'Dikic, I.'   8  ? 
primary 'Kirkin, V.'  9  ? 
primary 'Komatsu, M.' 10 ? 
primary 'Dotsch, V.'  11 ? 
primary 'Rogov, V.V.' 12 ? 
# 
loop_
_entity.id 
_entity.type 
_entity.src_method 
_entity.pdbx_description 
_entity.formula_weight 
_entity.pdbx_number_of_molecules 
_entity.pdbx_ec 
_entity.pdbx_mutation 
_entity.pdbx_fragment 
_entity.details 
1 polymer man 'Gamma-aminobutyric acid receptor-associated protein' 15186.291 1   ? ? ? 
;Gamma-aminobutyric acid receptor-associated protein (GABARAP) residues 3-116 N-terminally fused to the human UBA5 LIR motif (residues 340-351, EWGIELVSEVSE)
;
2 water   nat water                                                 18.015    137 ? ? ? ? 
# 
_entity_name_com.entity_id   1 
_entity_name_com.name        'GABA(A) receptor-associated protein,MM46' 
# 
_entity_poly.entity_id                      1 
_entity_poly.type                           'polypeptide(L)' 
_entity_poly.nstd_linkage                   no 
_entity_poly.nstd_monomer                   no 
_entity_poly.pdbx_seq_one_letter_code       
;EWGIELVSEVSEAMGFVYKEEHPFEKRRSEGEKIRKKYPDRVPVIVEKAPKARIGDLDKKKYLVPSDLTVGQFYFLIRKR
IHLRAEDALFFFVNNVIPPTSATMGQLYQEHHEEDFFLYIAYSDESVYG
;
_entity_poly.pdbx_seq_one_letter_code_can   
;EWGIELVSEVSEAMGFVYKEEHPFEKRRSEGEKIRKKYPDRVPVIVEKAPKARIGDLDKKKYLVPSDLTVGQFYFLIRKR
IHLRAEDALFFFVNNVIPPTSATMGQLYQEHHEEDFFLYIAYSDESVYG
;
_entity_poly.pdbx_strand_id                 A 
_entity_poly.pdbx_target_identifier         ? 
# 
_pdbx_entity_nonpoly.entity_id   2 
_pdbx_entity_nonpoly.name        water 
_pdbx_entity_nonpoly.comp_id     HOH 
# 
loop_
_entity_poly_seq.entity_id 
_entity_poly_seq.num 
_entity_poly_seq.mon_id 
_entity_poly_seq.hetero 
1 1   GLU n 
1 2   TRP n 
1 3   GLY n 
1 4   ILE n 
1 5   GLU n 
1 6   LEU n 
1 7   VAL n 
1 8   SER n 
1 9   GLU n 
1 10  VAL n 
1 11  SER n 
1 12  GLU n 
1 13  ALA n 
1 14  MET n 
1 15  GLY n 
1 16  PHE n 
1 17  VAL n 
1 18  TYR n 
1 19  LYS n 
1 20  GLU n 
1 21  GLU n 
1 22  HIS n 
1 23  PRO n 
1 24  PHE n 
1 25  GLU n 
1 26  LYS n 
1 27  ARG n 
1 28  ARG n 
1 29  SER n 
1 30  GLU n 
1 31  GLY n 
1 32  GLU n 
1 33  LYS n 
1 34  ILE n 
1 35  ARG n 
1 36  LYS n 
1 37  LYS n 
1 38  TYR n 
1 39  PRO n 
1 40  ASP n 
1 41  ARG n 
1 42  VAL n 
1 43  PRO n 
1 44  VAL n 
1 45  ILE n 
1 46  VAL n 
1 47  GLU n 
1 48  LYS n 
1 49  ALA n 
1 50  PRO n 
1 51  LYS n 
1 52  ALA n 
1 53  ARG n 
1 54  ILE n 
1 55  GLY n 
1 56  ASP n 
1 57  LEU n 
1 58  ASP n 
1 59  LYS n 
1 60  LYS n 
1 61  LYS n 
1 62  TYR n 
1 63  LEU n 
1 64  VAL n 
1 65  PRO n 
1 66  SER n 
1 67  ASP n 
1 68  LEU n 
1 69  THR n 
1 70  VAL n 
1 71  GLY n 
1 72  GLN n 
1 73  PHE n 
1 74  TYR n 
1 75  PHE n 
1 76  LEU n 
1 77  ILE n 
1 78  ARG n 
1 79  LYS n 
1 80  ARG n 
1 81  ILE n 
1 82  HIS n 
1 83  LEU n 
1 84  ARG n 
1 85  ALA n 
1 86  GLU n 
1 87  ASP n 
1 88  ALA n 
1 89  LEU n 
1 90  PHE n 
1 91  PHE n 
1 92  PHE n 
1 93  VAL n 
1 94  ASN n 
1 95  ASN n 
1 96  VAL n 
1 97  ILE n 
1 98  PRO n 
1 99  PRO n 
1 100 THR n 
1 101 SER n 
1 102 ALA n 
1 103 THR n 
1 104 MET n 
1 105 GLY n 
1 106 GLN n 
1 107 LEU n 
1 108 TYR n 
1 109 GLN n 
1 110 GLU n 
1 111 HIS n 
1 112 HIS n 
1 113 GLU n 
1 114 GLU n 
1 115 ASP n 
1 116 PHE n 
1 117 PHE n 
1 118 LEU n 
1 119 TYR n 
1 120 ILE n 
1 121 ALA n 
1 122 TYR n 
1 123 SER n 
1 124 ASP n 
1 125 GLU n 
1 126 SER n 
1 127 VAL n 
1 128 TYR n 
1 129 GLY n 
# 
_entity_src_gen.entity_id                          1 
_entity_src_gen.pdbx_src_id                        1 
_entity_src_gen.pdbx_alt_source_flag               sample 
_entity_src_gen.pdbx_seq_type                      'Biological sequence' 
_entity_src_gen.pdbx_beg_seq_num                   1 
_entity_src_gen.pdbx_end_seq_num                   129 
_entity_src_gen.gene_src_common_name               Human 
_entity_src_gen.gene_src_genus                     ? 
_entity_src_gen.pdbx_gene_src_gene                 'GABARAP, FLC3B, HT004' 
_entity_src_gen.gene_src_species                   ? 
_entity_src_gen.gene_src_strain                    ? 
_entity_src_gen.gene_src_tissue                    ? 
_entity_src_gen.gene_src_tissue_fraction           ? 
_entity_src_gen.gene_src_details                   ? 
_entity_src_gen.pdbx_gene_src_fragment             ? 
_entity_src_gen.pdbx_gene_src_scientific_name      'Homo sapiens' 
_entity_src_gen.pdbx_gene_src_ncbi_taxonomy_id     9606 
_entity_src_gen.pdbx_gene_src_variant              ? 
_entity_src_gen.pdbx_gene_src_cell_line            ? 
_entity_src_gen.pdbx_gene_src_atcc                 ? 
_entity_src_gen.pdbx_gene_src_organ                ? 
_entity_src_gen.pdbx_gene_src_organelle            ? 
_entity_src_gen.pdbx_gene_src_cell                 ? 
_entity_src_gen.pdbx_gene_src_cellular_location    ? 
_entity_src_gen.host_org_common_name               ? 
_entity_src_gen.pdbx_host_org_scientific_name      'Escherichia coli' 
_entity_src_gen.pdbx_host_org_ncbi_taxonomy_id     562 
_entity_src_gen.host_org_genus                     ? 
_entity_src_gen.pdbx_host_org_gene                 ? 
_entity_src_gen.pdbx_host_org_organ                ? 
_entity_src_gen.host_org_species                   ? 
_entity_src_gen.pdbx_host_org_tissue               ? 
_entity_src_gen.pdbx_host_org_tissue_fraction      ? 
_entity_src_gen.pdbx_host_org_strain               ? 
_entity_src_gen.pdbx_host_org_variant              ? 
_entity_src_gen.pdbx_host_org_cell_line            ? 
_entity_src_gen.pdbx_host_org_atcc                 ? 
_entity_src_gen.pdbx_host_org_culture_collection   ? 
_entity_src_gen.pdbx_host_org_cell                 ? 
_entity_src_gen.pdbx_host_org_organelle            ? 
_entity_src_gen.pdbx_host_org_cellular_location    ? 
_entity_src_gen.pdbx_host_org_vector_type          ? 
_entity_src_gen.pdbx_host_org_vector               ? 
_entity_src_gen.host_org_details                   ? 
_entity_src_gen.expression_system_id               ? 
_entity_src_gen.plasmid_name                       ? 
_entity_src_gen.plasmid_details                    ? 
_entity_src_gen.pdbx_description                   ? 
# 
loop_
_chem_comp.id 
_chem_comp.type 
_chem_comp.mon_nstd_flag 
_chem_comp.name 
_chem_comp.pdbx_synonyms 
_chem_comp.formula 
_chem_comp.formula_weight 
ALA 'L-peptide linking' y ALANINE         ? 'C3 H7 N O2'     89.093  
ARG 'L-peptide linking' y ARGININE        ? 'C6 H15 N4 O2 1' 175.209 
ASN 'L-peptide linking' y ASPARAGINE      ? 'C4 H8 N2 O3'    132.118 
ASP 'L-peptide linking' y 'ASPARTIC ACID' ? 'C4 H7 N O4'     133.103 
GLN 'L-peptide linking' y GLUTAMINE       ? 'C5 H10 N2 O3'   146.144 
GLU 'L-peptide linking' y 'GLUTAMIC ACID' ? 'C5 H9 N O4'     147.129 
GLY 'peptide linking'   y GLYCINE         ? 'C2 H5 N O2'     75.067  
HIS 'L-peptide linking' y HISTIDINE       ? 'C6 H10 N3 O2 1' 156.162 
HOH non-polymer         . WATER           ? 'H2 O'           18.015  
ILE 'L-peptide linking' y ISOLEUCINE      ? 'C6 H13 N O2'    131.173 
LEU 'L-peptide linking' y LEUCINE         ? 'C6 H13 N O2'    131.173 
LYS 'L-peptide linking' y LYSINE          ? 'C6 H15 N2 O2 1' 147.195 
MET 'L-peptide linking' y METHIONINE      ? 'C5 H11 N O2 S'  149.211 
PHE 'L-peptide linking' y PHENYLALANINE   ? 'C9 H11 N O2'    165.189 
PRO 'L-peptide linking' y PROLINE         ? 'C5 H9 N O2'     115.130 
SER 'L-peptide linking' y SERINE          ? 'C3 H7 N O3'     105.093 
THR 'L-peptide linking' y THREONINE       ? 'C4 H9 N O3'     119.119 
TRP 'L-peptide linking' y TRYPTOPHAN      ? 'C11 H12 N2 O2'  204.225 
TYR 'L-peptide linking' y TYROSINE        ? 'C9 H11 N O3'    181.189 
VAL 'L-peptide linking' y VALINE          ? 'C5 H11 N O2'    117.146 
# 
loop_
_pdbx_poly_seq_scheme.asym_id 
_pdbx_poly_seq_scheme.entity_id 
_pdbx_poly_seq_scheme.seq_id 
_pdbx_poly_seq_scheme.mon_id 
_pdbx_poly_seq_scheme.ndb_seq_num 
_pdbx_poly_seq_scheme.pdb_seq_num 
_pdbx_poly_seq_scheme.auth_seq_num 
_pdbx_poly_seq_scheme.pdb_mon_id 
_pdbx_poly_seq_scheme.auth_mon_id 
_pdbx_poly_seq_scheme.pdb_strand_id 
_pdbx_poly_seq_scheme.pdb_ins_code 
_pdbx_poly_seq_scheme.hetero 
A 1 1   GLU 1   -12 -12 GLU GLU A . n 
A 1 2   TRP 2   -11 -11 TRP TRP A . n 
A 1 3   GLY 3   -10 -10 GLY GLY A . n 
A 1 4   ILE 4   -9  -9  ILE ILE A . n 
A 1 5   GLU 5   -8  -8  GLU GLU A . n 
A 1 6   LEU 6   -7  -7  LEU LEU A . n 
A 1 7   VAL 7   -6  -6  VAL VAL A . n 
A 1 8   SER 8   -5  -5  SER SER A . n 
A 1 9   GLU 9   -4  -4  GLU GLU A . n 
A 1 10  VAL 10  -3  -3  VAL VAL A . n 
A 1 11  SER 11  -2  -2  SER SER A . n 
A 1 12  GLU 12  -1  -1  GLU GLU A . n 
A 1 13  ALA 13  0   0   ALA ALA A . n 
A 1 14  MET 14  1   1   MET MET A . n 
A 1 15  GLY 15  2   2   GLY GLY A . n 
A 1 16  PHE 16  3   3   PHE PHE A . n 
A 1 17  VAL 17  4   4   VAL VAL A . n 
A 1 18  TYR 18  5   5   TYR TYR A . n 
A 1 19  LYS 19  6   6   LYS LYS A . n 
A 1 20  GLU 20  7   7   GLU GLU A . n 
A 1 21  GLU 21  8   8   GLU GLU A . n 
A 1 22  HIS 22  9   9   HIS HIS A . n 
A 1 23  PRO 23  10  10  PRO PRO A . n 
A 1 24  PHE 24  11  11  PHE PHE A . n 
A 1 25  GLU 25  12  12  GLU GLU A . n 
A 1 26  LYS 26  13  13  LYS LYS A . n 
A 1 27  ARG 27  14  14  ARG ARG A . n 
A 1 28  ARG 28  15  15  ARG ARG A . n 
A 1 29  SER 29  16  16  SER SER A . n 
A 1 30  GLU 30  17  17  GLU GLU A . n 
A 1 31  GLY 31  18  18  GLY GLY A . n 
A 1 32  GLU 32  19  19  GLU GLU A . n 
A 1 33  LYS 33  20  20  LYS LYS A . n 
A 1 34  ILE 34  21  21  ILE ILE A . n 
A 1 35  ARG 35  22  22  ARG ARG A . n 
A 1 36  LYS 36  23  23  LYS LYS A . n 
A 1 37  LYS 37  24  24  LYS LYS A . n 
A 1 38  TYR 38  25  25  TYR TYR A . n 
A 1 39  PRO 39  26  26  PRO PRO A . n 
A 1 40  ASP 40  27  27  ASP ASP A . n 
A 1 41  ARG 41  28  28  ARG ARG A . n 
A 1 42  VAL 42  29  29  VAL VAL A . n 
A 1 43  PRO 43  30  30  PRO PRO A . n 
A 1 44  VAL 44  31  31  VAL VAL A . n 
A 1 45  ILE 45  32  32  ILE ILE A . n 
A 1 46  VAL 46  33  33  VAL VAL A . n 
A 1 47  GLU 47  34  34  GLU GLU A . n 
A 1 48  LYS 48  35  35  LYS LYS A . n 
A 1 49  ALA 49  36  36  ALA ALA A . n 
A 1 50  PRO 50  37  37  PRO PRO A . n 
A 1 51  LYS 51  38  38  LYS LYS A . n 
A 1 52  ALA 52  39  39  ALA ALA A . n 
A 1 53  ARG 53  40  40  ARG ARG A . n 
A 1 54  ILE 54  41  41  ILE ILE A . n 
A 1 55  GLY 55  42  42  GLY GLY A . n 
A 1 56  ASP 56  43  43  ASP ASP A . n 
A 1 57  LEU 57  44  44  LEU LEU A . n 
A 1 58  ASP 58  45  45  ASP ASP A . n 
A 1 59  LYS 59  46  46  LYS LYS A . n 
A 1 60  LYS 60  47  47  LYS LYS A . n 
A 1 61  LYS 61  48  48  LYS LYS A . n 
A 1 62  TYR 62  49  49  TYR TYR A . n 
A 1 63  LEU 63  50  50  LEU LEU A . n 
A 1 64  VAL 64  51  51  VAL VAL A . n 
A 1 65  PRO 65  52  52  PRO PRO A . n 
A 1 66  SER 66  53  53  SER SER A . n 
A 1 67  ASP 67  54  54  ASP ASP A . n 
A 1 68  LEU 68  55  55  LEU LEU A . n 
A 1 69  THR 69  56  56  THR THR A . n 
A 1 70  VAL 70  57  57  VAL VAL A . n 
A 1 71  GLY 71  58  58  GLY GLY A . n 
A 1 72  GLN 72  59  59  GLN GLN A . n 
A 1 73  PHE 73  60  60  PHE PHE A . n 
A 1 74  TYR 74  61  61  TYR TYR A . n 
A 1 75  PHE 75  62  62  PHE PHE A . n 
A 1 76  LEU 76  63  63  LEU LEU A . n 
A 1 77  ILE 77  64  64  ILE ILE A . n 
A 1 78  ARG 78  65  65  ARG ARG A . n 
A 1 79  LYS 79  66  66  LYS LYS A . n 
A 1 80  ARG 80  67  67  ARG ARG A . n 
A 1 81  ILE 81  68  68  ILE ILE A . n 
A 1 82  HIS 82  69  69  HIS HIS A . n 
A 1 83  LEU 83  70  70  LEU LEU A . n 
A 1 84  ARG 84  71  71  ARG ARG A . n 
A 1 85  ALA 85  72  72  ALA ALA A . n 
A 1 86  GLU 86  73  73  GLU GLU A . n 
A 1 87  ASP 87  74  74  ASP ASP A . n 
A 1 88  ALA 88  75  75  ALA ALA A . n 
A 1 89  LEU 89  76  76  LEU LEU A . n 
A 1 90  PHE 90  77  77  PHE PHE A . n 
A 1 91  PHE 91  78  78  PHE PHE A . n 
A 1 92  PHE 92  79  79  PHE PHE A . n 
A 1 93  VAL 93  80  80  VAL VAL A . n 
A 1 94  ASN 94  81  81  ASN ASN A . n 
A 1 95  ASN 95  82  82  ASN ASN A . n 
A 1 96  VAL 96  83  83  VAL VAL A . n 
A 1 97  ILE 97  84  84  ILE ILE A . n 
A 1 98  PRO 98  85  85  PRO PRO A . n 
A 1 99  PRO 99  86  86  PRO PRO A . n 
A 1 100 THR 100 87  87  THR THR A . n 
A 1 101 SER 101 88  88  SER SER A . n 
A 1 102 ALA 102 89  89  ALA ALA A . n 
A 1 103 THR 103 90  90  THR THR A . n 
A 1 104 MET 104 91  91  MET MET A . n 
A 1 105 GLY 105 92  92  GLY GLY A . n 
A 1 106 GLN 106 93  93  GLN GLN A . n 
A 1 107 LEU 107 94  94  LEU LEU A . n 
A 1 108 TYR 108 95  95  TYR TYR A . n 
A 1 109 GLN 109 96  96  GLN GLN A . n 
A 1 110 GLU 110 97  97  GLU GLU A . n 
A 1 111 HIS 111 98  98  HIS HIS A . n 
A 1 112 HIS 112 99  99  HIS HIS A . n 
A 1 113 GLU 113 100 100 GLU GLU A . n 
A 1 114 GLU 114 101 101 GLU GLU A . n 
A 1 115 ASP 115 102 102 ASP ASP A . n 
A 1 116 PHE 116 103 103 PHE PHE A . n 
A 1 117 PHE 117 104 104 PHE PHE A . n 
A 1 118 LEU 118 105 105 LEU LEU A . n 
A 1 119 TYR 119 106 106 TYR TYR A . n 
A 1 120 ILE 120 107 107 ILE ILE A . n 
A 1 121 ALA 121 108 108 ALA ALA A . n 
A 1 122 TYR 122 109 109 TYR TYR A . n 
A 1 123 SER 123 110 110 SER SER A . n 
A 1 124 ASP 124 111 111 ASP ASP A . n 
A 1 125 GLU 125 112 112 GLU GLU A . n 
A 1 126 SER 126 113 113 SER SER A . n 
A 1 127 VAL 127 114 114 VAL VAL A . n 
A 1 128 TYR 128 115 115 TYR TYR A . n 
A 1 129 GLY 129 116 116 GLY GLY A . n 
# 
loop_
_pdbx_nonpoly_scheme.asym_id 
_pdbx_nonpoly_scheme.entity_id 
_pdbx_nonpoly_scheme.mon_id 
_pdbx_nonpoly_scheme.ndb_seq_num 
_pdbx_nonpoly_scheme.pdb_seq_num 
_pdbx_nonpoly_scheme.auth_seq_num 
_pdbx_nonpoly_scheme.pdb_mon_id 
_pdbx_nonpoly_scheme.auth_mon_id 
_pdbx_nonpoly_scheme.pdb_strand_id 
_pdbx_nonpoly_scheme.pdb_ins_code 
B 2 HOH 1   201 120 HOH HOH A . 
B 2 HOH 2   202 111 HOH HOH A . 
B 2 HOH 3   203 71  HOH HOH A . 
B 2 HOH 4   204 119 HOH HOH A . 
B 2 HOH 5   205 127 HOH HOH A . 
B 2 HOH 6   206 129 HOH HOH A . 
B 2 HOH 7   207 113 HOH HOH A . 
B 2 HOH 8   208 92  HOH HOH A . 
B 2 HOH 9   209 57  HOH HOH A . 
B 2 HOH 10  210 78  HOH HOH A . 
B 2 HOH 11  211 50  HOH HOH A . 
B 2 HOH 12  212 123 HOH HOH A . 
B 2 HOH 13  213 69  HOH HOH A . 
B 2 HOH 14  214 134 HOH HOH A . 
B 2 HOH 15  215 106 HOH HOH A . 
B 2 HOH 16  216 19  HOH HOH A . 
B 2 HOH 17  217 47  HOH HOH A . 
B 2 HOH 18  218 124 HOH HOH A . 
B 2 HOH 19  219 90  HOH HOH A . 
B 2 HOH 20  220 11  HOH HOH A . 
B 2 HOH 21  221 56  HOH HOH A . 
B 2 HOH 22  222 28  HOH HOH A . 
B 2 HOH 23  223 54  HOH HOH A . 
B 2 HOH 24  224 27  HOH HOH A . 
B 2 HOH 25  225 8   HOH HOH A . 
B 2 HOH 26  226 70  HOH HOH A . 
B 2 HOH 27  227 15  HOH HOH A . 
B 2 HOH 28  228 102 HOH HOH A . 
B 2 HOH 29  229 21  HOH HOH A . 
B 2 HOH 30  230 83  HOH HOH A . 
B 2 HOH 31  231 23  HOH HOH A . 
B 2 HOH 32  232 33  HOH HOH A . 
B 2 HOH 33  233 77  HOH HOH A . 
B 2 HOH 34  234 22  HOH HOH A . 
B 2 HOH 35  235 2   HOH HOH A . 
B 2 HOH 36  236 3   HOH HOH A . 
B 2 HOH 37  237 76  HOH HOH A . 
B 2 HOH 38  238 12  HOH HOH A . 
B 2 HOH 39  239 1   HOH HOH A . 
B 2 HOH 40  240 36  HOH HOH A . 
B 2 HOH 41  241 93  HOH HOH A . 
B 2 HOH 42  242 55  HOH HOH A . 
B 2 HOH 43  243 95  HOH HOH A . 
B 2 HOH 44  244 32  HOH HOH A . 
B 2 HOH 45  245 18  HOH HOH A . 
B 2 HOH 46  246 29  HOH HOH A . 
B 2 HOH 47  247 74  HOH HOH A . 
B 2 HOH 48  248 115 HOH HOH A . 
B 2 HOH 49  249 26  HOH HOH A . 
B 2 HOH 50  250 40  HOH HOH A . 
B 2 HOH 51  251 131 HOH HOH A . 
B 2 HOH 52  252 20  HOH HOH A . 
B 2 HOH 53  253 80  HOH HOH A . 
B 2 HOH 54  254 138 HOH HOH A . 
B 2 HOH 55  255 6   HOH HOH A . 
B 2 HOH 56  256 103 HOH HOH A . 
B 2 HOH 57  257 44  HOH HOH A . 
B 2 HOH 58  258 24  HOH HOH A . 
B 2 HOH 59  259 121 HOH HOH A . 
B 2 HOH 60  260 31  HOH HOH A . 
B 2 HOH 61  261 61  HOH HOH A . 
B 2 HOH 62  262 51  HOH HOH A . 
B 2 HOH 63  263 132 HOH HOH A . 
B 2 HOH 64  264 105 HOH HOH A . 
B 2 HOH 65  265 52  HOH HOH A . 
B 2 HOH 66  266 16  HOH HOH A . 
B 2 HOH 67  267 100 HOH HOH A . 
B 2 HOH 68  268 79  HOH HOH A . 
B 2 HOH 69  269 110 HOH HOH A . 
B 2 HOH 70  270 17  HOH HOH A . 
B 2 HOH 71  271 72  HOH HOH A . 
B 2 HOH 72  272 35  HOH HOH A . 
B 2 HOH 73  273 42  HOH HOH A . 
B 2 HOH 74  274 9   HOH HOH A . 
B 2 HOH 75  275 48  HOH HOH A . 
B 2 HOH 76  276 101 HOH HOH A . 
B 2 HOH 77  277 81  HOH HOH A . 
B 2 HOH 78  278 107 HOH HOH A . 
B 2 HOH 79  279 60  HOH HOH A . 
B 2 HOH 80  280 37  HOH HOH A . 
B 2 HOH 81  281 13  HOH HOH A . 
B 2 HOH 82  282 7   HOH HOH A . 
B 2 HOH 83  283 39  HOH HOH A . 
B 2 HOH 84  284 104 HOH HOH A . 
B 2 HOH 85  285 126 HOH HOH A . 
B 2 HOH 86  286 14  HOH HOH A . 
B 2 HOH 87  287 84  HOH HOH A . 
B 2 HOH 88  288 43  HOH HOH A . 
B 2 HOH 89  289 118 HOH HOH A . 
B 2 HOH 90  290 30  HOH HOH A . 
B 2 HOH 91  291 82  HOH HOH A . 
B 2 HOH 92  292 58  HOH HOH A . 
B 2 HOH 93  293 64  HOH HOH A . 
B 2 HOH 94  294 137 HOH HOH A . 
B 2 HOH 95  295 125 HOH HOH A . 
B 2 HOH 96  296 5   HOH HOH A . 
B 2 HOH 97  297 136 HOH HOH A . 
B 2 HOH 98  298 38  HOH HOH A . 
B 2 HOH 99  299 67  HOH HOH A . 
B 2 HOH 100 300 46  HOH HOH A . 
B 2 HOH 101 301 89  HOH HOH A . 
B 2 HOH 102 302 59  HOH HOH A . 
B 2 HOH 103 303 108 HOH HOH A . 
B 2 HOH 104 304 25  HOH HOH A . 
B 2 HOH 105 305 49  HOH HOH A . 
B 2 HOH 106 306 122 HOH HOH A . 
B 2 HOH 107 307 4   HOH HOH A . 
B 2 HOH 108 308 10  HOH HOH A . 
B 2 HOH 109 309 41  HOH HOH A . 
B 2 HOH 110 310 73  HOH HOH A . 
B 2 HOH 111 311 139 HOH HOH A . 
B 2 HOH 112 312 34  HOH HOH A . 
B 2 HOH 113 313 109 HOH HOH A . 
B 2 HOH 114 314 88  HOH HOH A . 
B 2 HOH 115 315 75  HOH HOH A . 
B 2 HOH 116 316 63  HOH HOH A . 
B 2 HOH 117 317 117 HOH HOH A . 
B 2 HOH 118 318 133 HOH HOH A . 
B 2 HOH 119 319 65  HOH HOH A . 
B 2 HOH 120 320 87  HOH HOH A . 
B 2 HOH 121 321 53  HOH HOH A . 
B 2 HOH 122 322 96  HOH HOH A . 
B 2 HOH 123 323 114 HOH HOH A . 
B 2 HOH 124 324 66  HOH HOH A . 
B 2 HOH 125 325 128 HOH HOH A . 
B 2 HOH 126 326 142 HOH HOH A . 
B 2 HOH 127 327 99  HOH HOH A . 
B 2 HOH 128 328 140 HOH HOH A . 
B 2 HOH 129 329 45  HOH HOH A . 
B 2 HOH 130 330 112 HOH HOH A . 
B 2 HOH 131 331 98  HOH HOH A . 
B 2 HOH 132 332 97  HOH HOH A . 
B 2 HOH 133 333 85  HOH HOH A . 
B 2 HOH 134 334 68  HOH HOH A . 
B 2 HOH 135 335 135 HOH HOH A . 
B 2 HOH 136 336 130 HOH HOH A . 
B 2 HOH 137 337 141 HOH HOH A . 
# 
loop_
_pdbx_unobs_or_zero_occ_atoms.id 
_pdbx_unobs_or_zero_occ_atoms.PDB_model_num 
_pdbx_unobs_or_zero_occ_atoms.polymer_flag 
_pdbx_unobs_or_zero_occ_atoms.occupancy_flag 
_pdbx_unobs_or_zero_occ_atoms.auth_asym_id 
_pdbx_unobs_or_zero_occ_atoms.auth_comp_id 
_pdbx_unobs_or_zero_occ_atoms.auth_seq_id 
_pdbx_unobs_or_zero_occ_atoms.PDB_ins_code 
_pdbx_unobs_or_zero_occ_atoms.auth_atom_id 
_pdbx_unobs_or_zero_occ_atoms.label_alt_id 
_pdbx_unobs_or_zero_occ_atoms.label_asym_id 
_pdbx_unobs_or_zero_occ_atoms.label_comp_id 
_pdbx_unobs_or_zero_occ_atoms.label_seq_id 
_pdbx_unobs_or_zero_occ_atoms.label_atom_id 
1 1 Y 1 A GLU -12 ? CG  ? A GLU 1 CG  
2 1 Y 1 A GLU -12 ? CD  ? A GLU 1 CD  
3 1 Y 1 A GLU -12 ? OE1 ? A GLU 1 OE1 
4 1 Y 1 A GLU -12 ? OE2 ? A GLU 1 OE2 
# 
loop_
_software.citation_id 
_software.classification 
_software.compiler_name 
_software.compiler_version 
_software.contact_author 
_software.contact_author_email 
_software.date 
_software.description 
_software.dependencies 
_software.hardware 
_software.language 
_software.location 
_software.mods 
_software.name 
_software.os 
_software.os_version 
_software.type 
_software.version 
_software.pdbx_ordinal 
? refinement        ? ? ? ? ? ? ? ? ? ? ? PHENIX      ? ? ? 1.9_1692 1 
? 'data scaling'    ? ? ? ? ? ? ? ? ? ? ? SCALA       ? ? ? .        2 
? 'data extraction' ? ? ? ? ? ? ? ? ? ? ? PDB_EXTRACT ? ? ? 3.24     3 
? 'data reduction'  ? ? ? ? ? ? ? ? ? ? ? XDS         ? ? ? .        4 
? phasing           ? ? ? ? ? ? ? ? ? ? ? MOLREP      ? ? ? .        5 
# 
_cell.angle_alpha                  90.000 
_cell.angle_alpha_esd              ? 
_cell.angle_beta                   99.350 
_cell.angle_beta_esd               ? 
_cell.angle_gamma                  90.000 
_cell.angle_gamma_esd              ? 
_cell.entry_id                     6HB9 
_cell.details                      ? 
_cell.formula_units_Z              ? 
_cell.length_a                     33.776 
_cell.length_a_esd                 ? 
_cell.length_b                     58.010 
_cell.length_b_esd                 ? 
_cell.length_c                     36.421 
_cell.length_c_esd                 ? 
_cell.volume                       ? 
_cell.volume_esd                   ? 
_cell.Z_PDB                        2 
_cell.reciprocal_angle_alpha       ? 
_cell.reciprocal_angle_beta        ? 
_cell.reciprocal_angle_gamma       ? 
_cell.reciprocal_angle_alpha_esd   ? 
_cell.reciprocal_angle_beta_esd    ? 
_cell.reciprocal_angle_gamma_esd   ? 
_cell.reciprocal_length_a          ? 
_cell.reciprocal_length_b          ? 
_cell.reciprocal_length_c          ? 
_cell.reciprocal_length_a_esd      ? 
_cell.reciprocal_length_b_esd      ? 
_cell.reciprocal_length_c_esd      ? 
_cell.pdbx_unique_axis             ? 
# 
_symmetry.entry_id                         6HB9 
_symmetry.cell_setting                     ? 
_symmetry.Int_Tables_number                4 
_symmetry.space_group_name_Hall            ? 
_symmetry.space_group_name_H-M             'P 1 21 1' 
_symmetry.pdbx_full_space_group_name_H-M   ? 
# 
_exptl.absorpt_coefficient_mu     ? 
_exptl.absorpt_correction_T_max   ? 
_exptl.absorpt_correction_T_min   ? 
_exptl.absorpt_correction_type    ? 
_exptl.absorpt_process_details    ? 
_exptl.entry_id                   6HB9 
_exptl.crystals_number            1 
_exptl.details                    ? 
_exptl.method                     'X-RAY DIFFRACTION' 
_exptl.method_details             ? 
# 
_exptl_crystal.colour                      ? 
_exptl_crystal.density_diffrn              ? 
_exptl_crystal.density_Matthews            2.32 
_exptl_crystal.density_method              ? 
_exptl_crystal.density_percent_sol         46.90 
_exptl_crystal.description                 ? 
_exptl_crystal.F_000                       ? 
_exptl_crystal.id                          1 
_exptl_crystal.preparation                 ? 
_exptl_crystal.size_max                    ? 
_exptl_crystal.size_mid                    ? 
_exptl_crystal.size_min                    ? 
_exptl_crystal.size_rad                    ? 
_exptl_crystal.colour_lustre               ? 
_exptl_crystal.colour_modifier             ? 
_exptl_crystal.colour_primary              ? 
_exptl_crystal.density_meas                ? 
_exptl_crystal.density_meas_esd            ? 
_exptl_crystal.density_meas_gt             ? 
_exptl_crystal.density_meas_lt             ? 
_exptl_crystal.density_meas_temp           ? 
_exptl_crystal.density_meas_temp_esd       ? 
_exptl_crystal.density_meas_temp_gt        ? 
_exptl_crystal.density_meas_temp_lt        ? 
_exptl_crystal.pdbx_crystal_image_url      ? 
_exptl_crystal.pdbx_crystal_image_format   ? 
_exptl_crystal.pdbx_mosaicity              ? 
_exptl_crystal.pdbx_mosaicity_esd          ? 
# 
_exptl_crystal_grow.apparatus       ? 
_exptl_crystal_grow.atmosphere      ? 
_exptl_crystal_grow.crystal_id      1 
_exptl_crystal_grow.details         ? 
_exptl_crystal_grow.method          'VAPOR DIFFUSION, SITTING DROP' 
_exptl_crystal_grow.method_ref      ? 
_exptl_crystal_grow.pH              ? 
_exptl_crystal_grow.pressure        ? 
_exptl_crystal_grow.pressure_esd    ? 
_exptl_crystal_grow.seeding         ? 
_exptl_crystal_grow.seeding_ref     ? 
_exptl_crystal_grow.temp            293 
_exptl_crystal_grow.temp_details    ? 
_exptl_crystal_grow.temp_esd        ? 
_exptl_crystal_grow.time            ? 
_exptl_crystal_grow.pdbx_details    '1.6 M sodium phosphate, 0.1 M HEPES, pH7.5' 
_exptl_crystal_grow.pdbx_pH_range   ? 
# 
_diffrn.ambient_environment              ? 
_diffrn.ambient_temp                     77 
_diffrn.ambient_temp_details             ? 
_diffrn.ambient_temp_esd                 ? 
_diffrn.crystal_id                       1 
_diffrn.crystal_support                  ? 
_diffrn.crystal_treatment                ? 
_diffrn.details                          ? 
_diffrn.id                               1 
_diffrn.ambient_pressure                 ? 
_diffrn.ambient_pressure_esd             ? 
_diffrn.ambient_pressure_gt              ? 
_diffrn.ambient_pressure_lt              ? 
_diffrn.ambient_temp_gt                  ? 
_diffrn.ambient_temp_lt                  ? 
_diffrn.pdbx_serial_crystal_experiment   ? 
# 
_diffrn_detector.details                      ? 
_diffrn_detector.detector                     PIXEL 
_diffrn_detector.diffrn_id                    1 
_diffrn_detector.type                         'DECTRIS PILATUS3 S 6M' 
_diffrn_detector.area_resol_mean              ? 
_diffrn_detector.dtime                        ? 
_diffrn_detector.pdbx_frames_total            ? 
_diffrn_detector.pdbx_collection_time_total   ? 
_diffrn_detector.pdbx_collection_date         2015-08-22 
_diffrn_detector.pdbx_frequency               ? 
# 
_diffrn_radiation.collimation                      ? 
_diffrn_radiation.diffrn_id                        1 
_diffrn_radiation.filter_edge                      ? 
_diffrn_radiation.inhomogeneity                    ? 
_diffrn_radiation.monochromator                    ? 
_diffrn_radiation.polarisn_norm                    ? 
_diffrn_radiation.polarisn_ratio                   ? 
_diffrn_radiation.probe                            ? 
_diffrn_radiation.type                             ? 
_diffrn_radiation.xray_symbol                      ? 
_diffrn_radiation.wavelength_id                    1 
_diffrn_radiation.pdbx_monochromatic_or_laue_m_l   M 
_diffrn_radiation.pdbx_wavelength_list             ? 
_diffrn_radiation.pdbx_wavelength                  ? 
_diffrn_radiation.pdbx_diffrn_protocol             'SINGLE WAVELENGTH' 
_diffrn_radiation.pdbx_analyzer                    ? 
_diffrn_radiation.pdbx_scattering_type             x-ray 
# 
_diffrn_radiation_wavelength.id           1 
_diffrn_radiation_wavelength.wavelength   1 
_diffrn_radiation_wavelength.wt           1.0 
# 
_diffrn_source.current                     ? 
_diffrn_source.details                     ? 
_diffrn_source.diffrn_id                   1 
_diffrn_source.power                       ? 
_diffrn_source.size                        ? 
_diffrn_source.source                      SYNCHROTRON 
_diffrn_source.target                      ? 
_diffrn_source.type                        'SLS BEAMLINE X06SA' 
_diffrn_source.voltage                     ? 
_diffrn_source.take-off_angle              ? 
_diffrn_source.pdbx_wavelength_list        1 
_diffrn_source.pdbx_wavelength             ? 
_diffrn_source.pdbx_synchrotron_beamline   X06SA 
_diffrn_source.pdbx_synchrotron_site       SLS 
# 
_reflns.B_iso_Wilson_estimate            11.210 
_reflns.entry_id                         6HB9 
_reflns.data_reduction_details           ? 
_reflns.data_reduction_method            ? 
_reflns.d_resolution_high                1.3 
_reflns.d_resolution_low                 35.94 
_reflns.details                          ? 
_reflns.limit_h_max                      ? 
_reflns.limit_h_min                      ? 
_reflns.limit_k_max                      ? 
_reflns.limit_k_min                      ? 
_reflns.limit_l_max                      ? 
_reflns.limit_l_min                      ? 
_reflns.number_all                       ? 
_reflns.number_obs                       32955 
_reflns.observed_criterion               ? 
_reflns.observed_criterion_F_max         ? 
_reflns.observed_criterion_F_min         ? 
_reflns.observed_criterion_I_max         ? 
_reflns.observed_criterion_I_min         ? 
_reflns.observed_criterion_sigma_F       ? 
_reflns.observed_criterion_sigma_I       ? 
_reflns.percent_possible_obs             96.7 
_reflns.R_free_details                   ? 
_reflns.Rmerge_F_all                     ? 
_reflns.Rmerge_F_obs                     ? 
_reflns.Friedel_coverage                 ? 
_reflns.number_gt                        ? 
_reflns.threshold_expression             ? 
_reflns.pdbx_redundancy                  6.4 
_reflns.pdbx_Rmerge_I_obs                ? 
_reflns.pdbx_Rmerge_I_all                ? 
_reflns.pdbx_Rsym_value                  ? 
_reflns.pdbx_netI_over_av_sigmaI         ? 
_reflns.pdbx_netI_over_sigmaI            20.9 
_reflns.pdbx_res_netI_over_av_sigmaI_2   ? 
_reflns.pdbx_res_netI_over_sigmaI_2      ? 
_reflns.pdbx_chi_squared                 ? 
_reflns.pdbx_scaling_rejects             ? 
_reflns.pdbx_d_res_high_opt              ? 
_reflns.pdbx_d_res_low_opt               ? 
_reflns.pdbx_d_res_opt_method            ? 
_reflns.phase_calculation_details        ? 
_reflns.pdbx_Rrim_I_all                  ? 
_reflns.pdbx_Rpim_I_all                  ? 
_reflns.pdbx_d_opt                       ? 
_reflns.pdbx_number_measured_all         ? 
_reflns.pdbx_diffrn_id                   1 
_reflns.pdbx_ordinal                     1 
_reflns.pdbx_CC_half                     ? 
_reflns.pdbx_R_split                     ? 
# 
_reflns_shell.d_res_high                  1.3 
_reflns_shell.d_res_low                   1.37 
_reflns_shell.meanI_over_sigI_all         ? 
_reflns_shell.meanI_over_sigI_obs         ? 
_reflns_shell.number_measured_all         ? 
_reflns_shell.number_measured_obs         ? 
_reflns_shell.number_possible             ? 
_reflns_shell.number_unique_all           ? 
_reflns_shell.number_unique_obs           ? 
_reflns_shell.percent_possible_all        ? 
_reflns_shell.percent_possible_obs        ? 
_reflns_shell.Rmerge_F_all                ? 
_reflns_shell.Rmerge_F_obs                ? 
_reflns_shell.Rmerge_I_all                ? 
_reflns_shell.Rmerge_I_obs                ? 
_reflns_shell.meanI_over_sigI_gt          ? 
_reflns_shell.meanI_over_uI_all           ? 
_reflns_shell.meanI_over_uI_gt            ? 
_reflns_shell.number_measured_gt          ? 
_reflns_shell.number_unique_gt            ? 
_reflns_shell.percent_possible_gt         ? 
_reflns_shell.Rmerge_F_gt                 ? 
_reflns_shell.Rmerge_I_gt                 ? 
_reflns_shell.pdbx_redundancy             ? 
_reflns_shell.pdbx_Rsym_value             ? 
_reflns_shell.pdbx_chi_squared            ? 
_reflns_shell.pdbx_netI_over_sigmaI_all   ? 
_reflns_shell.pdbx_netI_over_sigmaI_obs   ? 
_reflns_shell.pdbx_Rrim_I_all             ? 
_reflns_shell.pdbx_Rpim_I_all             ? 
_reflns_shell.pdbx_rejects                ? 
_reflns_shell.pdbx_ordinal                1 
_reflns_shell.pdbx_diffrn_id              1 
_reflns_shell.pdbx_CC_half                ? 
_reflns_shell.pdbx_R_split                ? 
# 
_refine.aniso_B[1][1]                            ? 
_refine.aniso_B[1][2]                            ? 
_refine.aniso_B[1][3]                            ? 
_refine.aniso_B[2][2]                            ? 
_refine.aniso_B[2][3]                            ? 
_refine.aniso_B[3][3]                            ? 
_refine.B_iso_max                                74.340 
_refine.B_iso_mean                               18.8336 
_refine.B_iso_min                                4.490 
_refine.correlation_coeff_Fo_to_Fc               ? 
_refine.correlation_coeff_Fo_to_Fc_free          ? 
_refine.details                                  ? 
_refine.diff_density_max                         ? 
_refine.diff_density_max_esd                     ? 
_refine.diff_density_min                         ? 
_refine.diff_density_min_esd                     ? 
_refine.diff_density_rms                         ? 
_refine.diff_density_rms_esd                     ? 
_refine.entry_id                                 6HB9 
_refine.pdbx_refine_id                           'X-RAY DIFFRACTION' 
_refine.ls_abs_structure_details                 ? 
_refine.ls_abs_structure_Flack                   ? 
_refine.ls_abs_structure_Flack_esd               ? 
_refine.ls_abs_structure_Rogers                  ? 
_refine.ls_abs_structure_Rogers_esd              ? 
_refine.ls_d_res_high                            1.3000 
_refine.ls_d_res_low                             33.3270 
_refine.ls_extinction_coef                       ? 
_refine.ls_extinction_coef_esd                   ? 
_refine.ls_extinction_expression                 ? 
_refine.ls_extinction_method                     ? 
_refine.ls_goodness_of_fit_all                   ? 
_refine.ls_goodness_of_fit_all_esd               ? 
_refine.ls_goodness_of_fit_obs                   ? 
_refine.ls_goodness_of_fit_obs_esd               ? 
_refine.ls_hydrogen_treatment                    ? 
_refine.ls_matrix_type                           ? 
_refine.ls_number_constraints                    ? 
_refine.ls_number_parameters                     ? 
_refine.ls_number_reflns_all                     ? 
_refine.ls_number_reflns_obs                     32909 
_refine.ls_number_reflns_R_free                  1666 
_refine.ls_number_reflns_R_work                  31243 
_refine.ls_number_restraints                     ? 
_refine.ls_percent_reflns_obs                    96.5000 
_refine.ls_percent_reflns_R_free                 5.0600 
_refine.ls_R_factor_all                          ? 
_refine.ls_R_factor_obs                          0.1911 
_refine.ls_R_factor_R_free                       0.2132 
_refine.ls_R_factor_R_free_error                 ? 
_refine.ls_R_factor_R_free_error_details         ? 
_refine.ls_R_factor_R_work                       0.1899 
_refine.ls_R_Fsqd_factor_obs                     ? 
_refine.ls_R_I_factor_obs                        ? 
_refine.ls_redundancy_reflns_all                 ? 
_refine.ls_redundancy_reflns_obs                 ? 
_refine.ls_restrained_S_all                      ? 
_refine.ls_restrained_S_obs                      ? 
_refine.ls_shift_over_esd_max                    ? 
_refine.ls_shift_over_esd_mean                   ? 
_refine.ls_structure_factor_coef                 ? 
_refine.ls_weighting_details                     ? 
_refine.ls_weighting_scheme                      ? 
_refine.ls_wR_factor_all                         ? 
_refine.ls_wR_factor_obs                         ? 
_refine.ls_wR_factor_R_free                      ? 
_refine.ls_wR_factor_R_work                      ? 
_refine.occupancy_max                            ? 
_refine.occupancy_min                            ? 
_refine.solvent_model_details                    'FLAT BULK SOLVENT MODEL' 
_refine.solvent_model_param_bsol                 ? 
_refine.solvent_model_param_ksol                 ? 
_refine.ls_R_factor_gt                           ? 
_refine.ls_goodness_of_fit_gt                    ? 
_refine.ls_goodness_of_fit_ref                   ? 
_refine.ls_shift_over_su_max                     ? 
_refine.ls_shift_over_su_max_lt                  ? 
_refine.ls_shift_over_su_mean                    ? 
_refine.ls_shift_over_su_mean_lt                 ? 
_refine.pdbx_ls_sigma_I                          ? 
_refine.pdbx_ls_sigma_F                          1.380 
_refine.pdbx_ls_sigma_Fsqd                       ? 
_refine.pdbx_data_cutoff_high_absF               ? 
_refine.pdbx_data_cutoff_high_rms_absF           ? 
_refine.pdbx_data_cutoff_low_absF                ? 
_refine.pdbx_isotropic_thermal_model             ? 
_refine.pdbx_ls_cross_valid_method               THROUGHOUT 
_refine.pdbx_method_to_determine_struct          ? 
_refine.pdbx_starting_model                      ? 
_refine.pdbx_stereochemistry_target_values       ML 
_refine.pdbx_R_Free_selection_details            ? 
_refine.pdbx_stereochem_target_val_spec_case     ? 
_refine.pdbx_overall_ESU_R                       ? 
_refine.pdbx_overall_ESU_R_Free                  ? 
_refine.pdbx_solvent_vdw_probe_radii             1.1100 
_refine.pdbx_solvent_ion_probe_radii             ? 
_refine.pdbx_solvent_shrinkage_radii             0.9000 
_refine.pdbx_real_space_R                        ? 
_refine.pdbx_density_correlation                 ? 
_refine.pdbx_pd_number_of_powder_patterns        ? 
_refine.pdbx_pd_number_of_points                 ? 
_refine.pdbx_pd_meas_number_of_points            ? 
_refine.pdbx_pd_proc_ls_prof_R_factor            ? 
_refine.pdbx_pd_proc_ls_prof_wR_factor           ? 
_refine.pdbx_pd_Marquardt_correlation_coeff      ? 
_refine.pdbx_pd_Fsqrd_R_factor                   ? 
_refine.pdbx_pd_ls_matrix_band_width             ? 
_refine.pdbx_overall_phase_error                 25.0500 
_refine.pdbx_overall_SU_R_free_Cruickshank_DPI   ? 
_refine.pdbx_overall_SU_R_free_Blow_DPI          ? 
_refine.pdbx_overall_SU_R_Blow_DPI               ? 
_refine.pdbx_TLS_residual_ADP_flag               ? 
_refine.pdbx_diffrn_id                           1 
_refine.overall_SU_B                             ? 
_refine.overall_SU_ML                            0.1300 
_refine.overall_SU_R_Cruickshank_DPI             ? 
_refine.overall_SU_R_free                        ? 
_refine.overall_FOM_free_R_set                   ? 
_refine.overall_FOM_work_R_set                   ? 
_refine.pdbx_average_fsc_overall                 ? 
_refine.pdbx_average_fsc_work                    ? 
_refine.pdbx_average_fsc_free                    ? 
# 
_refine_hist.cycle_id                         final 
_refine_hist.pdbx_refine_id                   'X-RAY DIFFRACTION' 
_refine_hist.d_res_high                       1.3000 
_refine_hist.d_res_low                        33.3270 
_refine_hist.pdbx_number_atoms_ligand         0 
_refine_hist.number_atoms_solvent             137 
_refine_hist.number_atoms_total               1207 
_refine_hist.pdbx_number_residues_total       129 
_refine_hist.pdbx_B_iso_mean_solvent          29.71 
_refine_hist.pdbx_number_atoms_protein        1070 
_refine_hist.pdbx_number_atoms_nucleic_acid   0 
# 
loop_
_refine_ls_restr.pdbx_refine_id 
_refine_ls_restr.criterion 
_refine_ls_restr.dev_ideal 
_refine_ls_restr.dev_ideal_target 
_refine_ls_restr.number 
_refine_ls_restr.rejects 
_refine_ls_restr.type 
_refine_ls_restr.weight 
_refine_ls_restr.pdbx_restraint_function 
'X-RAY DIFFRACTION' ? 0.008  ? 1123 ? f_bond_d           ? ? 
'X-RAY DIFFRACTION' ? 1.111  ? 1519 ? f_angle_d          ? ? 
'X-RAY DIFFRACTION' ? 0.050  ? 156  ? f_chiral_restr     ? ? 
'X-RAY DIFFRACTION' ? 0.006  ? 198  ? f_plane_restr      ? ? 
'X-RAY DIFFRACTION' ? 13.395 ? 426  ? f_dihedral_angle_d ? ? 
# 
loop_
_refine_ls_shell.pdbx_refine_id 
_refine_ls_shell.d_res_high 
_refine_ls_shell.d_res_low 
_refine_ls_shell.number_reflns_all 
_refine_ls_shell.number_reflns_obs 
_refine_ls_shell.number_reflns_R_free 
_refine_ls_shell.number_reflns_R_work 
_refine_ls_shell.percent_reflns_obs 
_refine_ls_shell.percent_reflns_R_free 
_refine_ls_shell.R_factor_all 
_refine_ls_shell.R_factor_obs 
_refine_ls_shell.R_factor_R_free 
_refine_ls_shell.R_factor_R_free_error 
_refine_ls_shell.R_factor_R_work 
_refine_ls_shell.redundancy_reflns_all 
_refine_ls_shell.redundancy_reflns_obs 
_refine_ls_shell.wR_factor_all 
_refine_ls_shell.wR_factor_obs 
_refine_ls_shell.wR_factor_R_free 
_refine_ls_shell.wR_factor_R_work 
_refine_ls_shell.pdbx_total_number_of_bins_used 
_refine_ls_shell.pdbx_phase_error 
_refine_ls_shell.pdbx_fsc_work 
_refine_ls_shell.pdbx_fsc_free 
'X-RAY DIFFRACTION' 1.3000 1.3383  2550 . 112 2438 91.0000 . . . 0.3001 0.0000 0.2796 . . . . . . 12 . . . 
'X-RAY DIFFRACTION' 1.3383 1.3815  2590 . 141 2449 93.0000 . . . 0.2960 0.0000 0.2755 . . . . . . 12 . . . 
'X-RAY DIFFRACTION' 1.3815 1.4308  2665 . 127 2538 94.0000 . . . 0.2681 0.0000 0.2825 . . . . . . 12 . . . 
'X-RAY DIFFRACTION' 1.4308 1.4881  2667 . 130 2537 94.0000 . . . 0.2952 0.0000 0.2815 . . . . . . 12 . . . 
'X-RAY DIFFRACTION' 1.4881 1.5558  2733 . 121 2612 97.0000 . . . 0.2615 0.0000 0.2478 . . . . . . 12 . . . 
'X-RAY DIFFRACTION' 1.5558 1.6379  2791 . 149 2642 98.0000 . . . 0.2138 0.0000 0.1897 . . . . . . 12 . . . 
'X-RAY DIFFRACTION' 1.6379 1.7405  2778 . 144 2634 98.0000 . . . 0.2064 0.0000 0.1849 . . . . . . 12 . . . 
'X-RAY DIFFRACTION' 1.7405 1.8749  2810 . 150 2660 99.0000 . . . 0.2308 0.0000 0.1777 . . . . . . 12 . . . 
'X-RAY DIFFRACTION' 1.8749 2.0635  2827 . 141 2686 99.0000 . . . 0.1795 0.0000 0.1681 . . . . . . 12 . . . 
'X-RAY DIFFRACTION' 2.0635 2.3620  2792 . 141 2651 98.0000 . . . 0.1995 0.0000 0.1733 . . . . . . 12 . . . 
'X-RAY DIFFRACTION' 2.3620 2.9756  2851 . 151 2700 99.0000 . . . 0.1791 0.0000 0.1956 . . . . . . 12 . . . 
'X-RAY DIFFRACTION' 2.9756 33.3383 2855 . 159 2696 98.0000 . . . 0.2097 0.0000 0.1613 . . . . . . 12 . . . 
# 
_struct.entry_id                     6HB9 
_struct.title                        'Crystal structure of the GABARAP in complex with the UBA5 LIR motif' 
_struct.pdbx_model_details           ? 
_struct.pdbx_formula_weight          ? 
_struct.pdbx_formula_weight_method   ? 
_struct.pdbx_model_type_details      ? 
_struct.pdbx_CASP_flag               N 
# 
_struct_keywords.entry_id        6HB9 
_struct_keywords.text            'GABARAP, UBA5 LIR motif, complex, SIGNALING PROTEIN' 
_struct_keywords.pdbx_keywords   'SIGNALING PROTEIN' 
# 
loop_
_struct_asym.id 
_struct_asym.pdbx_blank_PDB_chainid_flag 
_struct_asym.pdbx_modified 
_struct_asym.entity_id 
_struct_asym.details 
A N N 1 ? 
B N N 2 ? 
# 
_struct_ref.id                         1 
_struct_ref.db_name                    UNP 
_struct_ref.db_code                    GBRAP_HUMAN 
_struct_ref.pdbx_db_accession          O95166 
_struct_ref.pdbx_db_isoform            ? 
_struct_ref.entity_id                  1 
_struct_ref.pdbx_seq_one_letter_code   
;FVYKEEHPFEKRRSEGEKIRKKYPDRVPVIVEKAPKARIGDLDKKKYLVPSDLTVGQFYFLIRKRIHLRAEDALFFFVNN
VIPPTSATMGQLYQEHHEEDFFLYIAYSDESVYG
;
_struct_ref.pdbx_align_begin           3 
# 
_struct_ref_seq.align_id                      1 
_struct_ref_seq.ref_id                        1 
_struct_ref_seq.pdbx_PDB_id_code              6HB9 
_struct_ref_seq.pdbx_strand_id                A 
_struct_ref_seq.seq_align_beg                 16 
_struct_ref_seq.pdbx_seq_align_beg_ins_code   ? 
_struct_ref_seq.seq_align_end                 129 
_struct_ref_seq.pdbx_seq_align_end_ins_code   ? 
_struct_ref_seq.pdbx_db_accession             O95166 
_struct_ref_seq.db_align_beg                  3 
_struct_ref_seq.pdbx_db_align_beg_ins_code    ? 
_struct_ref_seq.db_align_end                  116 
_struct_ref_seq.pdbx_db_align_end_ins_code    ? 
_struct_ref_seq.pdbx_auth_seq_align_beg       3 
_struct_ref_seq.pdbx_auth_seq_align_end       116 
# 
loop_
_struct_ref_seq_dif.align_id 
_struct_ref_seq_dif.pdbx_pdb_id_code 
_struct_ref_seq_dif.mon_id 
_struct_ref_seq_dif.pdbx_pdb_strand_id 
_struct_ref_seq_dif.seq_num 
_struct_ref_seq_dif.pdbx_pdb_ins_code 
_struct_ref_seq_dif.pdbx_seq_db_name 
_struct_ref_seq_dif.pdbx_seq_db_accession_code 
_struct_ref_seq_dif.db_mon_id 
_struct_ref_seq_dif.pdbx_seq_db_seq_num 
_struct_ref_seq_dif.details 
_struct_ref_seq_dif.pdbx_auth_seq_num 
_struct_ref_seq_dif.pdbx_ordinal 
1 6HB9 GLU A 1  ? UNP O95166 ? ? 'expression tag' -12 1  
1 6HB9 TRP A 2  ? UNP O95166 ? ? 'expression tag' -11 2  
1 6HB9 GLY A 3  ? UNP O95166 ? ? 'expression tag' -10 3  
1 6HB9 ILE A 4  ? UNP O95166 ? ? 'expression tag' -9  4  
1 6HB9 GLU A 5  ? UNP O95166 ? ? 'expression tag' -8  5  
1 6HB9 LEU A 6  ? UNP O95166 ? ? 'expression tag' -7  6  
1 6HB9 VAL A 7  ? UNP O95166 ? ? 'expression tag' -6  7  
1 6HB9 SER A 8  ? UNP O95166 ? ? 'expression tag' -5  8  
1 6HB9 GLU A 9  ? UNP O95166 ? ? 'expression tag' -4  9  
1 6HB9 VAL A 10 ? UNP O95166 ? ? 'expression tag' -3  10 
1 6HB9 SER A 11 ? UNP O95166 ? ? 'expression tag' -2  11 
1 6HB9 GLU A 12 ? UNP O95166 ? ? 'expression tag' -1  12 
1 6HB9 ALA A 13 ? UNP O95166 ? ? 'expression tag' 0   13 
1 6HB9 MET A 14 ? UNP O95166 ? ? 'expression tag' 1   14 
1 6HB9 GLY A 15 ? UNP O95166 ? ? 'expression tag' 2   15 
# 
_pdbx_struct_assembly.id                   1 
_pdbx_struct_assembly.details              software_defined_assembly 
_pdbx_struct_assembly.method_details       PISA 
_pdbx_struct_assembly.oligomeric_details   monomeric 
_pdbx_struct_assembly.oligomeric_count     1 
# 
loop_
_pdbx_struct_assembly_prop.biol_id 
_pdbx_struct_assembly_prop.type 
_pdbx_struct_assembly_prop.value 
_pdbx_struct_assembly_prop.details 
1 'ABSA (A^2)' 0    ? 
1 MORE         0    ? 
1 'SSA (A^2)'  7990 ? 
# 
_pdbx_struct_assembly_gen.assembly_id       1 
_pdbx_struct_assembly_gen.oper_expression   1 
_pdbx_struct_assembly_gen.asym_id_list      A,B 
# 
_pdbx_struct_assembly_auth_evidence.id                     1 
_pdbx_struct_assembly_auth_evidence.assembly_id            1 
_pdbx_struct_assembly_auth_evidence.experimental_support   'isothermal titration calorimetry' 
_pdbx_struct_assembly_auth_evidence.details                ? 
# 
_pdbx_struct_oper_list.id                   1 
_pdbx_struct_oper_list.type                 'identity operation' 
_pdbx_struct_oper_list.name                 1_555 
_pdbx_struct_oper_list.symmetry_operation   x,y,z 
_pdbx_struct_oper_list.matrix[1][1]         1.0000000000 
_pdbx_struct_oper_list.matrix[1][2]         0.0000000000 
_pdbx_struct_oper_list.matrix[1][3]         0.0000000000 
_pdbx_struct_oper_list.vector[1]            0.0000000000 
_pdbx_struct_oper_list.matrix[2][1]         0.0000000000 
_pdbx_struct_oper_list.matrix[2][2]         1.0000000000 
_pdbx_struct_oper_list.matrix[2][3]         0.0000000000 
_pdbx_struct_oper_list.vector[2]            0.0000000000 
_pdbx_struct_oper_list.matrix[3][1]         0.0000000000 
_pdbx_struct_oper_list.matrix[3][2]         0.0000000000 
_pdbx_struct_oper_list.matrix[3][3]         1.0000000000 
_pdbx_struct_oper_list.vector[3]            0.0000000000 
# 
loop_
_struct_conf.conf_type_id 
_struct_conf.id 
_struct_conf.pdbx_PDB_helix_id 
_struct_conf.beg_label_comp_id 
_struct_conf.beg_label_asym_id 
_struct_conf.beg_label_seq_id 
_struct_conf.pdbx_beg_PDB_ins_code 
_struct_conf.end_label_comp_id 
_struct_conf.end_label_asym_id 
_struct_conf.end_label_seq_id 
_struct_conf.pdbx_end_PDB_ins_code 
_struct_conf.beg_auth_comp_id 
_struct_conf.beg_auth_asym_id 
_struct_conf.beg_auth_seq_id 
_struct_conf.end_auth_comp_id 
_struct_conf.end_auth_asym_id 
_struct_conf.end_auth_seq_id 
_struct_conf.pdbx_PDB_helix_class 
_struct_conf.details 
_struct_conf.pdbx_PDB_helix_length 
HELX_P HELX_P1 AA1 PHE A 16  ? HIS A 22  ? PHE A 3  HIS A 9  1 ? 7  
HELX_P HELX_P2 AA2 PRO A 23  ? TYR A 38  ? PRO A 10 TYR A 25 1 ? 16 
HELX_P HELX_P3 AA3 THR A 69  ? ILE A 81  ? THR A 56 ILE A 68 1 ? 13 
HELX_P HELX_P4 AA4 THR A 103 ? HIS A 112 ? THR A 90 HIS A 99 1 ? 10 
# 
_struct_conf_type.id          HELX_P 
_struct_conf_type.criteria    ? 
_struct_conf_type.reference   ? 
# 
_struct_sheet.id               AA1 
_struct_sheet.type             ? 
_struct_sheet.number_strands   4 
_struct_sheet.details          ? 
# 
loop_
_struct_sheet_order.sheet_id 
_struct_sheet_order.range_id_1 
_struct_sheet_order.range_id_2 
_struct_sheet_order.offset 
_struct_sheet_order.sense 
AA1 1 2 ? anti-parallel 
AA1 2 3 ? parallel      
AA1 3 4 ? anti-parallel 
# 
loop_
_struct_sheet_range.sheet_id 
_struct_sheet_range.id 
_struct_sheet_range.beg_label_comp_id 
_struct_sheet_range.beg_label_asym_id 
_struct_sheet_range.beg_label_seq_id 
_struct_sheet_range.pdbx_beg_PDB_ins_code 
_struct_sheet_range.end_label_comp_id 
_struct_sheet_range.end_label_asym_id 
_struct_sheet_range.end_label_seq_id 
_struct_sheet_range.pdbx_end_PDB_ins_code 
_struct_sheet_range.beg_auth_comp_id 
_struct_sheet_range.beg_auth_asym_id 
_struct_sheet_range.beg_auth_seq_id 
_struct_sheet_range.end_auth_comp_id 
_struct_sheet_range.end_auth_asym_id 
_struct_sheet_range.end_auth_seq_id 
AA1 1 TYR A 62  ? PRO A 65  ? TYR A 49  PRO A 52  
AA1 2 ARG A 41  ? LYS A 48  ? ARG A 28  LYS A 35  
AA1 3 LEU A 118 ? SER A 123 ? LEU A 105 SER A 110 
AA1 4 PHE A 90  ? PHE A 92  ? PHE A 77  PHE A 79  
# 
loop_
_pdbx_struct_sheet_hbond.sheet_id 
_pdbx_struct_sheet_hbond.range_id_1 
_pdbx_struct_sheet_hbond.range_id_2 
_pdbx_struct_sheet_hbond.range_1_label_atom_id 
_pdbx_struct_sheet_hbond.range_1_label_comp_id 
_pdbx_struct_sheet_hbond.range_1_label_asym_id 
_pdbx_struct_sheet_hbond.range_1_label_seq_id 
_pdbx_struct_sheet_hbond.range_1_PDB_ins_code 
_pdbx_struct_sheet_hbond.range_1_auth_atom_id 
_pdbx_struct_sheet_hbond.range_1_auth_comp_id 
_pdbx_struct_sheet_hbond.range_1_auth_asym_id 
_pdbx_struct_sheet_hbond.range_1_auth_seq_id 
_pdbx_struct_sheet_hbond.range_2_label_atom_id 
_pdbx_struct_sheet_hbond.range_2_label_comp_id 
_pdbx_struct_sheet_hbond.range_2_label_asym_id 
_pdbx_struct_sheet_hbond.range_2_label_seq_id 
_pdbx_struct_sheet_hbond.range_2_PDB_ins_code 
_pdbx_struct_sheet_hbond.range_2_auth_atom_id 
_pdbx_struct_sheet_hbond.range_2_auth_comp_id 
_pdbx_struct_sheet_hbond.range_2_auth_asym_id 
_pdbx_struct_sheet_hbond.range_2_auth_seq_id 
AA1 1 2 O VAL A 64  ? O VAL A 51  N VAL A 42  ? N VAL A 29  
AA1 2 3 N ILE A 45  ? N ILE A 32  O LEU A 118 ? O LEU A 105 
AA1 3 4 O SER A 123 ? O SER A 110 N PHE A 90  ? N PHE A 77  
# 
loop_
_pdbx_validate_close_contact.id 
_pdbx_validate_close_contact.PDB_model_num 
_pdbx_validate_close_contact.auth_atom_id_1 
_pdbx_validate_close_contact.auth_asym_id_1 
_pdbx_validate_close_contact.auth_comp_id_1 
_pdbx_validate_close_contact.auth_seq_id_1 
_pdbx_validate_close_contact.PDB_ins_code_1 
_pdbx_validate_close_contact.label_alt_id_1 
_pdbx_validate_close_contact.auth_atom_id_2 
_pdbx_validate_close_contact.auth_asym_id_2 
_pdbx_validate_close_contact.auth_comp_id_2 
_pdbx_validate_close_contact.auth_seq_id_2 
_pdbx_validate_close_contact.PDB_ins_code_2 
_pdbx_validate_close_contact.label_alt_id_2 
_pdbx_validate_close_contact.dist 
1  1 OD1 A ASP 27  ? ? O A HOH 201 ? ? 1.89 
2  1 O   A HOH 215 ? ? O A HOH 274 ? ? 2.02 
3  1 O   A HOH 204 ? ? O A HOH 284 ? ? 2.03 
4  1 O   A HOH 204 ? ? O A HOH 228 ? ? 2.12 
5  1 O   A HOH 290 ? ? O A HOH 306 ? ? 2.12 
6  1 OD2 A ASP 111 ? ? O A HOH 202 ? ? 2.13 
7  1 O   A HOH 204 ? ? O A HOH 256 ? ? 2.15 
8  1 O   A HOH 233 ? ? O A HOH 269 ? ? 2.16 
9  1 NZ  A LYS 66  ? ? O A HOH 203 ? ? 2.18 
10 1 NE2 A HIS 99  ? ? O A HOH 204 ? ? 2.19 
# 
loop_
_pdbx_validate_symm_contact.id 
_pdbx_validate_symm_contact.PDB_model_num 
_pdbx_validate_symm_contact.auth_atom_id_1 
_pdbx_validate_symm_contact.auth_asym_id_1 
_pdbx_validate_symm_contact.auth_comp_id_1 
_pdbx_validate_symm_contact.auth_seq_id_1 
_pdbx_validate_symm_contact.PDB_ins_code_1 
_pdbx_validate_symm_contact.label_alt_id_1 
_pdbx_validate_symm_contact.site_symmetry_1 
_pdbx_validate_symm_contact.auth_atom_id_2 
_pdbx_validate_symm_contact.auth_asym_id_2 
_pdbx_validate_symm_contact.auth_comp_id_2 
_pdbx_validate_symm_contact.auth_seq_id_2 
_pdbx_validate_symm_contact.PDB_ins_code_2 
_pdbx_validate_symm_contact.label_alt_id_2 
_pdbx_validate_symm_contact.site_symmetry_2 
_pdbx_validate_symm_contact.dist 
1 1 O A HOH 289 ? ? 1_555 O A HOH 303 ? ? 1_455 1.99 
2 1 O A HOH 204 ? ? 1_555 O A HOH 264 ? ? 1_655 2.07 
# 
_pdbx_validate_torsion.id              1 
_pdbx_validate_torsion.PDB_model_num   1 
_pdbx_validate_torsion.auth_comp_id    ARG 
_pdbx_validate_torsion.auth_asym_id    A 
_pdbx_validate_torsion.auth_seq_id     40 
_pdbx_validate_torsion.PDB_ins_code    ? 
_pdbx_validate_torsion.label_alt_id    ? 
_pdbx_validate_torsion.phi             -103.11 
_pdbx_validate_torsion.psi             59.91 
# 
loop_
_chem_comp_atom.comp_id 
_chem_comp_atom.atom_id 
_chem_comp_atom.type_symbol 
_chem_comp_atom.pdbx_aromatic_flag 
_chem_comp_atom.pdbx_stereo_config 
_chem_comp_atom.pdbx_ordinal 
ALA N    N N N 1   
ALA CA   C N S 2   
ALA C    C N N 3   
ALA O    O N N 4   
ALA CB   C N N 5   
ALA OXT  O N N 6   
ALA H    H N N 7   
ALA H2   H N N 8   
ALA HA   H N N 9   
ALA HB1  H N N 10  
ALA HB2  H N N 11  
ALA HB3  H N N 12  
ALA HXT  H N N 13  
ARG N    N N N 14  
ARG CA   C N S 15  
ARG C    C N N 16  
ARG O    O N N 17  
ARG CB   C N N 18  
ARG CG   C N N 19  
ARG CD   C N N 20  
ARG NE   N N N 21  
ARG CZ   C N N 22  
ARG NH1  N N N 23  
ARG NH2  N N N 24  
ARG OXT  O N N 25  
ARG H    H N N 26  
ARG H2   H N N 27  
ARG HA   H N N 28  
ARG HB2  H N N 29  
ARG HB3  H N N 30  
ARG HG2  H N N 31  
ARG HG3  H N N 32  
ARG HD2  H N N 33  
ARG HD3  H N N 34  
ARG HE   H N N 35  
ARG HH11 H N N 36  
ARG HH12 H N N 37  
ARG HH21 H N N 38  
ARG HH22 H N N 39  
ARG HXT  H N N 40  
ASN N    N N N 41  
ASN CA   C N S 42  
ASN C    C N N 43  
ASN O    O N N 44  
ASN CB   C N N 45  
ASN CG   C N N 46  
ASN OD1  O N N 47  
ASN ND2  N N N 48  
ASN OXT  O N N 49  
ASN H    H N N 50  
ASN H2   H N N 51  
ASN HA   H N N 52  
ASN HB2  H N N 53  
ASN HB3  H N N 54  
ASN HD21 H N N 55  
ASN HD22 H N N 56  
ASN HXT  H N N 57  
ASP N    N N N 58  
ASP CA   C N S 59  
ASP C    C N N 60  
ASP O    O N N 61  
ASP CB   C N N 62  
ASP CG   C N N 63  
ASP OD1  O N N 64  
ASP OD2  O N N 65  
ASP OXT  O N N 66  
ASP H    H N N 67  
ASP H2   H N N 68  
ASP HA   H N N 69  
ASP HB2  H N N 70  
ASP HB3  H N N 71  
ASP HD2  H N N 72  
ASP HXT  H N N 73  
GLN N    N N N 74  
GLN CA   C N S 75  
GLN C    C N N 76  
GLN O    O N N 77  
GLN CB   C N N 78  
GLN CG   C N N 79  
GLN CD   C N N 80  
GLN OE1  O N N 81  
GLN NE2  N N N 82  
GLN OXT  O N N 83  
GLN H    H N N 84  
GLN H2   H N N 85  
GLN HA   H N N 86  
GLN HB2  H N N 87  
GLN HB3  H N N 88  
GLN HG2  H N N 89  
GLN HG3  H N N 90  
GLN HE21 H N N 91  
GLN HE22 H N N 92  
GLN HXT  H N N 93  
GLU N    N N N 94  
GLU CA   C N S 95  
GLU C    C N N 96  
GLU O    O N N 97  
GLU CB   C N N 98  
GLU CG   C N N 99  
GLU CD   C N N 100 
GLU OE1  O N N 101 
GLU OE2  O N N 102 
GLU OXT  O N N 103 
GLU H    H N N 104 
GLU H2   H N N 105 
GLU HA   H N N 106 
GLU HB2  H N N 107 
GLU HB3  H N N 108 
GLU HG2  H N N 109 
GLU HG3  H N N 110 
GLU HE2  H N N 111 
GLU HXT  H N N 112 
GLY N    N N N 113 
GLY CA   C N N 114 
GLY C    C N N 115 
GLY O    O N N 116 
GLY OXT  O N N 117 
GLY H    H N N 118 
GLY H2   H N N 119 
GLY HA2  H N N 120 
GLY HA3  H N N 121 
GLY HXT  H N N 122 
HIS N    N N N 123 
HIS CA   C N S 124 
HIS C    C N N 125 
HIS O    O N N 126 
HIS CB   C N N 127 
HIS CG   C Y N 128 
HIS ND1  N Y N 129 
HIS CD2  C Y N 130 
HIS CE1  C Y N 131 
HIS NE2  N Y N 132 
HIS OXT  O N N 133 
HIS H    H N N 134 
HIS H2   H N N 135 
HIS HA   H N N 136 
HIS HB2  H N N 137 
HIS HB3  H N N 138 
HIS HD1  H N N 139 
HIS HD2  H N N 140 
HIS HE1  H N N 141 
HIS HE2  H N N 142 
HIS HXT  H N N 143 
HOH O    O N N 144 
HOH H1   H N N 145 
HOH H2   H N N 146 
ILE N    N N N 147 
ILE CA   C N S 148 
ILE C    C N N 149 
ILE O    O N N 150 
ILE CB   C N S 151 
ILE CG1  C N N 152 
ILE CG2  C N N 153 
ILE CD1  C N N 154 
ILE OXT  O N N 155 
ILE H    H N N 156 
ILE H2   H N N 157 
ILE HA   H N N 158 
ILE HB   H N N 159 
ILE HG12 H N N 160 
ILE HG13 H N N 161 
ILE HG21 H N N 162 
ILE HG22 H N N 163 
ILE HG23 H N N 164 
ILE HD11 H N N 165 
ILE HD12 H N N 166 
ILE HD13 H N N 167 
ILE HXT  H N N 168 
LEU N    N N N 169 
LEU CA   C N S 170 
LEU C    C N N 171 
LEU O    O N N 172 
LEU CB   C N N 173 
LEU CG   C N N 174 
LEU CD1  C N N 175 
LEU CD2  C N N 176 
LEU OXT  O N N 177 
LEU H    H N N 178 
LEU H2   H N N 179 
LEU HA   H N N 180 
LEU HB2  H N N 181 
LEU HB3  H N N 182 
LEU HG   H N N 183 
LEU HD11 H N N 184 
LEU HD12 H N N 185 
LEU HD13 H N N 186 
LEU HD21 H N N 187 
LEU HD22 H N N 188 
LEU HD23 H N N 189 
LEU HXT  H N N 190 
LYS N    N N N 191 
LYS CA   C N S 192 
LYS C    C N N 193 
LYS O    O N N 194 
LYS CB   C N N 195 
LYS CG   C N N 196 
LYS CD   C N N 197 
LYS CE   C N N 198 
LYS NZ   N N N 199 
LYS OXT  O N N 200 
LYS H    H N N 201 
LYS H2   H N N 202 
LYS HA   H N N 203 
LYS HB2  H N N 204 
LYS HB3  H N N 205 
LYS HG2  H N N 206 
LYS HG3  H N N 207 
LYS HD2  H N N 208 
LYS HD3  H N N 209 
LYS HE2  H N N 210 
LYS HE3  H N N 211 
LYS HZ1  H N N 212 
LYS HZ2  H N N 213 
LYS HZ3  H N N 214 
LYS HXT  H N N 215 
MET N    N N N 216 
MET CA   C N S 217 
MET C    C N N 218 
MET O    O N N 219 
MET CB   C N N 220 
MET CG   C N N 221 
MET SD   S N N 222 
MET CE   C N N 223 
MET OXT  O N N 224 
MET H    H N N 225 
MET H2   H N N 226 
MET HA   H N N 227 
MET HB2  H N N 228 
MET HB3  H N N 229 
MET HG2  H N N 230 
MET HG3  H N N 231 
MET HE1  H N N 232 
MET HE2  H N N 233 
MET HE3  H N N 234 
MET HXT  H N N 235 
PHE N    N N N 236 
PHE CA   C N S 237 
PHE C    C N N 238 
PHE O    O N N 239 
PHE CB   C N N 240 
PHE CG   C Y N 241 
PHE CD1  C Y N 242 
PHE CD2  C Y N 243 
PHE CE1  C Y N 244 
PHE CE2  C Y N 245 
PHE CZ   C Y N 246 
PHE OXT  O N N 247 
PHE H    H N N 248 
PHE H2   H N N 249 
PHE HA   H N N 250 
PHE HB2  H N N 251 
PHE HB3  H N N 252 
PHE HD1  H N N 253 
PHE HD2  H N N 254 
PHE HE1  H N N 255 
PHE HE2  H N N 256 
PHE HZ   H N N 257 
PHE HXT  H N N 258 
PRO N    N N N 259 
PRO CA   C N S 260 
PRO C    C N N 261 
PRO O    O N N 262 
PRO CB   C N N 263 
PRO CG   C N N 264 
PRO CD   C N N 265 
PRO OXT  O N N 266 
PRO H    H N N 267 
PRO HA   H N N 268 
PRO HB2  H N N 269 
PRO HB3  H N N 270 
PRO HG2  H N N 271 
PRO HG3  H N N 272 
PRO HD2  H N N 273 
PRO HD3  H N N 274 
PRO HXT  H N N 275 
SER N    N N N 276 
SER CA   C N S 277 
SER C    C N N 278 
SER O    O N N 279 
SER CB   C N N 280 
SER OG   O N N 281 
SER OXT  O N N 282 
SER H    H N N 283 
SER H2   H N N 284 
SER HA   H N N 285 
SER HB2  H N N 286 
SER HB3  H N N 287 
SER HG   H N N 288 
SER HXT  H N N 289 
THR N    N N N 290 
THR CA   C N S 291 
THR C    C N N 292 
THR O    O N N 293 
THR CB   C N R 294 
THR OG1  O N N 295 
THR CG2  C N N 296 
THR OXT  O N N 297 
THR H    H N N 298 
THR H2   H N N 299 
THR HA   H N N 300 
THR HB   H N N 301 
THR HG1  H N N 302 
THR HG21 H N N 303 
THR HG22 H N N 304 
THR HG23 H N N 305 
THR HXT  H N N 306 
TRP N    N N N 307 
TRP CA   C N S 308 
TRP C    C N N 309 
TRP O    O N N 310 
TRP CB   C N N 311 
TRP CG   C Y N 312 
TRP CD1  C Y N 313 
TRP CD2  C Y N 314 
TRP NE1  N Y N 315 
TRP CE2  C Y N 316 
TRP CE3  C Y N 317 
TRP CZ2  C Y N 318 
TRP CZ3  C Y N 319 
TRP CH2  C Y N 320 
TRP OXT  O N N 321 
TRP H    H N N 322 
TRP H2   H N N 323 
TRP HA   H N N 324 
TRP HB2  H N N 325 
TRP HB3  H N N 326 
TRP HD1  H N N 327 
TRP HE1  H N N 328 
TRP HE3  H N N 329 
TRP HZ2  H N N 330 
TRP HZ3  H N N 331 
TRP HH2  H N N 332 
TRP HXT  H N N 333 
TYR N    N N N 334 
TYR CA   C N S 335 
TYR C    C N N 336 
TYR O    O N N 337 
TYR CB   C N N 338 
TYR CG   C Y N 339 
TYR CD1  C Y N 340 
TYR CD2  C Y N 341 
TYR CE1  C Y N 342 
TYR CE2  C Y N 343 
TYR CZ   C Y N 344 
TYR OH   O N N 345 
TYR OXT  O N N 346 
TYR H    H N N 347 
TYR H2   H N N 348 
TYR HA   H N N 349 
TYR HB2  H N N 350 
TYR HB3  H N N 351 
TYR HD1  H N N 352 
TYR HD2  H N N 353 
TYR HE1  H N N 354 
TYR HE2  H N N 355 
TYR HH   H N N 356 
TYR HXT  H N N 357 
VAL N    N N N 358 
VAL CA   C N S 359 
VAL C    C N N 360 
VAL O    O N N 361 
VAL CB   C N N 362 
VAL CG1  C N N 363 
VAL CG2  C N N 364 
VAL OXT  O N N 365 
VAL H    H N N 366 
VAL H2   H N N 367 
VAL HA   H N N 368 
VAL HB   H N N 369 
VAL HG11 H N N 370 
VAL HG12 H N N 371 
VAL HG13 H N N 372 
VAL HG21 H N N 373 
VAL HG22 H N N 374 
VAL HG23 H N N 375 
VAL HXT  H N N 376 
# 
loop_
_chem_comp_bond.comp_id 
_chem_comp_bond.atom_id_1 
_chem_comp_bond.atom_id_2 
_chem_comp_bond.value_order 
_chem_comp_bond.pdbx_aromatic_flag 
_chem_comp_bond.pdbx_stereo_config 
_chem_comp_bond.pdbx_ordinal 
ALA N   CA   sing N N 1   
ALA N   H    sing N N 2   
ALA N   H2   sing N N 3   
ALA CA  C    sing N N 4   
ALA CA  CB   sing N N 5   
ALA CA  HA   sing N N 6   
ALA C   O    doub N N 7   
ALA C   OXT  sing N N 8   
ALA CB  HB1  sing N N 9   
ALA CB  HB2  sing N N 10  
ALA CB  HB3  sing N N 11  
ALA OXT HXT  sing N N 12  
ARG N   CA   sing N N 13  
ARG N   H    sing N N 14  
ARG N   H2   sing N N 15  
ARG CA  C    sing N N 16  
ARG CA  CB   sing N N 17  
ARG CA  HA   sing N N 18  
ARG C   O    doub N N 19  
ARG C   OXT  sing N N 20  
ARG CB  CG   sing N N 21  
ARG CB  HB2  sing N N 22  
ARG CB  HB3  sing N N 23  
ARG CG  CD   sing N N 24  
ARG CG  HG2  sing N N 25  
ARG CG  HG3  sing N N 26  
ARG CD  NE   sing N N 27  
ARG CD  HD2  sing N N 28  
ARG CD  HD3  sing N N 29  
ARG NE  CZ   sing N N 30  
ARG NE  HE   sing N N 31  
ARG CZ  NH1  sing N N 32  
ARG CZ  NH2  doub N N 33  
ARG NH1 HH11 sing N N 34  
ARG NH1 HH12 sing N N 35  
ARG NH2 HH21 sing N N 36  
ARG NH2 HH22 sing N N 37  
ARG OXT HXT  sing N N 38  
ASN N   CA   sing N N 39  
ASN N   H    sing N N 40  
ASN N   H2   sing N N 41  
ASN CA  C    sing N N 42  
ASN CA  CB   sing N N 43  
ASN CA  HA   sing N N 44  
ASN C   O    doub N N 45  
ASN C   OXT  sing N N 46  
ASN CB  CG   sing N N 47  
ASN CB  HB2  sing N N 48  
ASN CB  HB3  sing N N 49  
ASN CG  OD1  doub N N 50  
ASN CG  ND2  sing N N 51  
ASN ND2 HD21 sing N N 52  
ASN ND2 HD22 sing N N 53  
ASN OXT HXT  sing N N 54  
ASP N   CA   sing N N 55  
ASP N   H    sing N N 56  
ASP N   H2   sing N N 57  
ASP CA  C    sing N N 58  
ASP CA  CB   sing N N 59  
ASP CA  HA   sing N N 60  
ASP C   O    doub N N 61  
ASP C   OXT  sing N N 62  
ASP CB  CG   sing N N 63  
ASP CB  HB2  sing N N 64  
ASP CB  HB3  sing N N 65  
ASP CG  OD1  doub N N 66  
ASP CG  OD2  sing N N 67  
ASP OD2 HD2  sing N N 68  
ASP OXT HXT  sing N N 69  
GLN N   CA   sing N N 70  
GLN N   H    sing N N 71  
GLN N   H2   sing N N 72  
GLN CA  C    sing N N 73  
GLN CA  CB   sing N N 74  
GLN CA  HA   sing N N 75  
GLN C   O    doub N N 76  
GLN C   OXT  sing N N 77  
GLN CB  CG   sing N N 78  
GLN CB  HB2  sing N N 79  
GLN CB  HB3  sing N N 80  
GLN CG  CD   sing N N 81  
GLN CG  HG2  sing N N 82  
GLN CG  HG3  sing N N 83  
GLN CD  OE1  doub N N 84  
GLN CD  NE2  sing N N 85  
GLN NE2 HE21 sing N N 86  
GLN NE2 HE22 sing N N 87  
GLN OXT HXT  sing N N 88  
GLU N   CA   sing N N 89  
GLU N   H    sing N N 90  
GLU N   H2   sing N N 91  
GLU CA  C    sing N N 92  
GLU CA  CB   sing N N 93  
GLU CA  HA   sing N N 94  
GLU C   O    doub N N 95  
GLU C   OXT  sing N N 96  
GLU CB  CG   sing N N 97  
GLU CB  HB2  sing N N 98  
GLU CB  HB3  sing N N 99  
GLU CG  CD   sing N N 100 
GLU CG  HG2  sing N N 101 
GLU CG  HG3  sing N N 102 
GLU CD  OE1  doub N N 103 
GLU CD  OE2  sing N N 104 
GLU OE2 HE2  sing N N 105 
GLU OXT HXT  sing N N 106 
GLY N   CA   sing N N 107 
GLY N   H    sing N N 108 
GLY N   H2   sing N N 109 
GLY CA  C    sing N N 110 
GLY CA  HA2  sing N N 111 
GLY CA  HA3  sing N N 112 
GLY C   O    doub N N 113 
GLY C   OXT  sing N N 114 
GLY OXT HXT  sing N N 115 
HIS N   CA   sing N N 116 
HIS N   H    sing N N 117 
HIS N   H2   sing N N 118 
HIS CA  C    sing N N 119 
HIS CA  CB   sing N N 120 
HIS CA  HA   sing N N 121 
HIS C   O    doub N N 122 
HIS C   OXT  sing N N 123 
HIS CB  CG   sing N N 124 
HIS CB  HB2  sing N N 125 
HIS CB  HB3  sing N N 126 
HIS CG  ND1  sing Y N 127 
HIS CG  CD2  doub Y N 128 
HIS ND1 CE1  doub Y N 129 
HIS ND1 HD1  sing N N 130 
HIS CD2 NE2  sing Y N 131 
HIS CD2 HD2  sing N N 132 
HIS CE1 NE2  sing Y N 133 
HIS CE1 HE1  sing N N 134 
HIS NE2 HE2  sing N N 135 
HIS OXT HXT  sing N N 136 
HOH O   H1   sing N N 137 
HOH O   H2   sing N N 138 
ILE N   CA   sing N N 139 
ILE N   H    sing N N 140 
ILE N   H2   sing N N 141 
ILE CA  C    sing N N 142 
ILE CA  CB   sing N N 143 
ILE CA  HA   sing N N 144 
ILE C   O    doub N N 145 
ILE C   OXT  sing N N 146 
ILE CB  CG1  sing N N 147 
ILE CB  CG2  sing N N 148 
ILE CB  HB   sing N N 149 
ILE CG1 CD1  sing N N 150 
ILE CG1 HG12 sing N N 151 
ILE CG1 HG13 sing N N 152 
ILE CG2 HG21 sing N N 153 
ILE CG2 HG22 sing N N 154 
ILE CG2 HG23 sing N N 155 
ILE CD1 HD11 sing N N 156 
ILE CD1 HD12 sing N N 157 
ILE CD1 HD13 sing N N 158 
ILE OXT HXT  sing N N 159 
LEU N   CA   sing N N 160 
LEU N   H    sing N N 161 
LEU N   H2   sing N N 162 
LEU CA  C    sing N N 163 
LEU CA  CB   sing N N 164 
LEU CA  HA   sing N N 165 
LEU C   O    doub N N 166 
LEU C   OXT  sing N N 167 
LEU CB  CG   sing N N 168 
LEU CB  HB2  sing N N 169 
LEU CB  HB3  sing N N 170 
LEU CG  CD1  sing N N 171 
LEU CG  CD2  sing N N 172 
LEU CG  HG   sing N N 173 
LEU CD1 HD11 sing N N 174 
LEU CD1 HD12 sing N N 175 
LEU CD1 HD13 sing N N 176 
LEU CD2 HD21 sing N N 177 
LEU CD2 HD22 sing N N 178 
LEU CD2 HD23 sing N N 179 
LEU OXT HXT  sing N N 180 
LYS N   CA   sing N N 181 
LYS N   H    sing N N 182 
LYS N   H2   sing N N 183 
LYS CA  C    sing N N 184 
LYS CA  CB   sing N N 185 
LYS CA  HA   sing N N 186 
LYS C   O    doub N N 187 
LYS C   OXT  sing N N 188 
LYS CB  CG   sing N N 189 
LYS CB  HB2  sing N N 190 
LYS CB  HB3  sing N N 191 
LYS CG  CD   sing N N 192 
LYS CG  HG2  sing N N 193 
LYS CG  HG3  sing N N 194 
LYS CD  CE   sing N N 195 
LYS CD  HD2  sing N N 196 
LYS CD  HD3  sing N N 197 
LYS CE  NZ   sing N N 198 
LYS CE  HE2  sing N N 199 
LYS CE  HE3  sing N N 200 
LYS NZ  HZ1  sing N N 201 
LYS NZ  HZ2  sing N N 202 
LYS NZ  HZ3  sing N N 203 
LYS OXT HXT  sing N N 204 
MET N   CA   sing N N 205 
MET N   H    sing N N 206 
MET N   H2   sing N N 207 
MET CA  C    sing N N 208 
MET CA  CB   sing N N 209 
MET CA  HA   sing N N 210 
MET C   O    doub N N 211 
MET C   OXT  sing N N 212 
MET CB  CG   sing N N 213 
MET CB  HB2  sing N N 214 
MET CB  HB3  sing N N 215 
MET CG  SD   sing N N 216 
MET CG  HG2  sing N N 217 
MET CG  HG3  sing N N 218 
MET SD  CE   sing N N 219 
MET CE  HE1  sing N N 220 
MET CE  HE2  sing N N 221 
MET CE  HE3  sing N N 222 
MET OXT HXT  sing N N 223 
PHE N   CA   sing N N 224 
PHE N   H    sing N N 225 
PHE N   H2   sing N N 226 
PHE CA  C    sing N N 227 
PHE CA  CB   sing N N 228 
PHE CA  HA   sing N N 229 
PHE C   O    doub N N 230 
PHE C   OXT  sing N N 231 
PHE CB  CG   sing N N 232 
PHE CB  HB2  sing N N 233 
PHE CB  HB3  sing N N 234 
PHE CG  CD1  doub Y N 235 
PHE CG  CD2  sing Y N 236 
PHE CD1 CE1  sing Y N 237 
PHE CD1 HD1  sing N N 238 
PHE CD2 CE2  doub Y N 239 
PHE CD2 HD2  sing N N 240 
PHE CE1 CZ   doub Y N 241 
PHE CE1 HE1  sing N N 242 
PHE CE2 CZ   sing Y N 243 
PHE CE2 HE2  sing N N 244 
PHE CZ  HZ   sing N N 245 
PHE OXT HXT  sing N N 246 
PRO N   CA   sing N N 247 
PRO N   CD   sing N N 248 
PRO N   H    sing N N 249 
PRO CA  C    sing N N 250 
PRO CA  CB   sing N N 251 
PRO CA  HA   sing N N 252 
PRO C   O    doub N N 253 
PRO C   OXT  sing N N 254 
PRO CB  CG   sing N N 255 
PRO CB  HB2  sing N N 256 
PRO CB  HB3  sing N N 257 
PRO CG  CD   sing N N 258 
PRO CG  HG2  sing N N 259 
PRO CG  HG3  sing N N 260 
PRO CD  HD2  sing N N 261 
PRO CD  HD3  sing N N 262 
PRO OXT HXT  sing N N 263 
SER N   CA   sing N N 264 
SER N   H    sing N N 265 
SER N   H2   sing N N 266 
SER CA  C    sing N N 267 
SER CA  CB   sing N N 268 
SER CA  HA   sing N N 269 
SER C   O    doub N N 270 
SER C   OXT  sing N N 271 
SER CB  OG   sing N N 272 
SER CB  HB2  sing N N 273 
SER CB  HB3  sing N N 274 
SER OG  HG   sing N N 275 
SER OXT HXT  sing N N 276 
THR N   CA   sing N N 277 
THR N   H    sing N N 278 
THR N   H2   sing N N 279 
THR CA  C    sing N N 280 
THR CA  CB   sing N N 281 
THR CA  HA   sing N N 282 
THR C   O    doub N N 283 
THR C   OXT  sing N N 284 
THR CB  OG1  sing N N 285 
THR CB  CG2  sing N N 286 
THR CB  HB   sing N N 287 
THR OG1 HG1  sing N N 288 
THR CG2 HG21 sing N N 289 
THR CG2 HG22 sing N N 290 
THR CG2 HG23 sing N N 291 
THR OXT HXT  sing N N 292 
TRP N   CA   sing N N 293 
TRP N   H    sing N N 294 
TRP N   H2   sing N N 295 
TRP CA  C    sing N N 296 
TRP CA  CB   sing N N 297 
TRP CA  HA   sing N N 298 
TRP C   O    doub N N 299 
TRP C   OXT  sing N N 300 
TRP CB  CG   sing N N 301 
TRP CB  HB2  sing N N 302 
TRP CB  HB3  sing N N 303 
TRP CG  CD1  doub Y N 304 
TRP CG  CD2  sing Y N 305 
TRP CD1 NE1  sing Y N 306 
TRP CD1 HD1  sing N N 307 
TRP CD2 CE2  doub Y N 308 
TRP CD2 CE3  sing Y N 309 
TRP NE1 CE2  sing Y N 310 
TRP NE1 HE1  sing N N 311 
TRP CE2 CZ2  sing Y N 312 
TRP CE3 CZ3  doub Y N 313 
TRP CE3 HE3  sing N N 314 
TRP CZ2 CH2  doub Y N 315 
TRP CZ2 HZ2  sing N N 316 
TRP CZ3 CH2  sing Y N 317 
TRP CZ3 HZ3  sing N N 318 
TRP CH2 HH2  sing N N 319 
TRP OXT HXT  sing N N 320 
TYR N   CA   sing N N 321 
TYR N   H    sing N N 322 
TYR N   H2   sing N N 323 
TYR CA  C    sing N N 324 
TYR CA  CB   sing N N 325 
TYR CA  HA   sing N N 326 
TYR C   O    doub N N 327 
TYR C   OXT  sing N N 328 
TYR CB  CG   sing N N 329 
TYR CB  HB2  sing N N 330 
TYR CB  HB3  sing N N 331 
TYR CG  CD1  doub Y N 332 
TYR CG  CD2  sing Y N 333 
TYR CD1 CE1  sing Y N 334 
TYR CD1 HD1  sing N N 335 
TYR CD2 CE2  doub Y N 336 
TYR CD2 HD2  sing N N 337 
TYR CE1 CZ   doub Y N 338 
TYR CE1 HE1  sing N N 339 
TYR CE2 CZ   sing Y N 340 
TYR CE2 HE2  sing N N 341 
TYR CZ  OH   sing N N 342 
TYR OH  HH   sing N N 343 
TYR OXT HXT  sing N N 344 
VAL N   CA   sing N N 345 
VAL N   H    sing N N 346 
VAL N   H2   sing N N 347 
VAL CA  C    sing N N 348 
VAL CA  CB   sing N N 349 
VAL CA  HA   sing N N 350 
VAL C   O    doub N N 351 
VAL C   OXT  sing N N 352 
VAL CB  CG1  sing N N 353 
VAL CB  CG2  sing N N 354 
VAL CB  HB   sing N N 355 
VAL CG1 HG11 sing N N 356 
VAL CG1 HG12 sing N N 357 
VAL CG1 HG13 sing N N 358 
VAL CG2 HG21 sing N N 359 
VAL CG2 HG22 sing N N 360 
VAL CG2 HG23 sing N N 361 
VAL OXT HXT  sing N N 362 
# 
_pdbx_audit_support.funding_organization   ? 
_pdbx_audit_support.country                Germany 
_pdbx_audit_support.grant_number           ? 
_pdbx_audit_support.ordinal                1 
# 
_atom_sites.entry_id                    6HB9 
_atom_sites.fract_transf_matrix[1][1]   -0.00843521 
_atom_sites.fract_transf_matrix[1][2]   0.02642122 
_atom_sites.fract_transf_matrix[1][3]   -0.01144974 
_atom_sites.fract_transf_matrix[2][1]   -0.00991378 
_atom_sites.fract_transf_matrix[2][2]   0.00282243 
_atom_sites.fract_transf_matrix[2][3]   0.01381664 
_atom_sites.fract_transf_matrix[3][1]   0.01982291 
_atom_sites.fract_transf_matrix[3][2]   0.01619215 
_atom_sites.fract_transf_matrix[3][3]   0.01091572 
_atom_sites.fract_transf_vector[1]      0.475013 
_atom_sites.fract_transf_vector[2]      -0.034214 
_atom_sites.fract_transf_vector[3]      0.359955 
# 
loop_
_atom_type.symbol 
C 
N 
O 
S 
# 
loop_
_atom_site.group_PDB 
_atom_site.id 
_atom_site.type_symbol 
_atom_site.label_atom_id 
_atom_site.label_alt_id 
_atom_site.label_comp_id 
_atom_site.label_asym_id 
_atom_site.label_entity_id 
_atom_site.label_seq_id 
_atom_site.pdbx_PDB_ins_code 
_atom_site.Cartn_x 
_atom_site.Cartn_y 
_atom_site.Cartn_z 
_atom_site.occupancy 
_atom_site.B_iso_or_equiv 
_atom_site.pdbx_formal_charge 
_atom_site.auth_seq_id 
_atom_site.auth_comp_id 
_atom_site.auth_asym_id 
_atom_site.auth_atom_id 
_atom_site.pdbx_PDB_model_num 
ATOM   1    N N   . GLU A 1 1   ? 22.033  14.924  -8.594  1.00 41.63 ? -12 GLU A N   1 
ATOM   2    C CA  . GLU A 1 1   ? 22.420  14.675  -7.213  1.00 39.05 ? -12 GLU A CA  1 
ATOM   3    C C   . GLU A 1 1   ? 22.845  13.219  -7.018  1.00 21.93 ? -12 GLU A C   1 
ATOM   4    O O   . GLU A 1 1   ? 23.379  12.860  -5.973  1.00 30.29 ? -12 GLU A O   1 
ATOM   5    C CB  . GLU A 1 1   ? 21.273  15.033  -6.261  1.00 33.05 ? -12 GLU A CB  1 
ATOM   6    N N   . TRP A 1 2   ? 22.594  12.390  -8.032  1.00 23.51 ? -11 TRP A N   1 
ATOM   7    C CA  . TRP A 1 2   ? 23.065  11.001  -8.054  1.00 17.81 ? -11 TRP A CA  1 
ATOM   8    C C   . TRP A 1 2   ? 22.462  10.164  -6.931  1.00 18.94 ? -11 TRP A C   1 
ATOM   9    O O   . TRP A 1 2   ? 23.054  9.181   -6.479  1.00 18.71 ? -11 TRP A O   1 
ATOM   10   C CB  . TRP A 1 2   ? 24.590  10.954  -7.999  1.00 22.98 ? -11 TRP A CB  1 
ATOM   11   C CG  . TRP A 1 2   ? 25.225  11.633  -9.169  1.00 18.84 ? -11 TRP A CG  1 
ATOM   12   C CD1 . TRP A 1 2   ? 25.955  12.791  -9.147  1.00 19.80 ? -11 TRP A CD1 1 
ATOM   13   C CD2 . TRP A 1 2   ? 25.167  11.223  -10.537 1.00 19.23 ? -11 TRP A CD2 1 
ATOM   14   N NE1 . TRP A 1 2   ? 26.367  13.109  -10.413 1.00 20.50 ? -11 TRP A NE1 1 
ATOM   15   C CE2 . TRP A 1 2   ? 25.900  12.164  -11.285 1.00 23.91 ? -11 TRP A CE2 1 
ATOM   16   C CE3 . TRP A 1 2   ? 24.576  10.146  -11.206 1.00 15.30 ? -11 TRP A CE3 1 
ATOM   17   C CZ2 . TRP A 1 2   ? 26.056  12.059  -12.662 1.00 24.84 ? -11 TRP A CZ2 1 
ATOM   18   C CZ3 . TRP A 1 2   ? 24.735  10.043  -12.569 1.00 21.36 ? -11 TRP A CZ3 1 
ATOM   19   C CH2 . TRP A 1 2   ? 25.466  10.996  -13.286 1.00 23.85 ? -11 TRP A CH2 1 
ATOM   20   N N   . GLY A 1 3   ? 21.259  10.536  -6.504  1.00 17.99 ? -10 GLY A N   1 
ATOM   21   C CA  . GLY A 1 3   ? 20.523  9.723   -5.556  1.00 19.59 ? -10 GLY A CA  1 
ATOM   22   C C   . GLY A 1 3   ? 20.139  8.368   -6.129  1.00 18.23 ? -10 GLY A C   1 
ATOM   23   O O   . GLY A 1 3   ? 20.029  8.184   -7.346  1.00 17.54 ? -10 GLY A O   1 
ATOM   24   N N   . ILE A 1 4   ? 19.936  7.406   -5.244  1.00 16.99 ? -9  ILE A N   1 
ATOM   25   C CA  . ILE A 1 4   ? 19.521  6.079   -5.659  1.00 15.87 ? -9  ILE A CA  1 
ATOM   26   C C   . ILE A 1 4   ? 18.060  6.092   -6.079  1.00 17.80 ? -9  ILE A C   1 
ATOM   27   O O   . ILE A 1 4   ? 17.215  6.728   -5.432  1.00 22.74 ? -9  ILE A O   1 
ATOM   28   C CB  . ILE A 1 4   ? 19.757  5.062   -4.521  1.00 17.51 ? -9  ILE A CB  1 
ATOM   29   C CG1 . ILE A 1 4   ? 21.244  4.707   -4.440  1.00 21.11 ? -9  ILE A CG1 1 
ATOM   30   C CG2 . ILE A 1 4   ? 18.903  3.829   -4.694  1.00 25.82 ? -9  ILE A CG2 1 
ATOM   31   C CD1 . ILE A 1 4   ? 21.591  3.845   -3.247  1.00 43.17 ? -9  ILE A CD1 1 
ATOM   32   N N   . GLU A 1 5   ? 17.754  5.415   -7.184  1.00 13.84 ? -8  GLU A N   1 
ATOM   33   C CA  . GLU A 1 5   ? 16.375  5.183   -7.538  1.00 16.82 ? -8  GLU A CA  1 
ATOM   34   C C   . GLU A 1 5   ? 16.167  3.701   -7.813  1.00 17.51 ? -8  GLU A C   1 
ATOM   35   O O   . GLU A 1 5   ? 16.852  3.112   -8.657  1.00 14.34 ? -8  GLU A O   1 
ATOM   36   C CB  . GLU A 1 5   ? 15.956  6.012   -8.745  1.00 16.88 ? -8  GLU A CB  1 
ATOM   37   C CG  . GLU A 1 5   ? 14.481  5.826   -9.047  1.00 19.08 ? -8  GLU A CG  1 
ATOM   38   C CD  . GLU A 1 5   ? 13.918  6.798   -10.062 1.00 25.57 ? -8  GLU A CD  1 
ATOM   39   O OE1 . GLU A 1 5   ? 14.604  7.777   -10.427 1.00 23.72 ? -8  GLU A OE1 1 
ATOM   40   O OE2 . GLU A 1 5   ? 12.767  6.572   -10.491 1.00 24.41 ? -8  GLU A OE2 1 
ATOM   41   N N   . LEU A 1 6   ? 15.230  3.101   -7.081  1.00 13.73 ? -7  LEU A N   1 
ATOM   42   C CA  . LEU A 1 6   ? 14.906  1.688   -7.235  1.00 15.18 ? -7  LEU A CA  1 
ATOM   43   C C   . LEU A 1 6   ? 13.855  1.562   -8.321  1.00 17.55 ? -7  LEU A C   1 
ATOM   44   O O   . LEU A 1 6   ? 12.658  1.705   -8.057  1.00 18.42 ? -7  LEU A O   1 
ATOM   45   C CB  . LEU A 1 6   ? 14.385  1.087   -5.922  1.00 14.91 ? -7  LEU A CB  1 
ATOM   46   C CG  . LEU A 1 6   ? 15.255  1.045   -4.670  1.00 23.72 ? -7  LEU A CG  1 
ATOM   47   C CD1 . LEU A 1 6   ? 16.588  0.449   -5.007  1.00 25.29 ? -7  LEU A CD1 1 
ATOM   48   C CD2 . LEU A 1 6   ? 15.413  2.407   -4.014  1.00 40.52 ? -7  LEU A CD2 1 
ATOM   49   N N   . VAL A 1 7   ? 14.275  1.309   -9.550  1.00 13.80 ? -6  VAL A N   1 
ATOM   50   C CA  . VAL A 1 7   ? 13.324  1.331   -10.660 1.00 14.02 ? -6  VAL A CA  1 
ATOM   51   C C   . VAL A 1 7   ? 12.726  -0.051  -10.900 1.00 15.25 ? -6  VAL A C   1 
ATOM   52   O O   . VAL A 1 7   ? 13.290  -1.059  -10.509 1.00 16.62 ? -6  VAL A O   1 
ATOM   53   C CB  . VAL A 1 7   ? 13.982  1.841   -11.964 1.00 18.52 ? -6  VAL A CB  1 
ATOM   54   C CG1 . VAL A 1 7   ? 14.446  3.274   -11.808 1.00 15.67 ? -6  VAL A CG1 1 
ATOM   55   C CG2 . VAL A 1 7   ? 15.153  0.945   -12.338 1.00 17.49 ? -6  VAL A CG2 1 
ATOM   56   N N   . SER A 1 8   ? 11.560  -0.084  -11.538 1.00 16.82 ? -5  SER A N   1 
ATOM   57   C CA  . SER A 1 8   ? 10.969  -1.357  -11.943 1.00 17.37 ? -5  SER A CA  1 
ATOM   58   C C   . SER A 1 8   ? 9.889   -1.127  -12.981 1.00 18.73 ? -5  SER A C   1 
ATOM   59   O O   . SER A 1 8   ? 9.380   -0.017  -13.110 1.00 26.43 ? -5  SER A O   1 
ATOM   60   C CB  . SER A 1 8   ? 10.394  -2.119  -10.743 1.00 21.84 ? -5  SER A CB  1 
ATOM   61   O OG  . SER A 1 8   ? 9.497   -1.314  -10.002 1.00 24.13 ? -5  SER A OG  1 
ATOM   62   N N   A GLU A 1 9   ? 9.561   -2.159  -13.751 0.36 20.26 ? -4  GLU A N   1 
ATOM   63   N N   B GLU A 1 9   ? 9.559   -2.194  -13.701 0.64 19.87 ? -4  GLU A N   1 
ATOM   64   C CA  A GLU A 1 9   ? 8.509   -2.038  -14.758 0.36 19.54 ? -4  GLU A CA  1 
ATOM   65   C CA  B GLU A 1 9   ? 8.454   -2.212  -14.653 0.64 20.12 ? -4  GLU A CA  1 
ATOM   66   C C   A GLU A 1 9   ? 7.140   -2.128  -14.076 0.36 18.77 ? -4  GLU A C   1 
ATOM   67   C C   B GLU A 1 9   ? 7.141   -2.034  -13.893 0.64 17.99 ? -4  GLU A C   1 
ATOM   68   O O   A GLU A 1 9   ? 6.907   -3.027  -13.266 0.36 21.44 ? -4  GLU A O   1 
ATOM   69   O O   B GLU A 1 9   ? 6.940   -2.650  -12.847 0.64 18.98 ? -4  GLU A O   1 
ATOM   70   C CB  A GLU A 1 9   ? 8.654   -3.114  -15.850 0.36 26.39 ? -4  GLU A CB  1 
ATOM   71   C CB  B GLU A 1 9   ? 8.455   -3.537  -15.438 0.64 23.70 ? -4  GLU A CB  1 
ATOM   72   C CG  A GLU A 1 9   ? 9.601   -2.731  -16.999 0.36 28.77 ? -4  GLU A CG  1 
ATOM   73   C CG  B GLU A 1 9   ? 7.726   -3.531  -16.786 0.64 24.72 ? -4  GLU A CG  1 
ATOM   74   C CD  A GLU A 1 9   ? 9.331   -3.498  -18.299 0.36 28.27 ? -4  GLU A CD  1 
ATOM   75   C CD  B GLU A 1 9   ? 7.812   -4.884  -17.497 0.64 30.58 ? -4  GLU A CD  1 
ATOM   76   O OE1 A GLU A 1 9   ? 9.502   -2.904  -19.400 0.36 11.51 ? -4  GLU A OE1 1 
ATOM   77   O OE1 B GLU A 1 9   ? 8.069   -4.926  -18.730 0.64 17.05 ? -4  GLU A OE1 1 
ATOM   78   O OE2 A GLU A 1 9   ? 8.953   -4.692  -18.228 0.36 26.45 ? -4  GLU A OE2 1 
ATOM   79   O OE2 B GLU A 1 9   ? 7.615   -5.912  -16.814 0.64 29.11 ? -4  GLU A OE2 1 
ATOM   80   N N   . VAL A 1 10  ? 6.251   -1.184  -14.392 1.00 19.01 ? -3  VAL A N   1 
ATOM   81   C CA  . VAL A 1 10  ? 4.903   -1.139  -13.820 1.00 20.41 ? -3  VAL A CA  1 
ATOM   82   C C   . VAL A 1 10  ? 4.167   -2.437  -14.151 1.00 22.62 ? -3  VAL A C   1 
ATOM   83   O O   . VAL A 1 10  ? 4.163   -2.878  -15.302 1.00 20.96 ? -3  VAL A O   1 
ATOM   84   C CB  . VAL A 1 10  ? 4.091   0.064   -14.343 1.00 18.61 ? -3  VAL A CB  1 
ATOM   85   C CG1 . VAL A 1 10  ? 2.637   -0.027  -13.888 1.00 21.40 ? -3  VAL A CG1 1 
ATOM   86   C CG2 . VAL A 1 10  ? 4.718   1.355   -13.874 1.00 22.08 ? -3  VAL A CG2 1 
ATOM   87   N N   A SER A 1 11  ? 3.559   -3.054  -13.143 0.44 18.33 ? -2  SER A N   1 
ATOM   88   N N   B SER A 1 11  ? 3.562   -3.064  -13.147 0.56 18.32 ? -2  SER A N   1 
ATOM   89   C CA  A SER A 1 11  ? 2.868   -4.326  -13.335 0.44 18.98 ? -2  SER A CA  1 
ATOM   90   C CA  B SER A 1 11  ? 2.826   -4.306  -13.377 0.56 18.88 ? -2  SER A CA  1 
ATOM   91   C C   A SER A 1 11  ? 1.769   -4.522  -12.301 0.44 30.93 ? -2  SER A C   1 
ATOM   92   C C   B SER A 1 11  ? 1.807   -4.568  -12.279 0.56 30.86 ? -2  SER A C   1 
ATOM   93   O O   A SER A 1 11  ? 1.734   -3.836  -11.277 0.44 24.77 ? -2  SER A O   1 
ATOM   94   O O   B SER A 1 11  ? 1.871   -3.982  -11.197 0.56 23.94 ? -2  SER A O   1 
ATOM   95   C CB  A SER A 1 11  ? 3.857   -5.491  -13.277 0.44 26.88 ? -2  SER A CB  1 
ATOM   96   C CB  B SER A 1 11  ? 3.781   -5.496  -13.495 0.56 26.63 ? -2  SER A CB  1 
ATOM   97   O OG  A SER A 1 11  ? 4.881   -5.348  -14.248 0.44 34.64 ? -2  SER A OG  1 
ATOM   98   O OG  B SER A 1 11  ? 4.300   -5.878  -12.234 0.56 27.22 ? -2  SER A OG  1 
ATOM   99   N N   . GLU A 1 12  ? 0.880   -5.471  -12.573 1.00 28.75 ? -1  GLU A N   1 
ATOM   100  C CA  . GLU A 1 12  ? -0.296  -5.695  -11.744 1.00 43.35 ? -1  GLU A CA  1 
ATOM   101  C C   . GLU A 1 12  ? -0.448  -7.174  -11.411 1.00 36.89 ? -1  GLU A C   1 
ATOM   102  O O   . GLU A 1 12  ? -1.558  -7.710  -11.415 1.00 39.18 ? -1  GLU A O   1 
ATOM   103  C CB  . GLU A 1 12  ? -1.539  -5.196  -12.483 1.00 29.76 ? -1  GLU A CB  1 
ATOM   104  C CG  . GLU A 1 12  ? -2.536  -4.415  -11.657 1.00 50.50 ? -1  GLU A CG  1 
ATOM   105  C CD  . GLU A 1 12  ? -3.523  -3.663  -12.532 1.00 68.53 ? -1  GLU A CD  1 
ATOM   106  O OE1 . GLU A 1 12  ? -3.189  -3.393  -13.706 1.00 57.44 ? -1  GLU A OE1 1 
ATOM   107  O OE2 . GLU A 1 12  ? -4.633  -3.352  -12.051 1.00 74.34 ? -1  GLU A OE2 1 
ATOM   108  N N   . ALA A 1 13  ? 0.674   -7.833  -11.134 1.00 31.01 ? 0   ALA A N   1 
ATOM   109  C CA  . ALA A 1 13  ? 0.693   -9.283  -10.966 1.00 43.96 ? 0   ALA A CA  1 
ATOM   110  C C   . ALA A 1 13  ? 0.192   -9.715  -9.591  1.00 49.11 ? 0   ALA A C   1 
ATOM   111  O O   . ALA A 1 13  ? -0.165  -10.876 -9.390  1.00 46.92 ? 0   ALA A O   1 
ATOM   112  C CB  . ALA A 1 13  ? 2.100   -9.816  -11.205 1.00 38.65 ? 0   ALA A CB  1 
ATOM   113  N N   . MET A 1 14  ? 0.167   -8.779  -8.647  1.00 51.74 ? 1   MET A N   1 
ATOM   114  C CA  . MET A 1 14  ? -0.236  -9.089  -7.280  1.00 35.52 ? 1   MET A CA  1 
ATOM   115  C C   . MET A 1 14  ? -1.744  -9.296  -7.161  1.00 24.81 ? 1   MET A C   1 
ATOM   116  O O   . MET A 1 14  ? -2.541  -8.414  -7.495  1.00 24.49 ? 1   MET A O   1 
ATOM   117  C CB  . MET A 1 14  ? 0.218   -7.977  -6.325  1.00 43.83 ? 1   MET A CB  1 
ATOM   118  C CG  . MET A 1 14  ? -0.311  -8.099  -4.900  1.00 38.56 ? 1   MET A CG  1 
ATOM   119  S SD  . MET A 1 14  ? 0.838   -8.792  -3.699  1.00 25.83 ? 1   MET A SD  1 
ATOM   120  C CE  . MET A 1 14  ? -0.127  -8.667  -2.191  1.00 21.93 ? 1   MET A CE  1 
ATOM   121  N N   . GLY A 1 15  ? -2.123  -10.477 -6.688  1.00 28.80 ? 2   GLY A N   1 
ATOM   122  C CA  . GLY A 1 15  ? -3.504  -10.768 -6.375  1.00 25.06 ? 2   GLY A CA  1 
ATOM   123  C C   . GLY A 1 15  ? -3.781  -10.406 -4.929  1.00 39.81 ? 2   GLY A C   1 
ATOM   124  O O   . GLY A 1 15  ? -3.286  -11.054 -4.005  1.00 40.34 ? 2   GLY A O   1 
ATOM   125  N N   . PHE A 1 16  ? -4.553  -9.347  -4.731  1.00 16.52 ? 3   PHE A N   1 
ATOM   126  C CA  . PHE A 1 16  ? -4.965  -8.941  -3.393  1.00 14.77 ? 3   PHE A CA  1 
ATOM   127  C C   . PHE A 1 16  ? -6.200  -9.717  -2.975  1.00 13.54 ? 3   PHE A C   1 
ATOM   128  O O   . PHE A 1 16  ? -7.190  -9.767  -3.718  1.00 12.89 ? 3   PHE A O   1 
ATOM   129  C CB  . PHE A 1 16  ? -5.251  -7.434  -3.336  1.00 12.65 ? 3   PHE A CB  1 
ATOM   130  C CG  . PHE A 1 16  ? -4.015  -6.586  -3.315  1.00 11.19 ? 3   PHE A CG  1 
ATOM   131  C CD1 . PHE A 1 16  ? -3.393  -6.221  -4.495  1.00 15.12 ? 3   PHE A CD1 1 
ATOM   132  C CD2 . PHE A 1 16  ? -3.473  -6.152  -2.108  1.00 10.32 ? 3   PHE A CD2 1 
ATOM   133  C CE1 . PHE A 1 16  ? -2.245  -5.427  -4.488  1.00 17.15 ? 3   PHE A CE1 1 
ATOM   134  C CE2 . PHE A 1 16  ? -2.334  -5.361  -2.089  1.00 11.10 ? 3   PHE A CE2 1 
ATOM   135  C CZ  . PHE A 1 16  ? -1.706  -5.017  -3.277  1.00 14.52 ? 3   PHE A CZ  1 
ATOM   136  N N   . VAL A 1 17  ? -6.170  -10.307 -1.789  1.00 12.24 ? 4   VAL A N   1 
ATOM   137  C CA  . VAL A 1 17  ? -7.321  -11.042 -1.288  1.00 12.89 ? 4   VAL A CA  1 
ATOM   138  C C   . VAL A 1 17  ? -8.556  -10.146 -1.201  1.00 14.19 ? 4   VAL A C   1 
ATOM   139  O O   . VAL A 1 17  ? -9.675  -10.613 -1.451  1.00 14.22 ? 4   VAL A O   1 
ATOM   140  C CB  . VAL A 1 17  ? -7.028  -11.663 0.086   1.00 14.92 ? 4   VAL A CB  1 
ATOM   141  C CG1 . VAL A 1 17  ? -8.245  -12.395 0.618   1.00 18.80 ? 4   VAL A CG1 1 
ATOM   142  C CG2 . VAL A 1 17  ? -5.839  -12.612 -0.015  1.00 21.12 ? 4   VAL A CG2 1 
ATOM   143  N N   . TYR A 1 18  ? -8.385  -8.860  -0.905  1.00 10.42 ? 5   TYR A N   1 
ATOM   144  C CA  . TYR A 1 18  ? -9.549  -7.983  -0.809  1.00 10.86 ? 5   TYR A CA  1 
ATOM   145  C C   . TYR A 1 18  ? -10.274 -7.934  -2.159  1.00 11.42 ? 5   TYR A C   1 
ATOM   146  O O   . TYR A 1 18  ? -11.526 -7.898  -2.223  1.00 12.66 ? 5   TYR A O   1 
ATOM   147  C CB  . TYR A 1 18  ? -9.150  -6.570  -0.349  1.00 9.84  ? 5   TYR A CB  1 
ATOM   148  C CG  . TYR A 1 18  ? -10.347 -5.653  -0.211  1.00 10.72 ? 5   TYR A CG  1 
ATOM   149  C CD1 . TYR A 1 18  ? -11.304 -5.877  0.775   1.00 12.84 ? 5   TYR A CD1 1 
ATOM   150  C CD2 . TYR A 1 18  ? -10.542 -4.587  -1.078  1.00 10.50 ? 5   TYR A CD2 1 
ATOM   151  C CE1 . TYR A 1 18  ? -12.413 -5.062  0.896   1.00 14.80 ? 5   TYR A CE1 1 
ATOM   152  C CE2 . TYR A 1 18  ? -11.647 -3.760  -0.958  1.00 10.21 ? 5   TYR A CE2 1 
ATOM   153  C CZ  . TYR A 1 18  ? -12.580 -4.008  0.025   1.00 13.37 ? 5   TYR A CZ  1 
ATOM   154  O OH  . TYR A 1 18  ? -13.698 -3.213  0.161   1.00 17.27 ? 5   TYR A OH  1 
ATOM   155  N N   . LYS A 1 19  ? -9.501  -7.941  -3.238  1.00 11.68 ? 6   LYS A N   1 
ATOM   156  C CA  . LYS A 1 19  ? -10.108 -7.946  -4.566  1.00 12.61 ? 6   LYS A CA  1 
ATOM   157  C C   . LYS A 1 19  ? -10.687 -9.300  -4.920  1.00 14.28 ? 6   LYS A C   1 
ATOM   158  O O   . LYS A 1 19  ? -11.746 -9.375  -5.564  1.00 16.34 ? 6   LYS A O   1 
ATOM   159  C CB  . LYS A 1 19  ? -9.103  -7.541  -5.636  1.00 13.78 ? 6   LYS A CB  1 
ATOM   160  C CG  . LYS A 1 19  ? -8.612  -6.126  -5.514  1.00 16.41 ? 6   LYS A CG  1 
ATOM   161  C CD  . LYS A 1 19  ? -7.997  -5.680  -6.828  1.00 30.50 ? 6   LYS A CD  1 
ATOM   162  C CE  . LYS A 1 19  ? -6.790  -4.796  -6.621  1.00 30.08 ? 6   LYS A CE  1 
ATOM   163  N NZ  . LYS A 1 19  ? -6.156  -4.447  -7.927  1.00 26.04 ? 6   LYS A NZ  1 
ATOM   164  N N   . GLU A 1 20  ? -10.010 -10.368 -4.534  1.00 12.30 ? 7   GLU A N   1 
ATOM   165  C CA  . GLU A 1 20  ? -10.493 -11.701 -4.862  1.00 13.61 ? 7   GLU A CA  1 
ATOM   166  C C   . GLU A 1 20  ? -11.816 -11.971 -4.179  1.00 14.05 ? 7   GLU A C   1 
ATOM   167  O O   . GLU A 1 20  ? -12.674 -12.656 -4.741  1.00 14.48 ? 7   GLU A O   1 
ATOM   168  C CB  . GLU A 1 20  ? -9.439  -12.730 -4.455  1.00 15.72 ? 7   GLU A CB  1 
ATOM   169  C CG  . GLU A 1 20  ? -8.204  -12.711 -5.344  1.00 27.82 ? 7   GLU A CG  1 
ATOM   170  C CD  . GLU A 1 20  ? -6.976  -13.301 -4.666  1.00 55.39 ? 7   GLU A CD  1 
ATOM   171  O OE1 . GLU A 1 20  ? -7.063  -13.650 -3.470  1.00 62.83 ? 7   GLU A OE1 1 
ATOM   172  O OE2 . GLU A 1 20  ? -5.919  -13.408 -5.328  1.00 45.40 ? 7   GLU A OE2 1 
ATOM   173  N N   . GLU A 1 21  ? -12.017 -11.410 -2.996  1.00 12.17 ? 8   GLU A N   1 
ATOM   174  C CA  . GLU A 1 21  ? -13.152 -11.720 -2.155  1.00 14.57 ? 8   GLU A CA  1 
ATOM   175  C C   . GLU A 1 21  ? -14.358 -10.811 -2.345  1.00 14.99 ? 8   GLU A C   1 
ATOM   176  O O   . GLU A 1 21  ? -15.441 -11.112 -1.832  1.00 19.06 ? 8   GLU A O   1 
ATOM   177  C CB  . GLU A 1 21  ? -12.738 -11.694 -0.680  1.00 20.69 ? 8   GLU A CB  1 
ATOM   178  C CG  . GLU A 1 21  ? -11.826 -12.844 -0.290  1.00 21.09 ? 8   GLU A CG  1 
ATOM   179  C CD  . GLU A 1 21  ? -11.628 -12.973 1.213   1.00 37.20 ? 8   GLU A CD  1 
ATOM   180  O OE1 . GLU A 1 21  ? -11.191 -14.055 1.652   1.00 42.87 ? 8   GLU A OE1 1 
ATOM   181  O OE2 . GLU A 1 21  ? -11.904 -12.004 1.954   1.00 32.11 ? 8   GLU A OE2 1 
ATOM   182  N N   . HIS A 1 22  ? -14.187 -9.706  -3.065  1.00 12.03 ? 9   HIS A N   1 
ATOM   183  C CA  . HIS A 1 22  ? -15.285 -8.758  -3.222  1.00 13.02 ? 9   HIS A CA  1 
ATOM   184  C C   . HIS A 1 22  ? -15.349 -8.283  -4.650  1.00 16.75 ? 9   HIS A C   1 
ATOM   185  O O   . HIS A 1 22  ? -14.331 -7.915  -5.216  1.00 14.51 ? 9   HIS A O   1 
ATOM   186  C CB  . HIS A 1 22  ? -15.118 -7.552  -2.305  1.00 14.73 ? 9   HIS A CB  1 
ATOM   187  C CG  . HIS A 1 22  ? -14.903 -7.902  -0.873  1.00 14.57 ? 9   HIS A CG  1 
ATOM   188  N ND1 . HIS A 1 22  ? -13.643 -8.079  -0.338  1.00 14.24 ? 9   HIS A ND1 1 
ATOM   189  C CD2 . HIS A 1 22  ? -15.777 -8.109  0.139   1.00 20.82 ? 9   HIS A CD2 1 
ATOM   190  C CE1 . HIS A 1 22  ? -13.754 -8.371  0.944   1.00 19.01 ? 9   HIS A CE1 1 
ATOM   191  N NE2 . HIS A 1 22  ? -15.037 -8.404  1.259   1.00 27.73 ? 9   HIS A NE2 1 
ATOM   192  N N   . PRO A 1 23  ? -16.557 -8.286  -5.245  1.00 11.79 ? 10  PRO A N   1 
ATOM   193  C CA  . PRO A 1 23  ? -16.671 -7.779  -6.611  1.00 11.63 ? 10  PRO A CA  1 
ATOM   194  C C   . PRO A 1 23  ? -16.372 -6.300  -6.675  1.00 11.20 ? 10  PRO A C   1 
ATOM   195  O O   . PRO A 1 23  ? -16.574 -5.621  -5.679  1.00 10.11 ? 10  PRO A O   1 
ATOM   196  C CB  . PRO A 1 23  ? -18.134 -8.060  -6.971  1.00 10.19 ? 10  PRO A CB  1 
ATOM   197  C CG  . PRO A 1 23  ? -18.835 -8.066  -5.657  1.00 11.58 ? 10  PRO A CG  1 
ATOM   198  C CD  . PRO A 1 23  ? -17.859 -8.709  -4.692  1.00 11.20 ? 10  PRO A CD  1 
ATOM   199  N N   . PHE A 1 24  ? -15.950 -5.835  -7.844  1.00 10.52 ? 11  PHE A N   1 
ATOM   200  C CA  . PHE A 1 24  ? -15.572 -4.444  -8.005  1.00 11.01 ? 11  PHE A CA  1 
ATOM   201  C C   . PHE A 1 24  ? -16.631 -3.485  -7.496  1.00 12.29 ? 11  PHE A C   1 
ATOM   202  O O   . PHE A 1 24  ? -16.305 -2.511  -6.801  1.00 11.16 ? 11  PHE A O   1 
ATOM   203  C CB  . PHE A 1 24  ? -15.280 -4.140  -9.474  1.00 12.47 ? 11  PHE A CB  1 
ATOM   204  C CG  . PHE A 1 24  ? -15.081 -2.683  -9.740  1.00 10.05 ? 11  PHE A CG  1 
ATOM   205  C CD1 . PHE A 1 24  ? -13.866 -2.079  -9.442  1.00 11.38 ? 11  PHE A CD1 1 
ATOM   206  C CD2 . PHE A 1 24  ? -16.107 -1.903  -10.236 1.00 14.02 ? 11  PHE A CD2 1 
ATOM   207  C CE1 . PHE A 1 24  ? -13.676 -0.719  -9.652  1.00 13.62 ? 11  PHE A CE1 1 
ATOM   208  C CE2 . PHE A 1 24  ? -15.920 -0.546  -10.433 1.00 13.17 ? 11  PHE A CE2 1 
ATOM   209  C CZ  . PHE A 1 24  ? -14.702 0.047   -10.158 1.00 14.27 ? 11  PHE A CZ  1 
ATOM   210  N N   . GLU A 1 25  ? -17.897 -3.700  -7.868  1.00 11.11 ? 12  GLU A N   1 
ATOM   211  C CA  . GLU A 1 25  ? -18.913 -2.733  -7.466  1.00 9.85  ? 12  GLU A CA  1 
ATOM   212  C C   . GLU A 1 25  ? -19.115 -2.643  -5.954  1.00 10.02 ? 12  GLU A C   1 
ATOM   213  O O   . GLU A 1 25  ? -19.398 -1.566  -5.422  1.00 11.71 ? 12  GLU A O   1 
ATOM   214  C CB  . GLU A 1 25  ? -20.250 -3.046  -8.158  1.00 12.10 ? 12  GLU A CB  1 
ATOM   215  C CG  . GLU A 1 25  ? -21.400 -2.127  -7.757  1.00 16.48 ? 12  GLU A CG  1 
ATOM   216  C CD  . GLU A 1 25  ? -21.107 -0.653  -7.966  1.00 17.58 ? 12  GLU A CD  1 
ATOM   217  O OE1 . GLU A 1 25  ? -20.286 -0.311  -8.842  1.00 17.75 ? 12  GLU A OE1 1 
ATOM   218  O OE2 . GLU A 1 25  ? -21.738 0.161   -7.261  1.00 22.93 ? 12  GLU A OE2 1 
ATOM   219  N N   . LYS A 1 26  ? -18.951 -3.750  -5.247  1.00 10.56 ? 13  LYS A N   1 
ATOM   220  C CA  . LYS A 1 26  ? -19.001 -3.691  -3.804  1.00 11.63 ? 13  LYS A CA  1 
ATOM   221  C C   . LYS A 1 26  ? -17.831 -2.884  -3.241  1.00 10.78 ? 13  LYS A C   1 
ATOM   222  O O   . LYS A 1 26  ? -18.021 -2.077  -2.334  1.00 12.60 ? 13  LYS A O   1 
ATOM   223  C CB  . LYS A 1 26  ? -18.990 -5.096  -3.205  1.00 14.65 ? 13  LYS A CB  1 
ATOM   224  C CG  . LYS A 1 26  ? -19.044 -5.112  -1.697  1.00 16.79 ? 13  LYS A CG  1 
ATOM   225  C CD  . LYS A 1 26  ? -19.147 -6.543  -1.177  1.00 29.49 ? 13  LYS A CD  1 
ATOM   226  C CE  . LYS A 1 26  ? -19.165 -6.578  0.344   1.00 40.46 ? 13  LYS A CE  1 
ATOM   227  N NZ  . LYS A 1 26  ? -19.182 -7.976  0.866   1.00 63.03 ? 13  LYS A NZ  1 
ATOM   228  N N   . ARG A 1 27  ? -16.636 -3.110  -3.781  1.00 10.33 ? 14  ARG A N   1 
ATOM   229  C CA  . ARG A 1 27  ? -15.451 -2.373  -3.327  1.00 8.14  ? 14  ARG A CA  1 
ATOM   230  C C   . ARG A 1 27  ? -15.657 -0.897  -3.598  1.00 8.79  ? 14  ARG A C   1 
ATOM   231  O O   . ARG A 1 27  ? -15.398 -0.071  -2.721  1.00 11.12 ? 14  ARG A O   1 
ATOM   232  C CB  . ARG A 1 27  ? -14.177 -2.864  -4.003  1.00 10.14 ? 14  ARG A CB  1 
ATOM   233  C CG  . ARG A 1 27  ? -13.891 -4.329  -3.722  1.00 11.23 ? 14  ARG A CG  1 
ATOM   234  C CD  . ARG A 1 27  ? -12.545 -4.798  -4.270  1.00 11.45 ? 14  ARG A CD  1 
ATOM   235  N NE  . ARG A 1 27  ? -12.148 -4.278  -5.592  1.00 16.77 ? 14  ARG A NE  1 
ATOM   236  C CZ  . ARG A 1 27  ? -12.161 -4.978  -6.722  1.00 12.96 ? 14  ARG A CZ  1 
ATOM   237  N NH1 . ARG A 1 27  ? -12.622 -6.226  -6.749  1.00 18.31 ? 14  ARG A NH1 1 
ATOM   238  N NH2 . ARG A 1 27  ? -11.743 -4.423  -7.852  1.00 21.16 ? 14  ARG A NH2 1 
ATOM   239  N N   . ARG A 1 28  ? -16.129 -0.556  -4.793  1.00 9.21  ? 15  ARG A N   1 
ATOM   240  C CA  . ARG A 1 28  ? -16.272 0.842   -5.180  1.00 10.87 ? 15  ARG A CA  1 
ATOM   241  C C   . ARG A 1 28  ? -17.284 1.545   -4.310  1.00 11.08 ? 15  ARG A C   1 
ATOM   242  O O   . ARG A 1 28  ? -17.060 2.672   -3.873  1.00 12.31 ? 15  ARG A O   1 
ATOM   243  C CB  . ARG A 1 28  ? -16.664 0.957   -6.651  1.00 10.16 ? 15  ARG A CB  1 
ATOM   244  C CG  . ARG A 1 28  ? -16.683 2.377   -7.207  1.00 11.43 ? 15  ARG A CG  1 
ATOM   245  C CD  . ARG A 1 28  ? -17.691 2.505   -8.363  1.00 15.17 ? 15  ARG A CD  1 
ATOM   246  N NE  . ARG A 1 28  ? -19.054 2.303   -7.882  1.00 15.59 ? 15  ARG A NE  1 
ATOM   247  C CZ  . ARG A 1 28  ? -19.746 3.202   -7.192  1.00 20.46 ? 15  ARG A CZ  1 
ATOM   248  N NH1 . ARG A 1 28  ? -19.224 4.400   -6.942  1.00 23.27 ? 15  ARG A NH1 1 
ATOM   249  N NH2 . ARG A 1 28  ? -20.967 2.915   -6.764  1.00 28.65 ? 15  ARG A NH2 1 
ATOM   250  N N   A SER A 1 29  ? -18.420 0.897   -4.070  0.66 12.11 ? 16  SER A N   1 
ATOM   251  N N   B SER A 1 29  ? -18.410 0.884   -4.064  0.34 12.15 ? 16  SER A N   1 
ATOM   252  C CA  A SER A 1 29  ? -19.409 1.488   -3.182  0.66 14.52 ? 16  SER A CA  1 
ATOM   253  C CA  B SER A 1 29  ? -19.430 1.436   -3.183  0.34 14.63 ? 16  SER A CA  1 
ATOM   254  C C   A SER A 1 29  ? -18.814 1.775   -1.808  0.66 14.75 ? 16  SER A C   1 
ATOM   255  C C   B SER A 1 29  ? -18.863 1.740   -1.799  0.34 14.60 ? 16  SER A C   1 
ATOM   256  O O   A SER A 1 29  ? -19.005 2.858   -1.254  0.66 16.84 ? 16  SER A O   1 
ATOM   257  O O   B SER A 1 29  ? -19.114 2.805   -1.235  0.34 17.01 ? 16  SER A O   1 
ATOM   258  C CB  A SER A 1 29  ? -20.632 0.584   -3.039  0.66 15.82 ? 16  SER A CB  1 
ATOM   259  C CB  B SER A 1 29  ? -20.613 0.473   -3.077  0.34 15.48 ? 16  SER A CB  1 
ATOM   260  O OG  A SER A 1 29  ? -21.577 1.194   -2.173  0.66 21.89 ? 16  SER A OG  1 
ATOM   261  O OG  B SER A 1 29  ? -21.265 0.341   -4.330  0.34 19.29 ? 16  SER A OG  1 
ATOM   262  N N   . GLU A 1 30  ? -18.079 0.812   -1.261  1.00 14.19 ? 17  GLU A N   1 
ATOM   263  C CA  . GLU A 1 30  ? -17.497 0.991   0.060   1.00 15.20 ? 17  GLU A CA  1 
ATOM   264  C C   . GLU A 1 30  ? -16.416 2.075   0.066   1.00 15.82 ? 17  GLU A C   1 
ATOM   265  O O   . GLU A 1 30  ? -16.366 2.891   0.981   1.00 15.43 ? 17  GLU A O   1 
ATOM   266  C CB  . GLU A 1 30  ? -16.920 -0.331  0.571   1.00 19.09 ? 17  GLU A CB  1 
ATOM   267  C CG  . GLU A 1 30  ? -16.449 -0.300  2.027   1.00 33.17 ? 17  GLU A CG  1 
ATOM   268  C CD  . GLU A 1 30  ? -17.582 -0.138  3.038   1.00 55.22 ? 17  GLU A CD  1 
ATOM   269  O OE1 . GLU A 1 30  ? -18.759 -0.042  2.629   1.00 50.06 ? 17  GLU A OE1 1 
ATOM   270  O OE2 . GLU A 1 30  ? -17.289 -0.106  4.253   1.00 50.57 ? 17  GLU A OE2 1 
ATOM   271  N N   . GLY A 1 31  ? -15.557 2.081   -0.949  1.00 13.04 ? 18  GLY A N   1 
ATOM   272  C CA  . GLY A 1 31  ? -14.495 3.062   -1.037  1.00 12.13 ? 18  GLY A CA  1 
ATOM   273  C C   . GLY A 1 31  ? -15.076 4.453   -1.126  1.00 13.17 ? 18  GLY A C   1 
ATOM   274  O O   . GLY A 1 31  ? -14.579 5.371   -0.480  1.00 12.86 ? 18  GLY A O   1 
ATOM   275  N N   . GLU A 1 32  ? -16.143 4.614   -1.907  1.00 12.59 ? 19  GLU A N   1 
ATOM   276  C CA  . GLU A 1 32  ? -16.754 5.931   -2.073  1.00 13.50 ? 19  GLU A CA  1 
ATOM   277  C C   . GLU A 1 32  ? -17.316 6.428   -0.748  1.00 15.81 ? 19  GLU A C   1 
ATOM   278  O O   . GLU A 1 32  ? -17.133 7.589   -0.366  1.00 15.96 ? 19  GLU A O   1 
ATOM   279  C CB  . GLU A 1 32  ? -17.853 5.865   -3.134  1.00 15.92 ? 19  GLU A CB  1 
ATOM   280  C CG  . GLU A 1 32  ? -18.520 7.188   -3.434  1.00 20.85 ? 19  GLU A CG  1 
ATOM   281  C CD  . GLU A 1 32  ? -19.456 7.107   -4.630  1.00 30.21 ? 19  GLU A CD  1 
ATOM   282  O OE1 . GLU A 1 32  ? -20.188 6.102   -4.749  1.00 30.33 ? 19  GLU A OE1 1 
ATOM   283  O OE2 . GLU A 1 32  ? -19.455 8.049   -5.448  1.00 42.51 ? 19  GLU A OE2 1 
ATOM   284  N N   . LYS A 1 33  ? -18.014 5.543   -0.051  1.00 14.96 ? 20  LYS A N   1 
ATOM   285  C CA  . LYS A 1 33  ? -18.563 5.862   1.259   1.00 16.24 ? 20  LYS A CA  1 
ATOM   286  C C   . LYS A 1 33  ? -17.483 6.274   2.261   1.00 14.60 ? 20  LYS A C   1 
ATOM   287  O O   . LYS A 1 33  ? -17.643 7.245   3.014   1.00 14.83 ? 20  LYS A O   1 
ATOM   288  C CB  . LYS A 1 33  ? -19.345 4.660   1.791   1.00 18.27 ? 20  LYS A CB  1 
ATOM   289  C CG  . LYS A 1 33  ? -19.556 4.646   3.293   1.00 34.84 ? 20  LYS A CG  1 
ATOM   290  C CD  . LYS A 1 33  ? -20.255 3.364   3.724   1.00 47.25 ? 20  LYS A CD  1 
ATOM   291  C CE  . LYS A 1 33  ? -20.135 3.135   5.223   1.00 51.24 ? 20  LYS A CE  1 
ATOM   292  N NZ  . LYS A 1 33  ? -18.751 2.746   5.616   1.00 49.93 ? 20  LYS A NZ  1 
ATOM   293  N N   . ILE A 1 34  ? -16.382 5.526   2.280   1.00 12.73 ? 21  ILE A N   1 
ATOM   294  C CA  . ILE A 1 34  ? -15.287 5.784   3.217   1.00 12.42 ? 21  ILE A CA  1 
ATOM   295  C C   . ILE A 1 34  ? -14.624 7.135   2.931   1.00 14.26 ? 21  ILE A C   1 
ATOM   296  O O   . ILE A 1 34  ? -14.321 7.893   3.850   1.00 15.91 ? 21  ILE A O   1 
ATOM   297  C CB  . ILE A 1 34  ? -14.269 4.649   3.149   1.00 14.45 ? 21  ILE A CB  1 
ATOM   298  C CG1 . ILE A 1 34  ? -14.845 3.411   3.835   1.00 21.71 ? 21  ILE A CG1 1 
ATOM   299  C CG2 . ILE A 1 34  ? -12.968 5.026   3.822   1.00 16.61 ? 21  ILE A CG2 1 
ATOM   300  C CD1 . ILE A 1 34  ? -14.081 2.137   3.519   1.00 17.64 ? 21  ILE A CD1 1 
ATOM   301  N N   . ARG A 1 35  ? -14.456 7.456   1.657   1.00 12.67 ? 22  ARG A N   1 
ATOM   302  C CA  . ARG A 1 35  ? -13.842 8.724   1.289   1.00 13.45 ? 22  ARG A CA  1 
ATOM   303  C C   . ARG A 1 35  ? -14.712 9.900   1.718   1.00 15.62 ? 22  ARG A C   1 
ATOM   304  O O   . ARG A 1 35  ? -14.203 10.973  2.066   1.00 17.46 ? 22  ARG A O   1 
ATOM   305  C CB  . ARG A 1 35  ? -13.596 8.763   -0.216  1.00 16.02 ? 22  ARG A CB  1 
ATOM   306  C CG  . ARG A 1 35  ? -12.341 7.996   -0.615  1.00 20.74 ? 22  ARG A CG  1 
ATOM   307  C CD  . ARG A 1 35  ? -11.110 8.670   -0.062  1.00 23.23 ? 22  ARG A CD  1 
ATOM   308  N NE  . ARG A 1 35  ? -10.760 9.843   -0.849  1.00 15.21 ? 22  ARG A NE  1 
ATOM   309  C CZ  . ARG A 1 35  ? -10.044 10.869  -0.416  1.00 13.88 ? 22  ARG A CZ  1 
ATOM   310  N NH1 . ARG A 1 35  ? -9.586  10.910  0.832   1.00 19.96 ? 22  ARG A NH1 1 
ATOM   311  N NH2 . ARG A 1 35  ? -9.784  11.870  -1.239  1.00 17.67 ? 22  ARG A NH2 1 
ATOM   312  N N   . LYS A 1 36  ? -16.025 9.704   1.705   1.00 17.35 ? 23  LYS A N   1 
ATOM   313  C CA  . LYS A 1 36  ? -16.928 10.775  2.121   1.00 16.94 ? 23  LYS A CA  1 
ATOM   314  C C   . LYS A 1 36  ? -16.955 10.901  3.637   1.00 15.92 ? 23  LYS A C   1 
ATOM   315  O O   . LYS A 1 36  ? -16.990 12.016  4.184   1.00 18.41 ? 23  LYS A O   1 
ATOM   316  C CB  . LYS A 1 36  ? -18.342 10.532  1.599   1.00 18.89 ? 23  LYS A CB  1 
ATOM   317  C CG  . LYS A 1 36  ? -19.301 11.672  1.945   1.00 41.71 ? 23  LYS A CG  1 
ATOM   318  C CD  . LYS A 1 36  ? -20.740 11.191  2.095   1.00 50.02 ? 23  LYS A CD  1 
ATOM   319  C CE  . LYS A 1 36  ? -21.568 12.223  2.856   1.00 51.98 ? 23  LYS A CE  1 
ATOM   320  N NZ  . LYS A 1 36  ? -20.857 13.533  2.947   1.00 49.97 ? 23  LYS A NZ  1 
ATOM   321  N N   . LYS A 1 37  ? -16.941 9.763   4.321   1.00 14.29 ? 24  LYS A N   1 
ATOM   322  C CA  . LYS A 1 37  ? -17.070 9.749   5.772   1.00 17.56 ? 24  LYS A CA  1 
ATOM   323  C C   . LYS A 1 37  ? -15.819 10.236  6.485   1.00 19.11 ? 24  LYS A C   1 
ATOM   324  O O   . LYS A 1 37  ? -15.909 10.902  7.510   1.00 18.55 ? 24  LYS A O   1 
ATOM   325  C CB  . LYS A 1 37  ? -17.410 8.347   6.263   1.00 17.75 ? 24  LYS A CB  1 
ATOM   326  C CG  . LYS A 1 37  ? -17.718 8.303   7.751   1.00 21.92 ? 24  LYS A CG  1 
ATOM   327  C CD  . LYS A 1 37  ? -18.487 7.050   8.120   1.00 30.89 ? 24  LYS A CD  1 
ATOM   328  C CE  . LYS A 1 37  ? -18.789 7.013   9.608   1.00 39.38 ? 24  LYS A CE  1 
ATOM   329  N NZ  . LYS A 1 37  ? -19.356 5.696   10.005  1.00 50.20 ? 24  LYS A NZ  1 
ATOM   330  N N   . TYR A 1 38  ? -14.656 9.897   5.938   1.00 15.27 ? 25  TYR A N   1 
ATOM   331  C CA  . TYR A 1 38  ? -13.377 10.228  6.553   1.00 15.14 ? 25  TYR A CA  1 
ATOM   332  C C   . TYR A 1 38  ? -12.506 11.022  5.589   1.00 13.95 ? 25  TYR A C   1 
ATOM   333  O O   . TYR A 1 38  ? -11.514 10.504  5.062   1.00 13.87 ? 25  TYR A O   1 
ATOM   334  C CB  . TYR A 1 38  ? -12.642 8.957   6.990   1.00 15.41 ? 25  TYR A CB  1 
ATOM   335  C CG  . TYR A 1 38  ? -13.438 8.092   7.945   1.00 16.58 ? 25  TYR A CG  1 
ATOM   336  C CD1 . TYR A 1 38  ? -13.525 8.410   9.292   1.00 18.51 ? 25  TYR A CD1 1 
ATOM   337  C CD2 . TYR A 1 38  ? -14.107 6.970   7.493   1.00 17.30 ? 25  TYR A CD2 1 
ATOM   338  C CE1 . TYR A 1 38  ? -14.254 7.623   10.157  1.00 20.46 ? 25  TYR A CE1 1 
ATOM   339  C CE2 . TYR A 1 38  ? -14.840 6.175   8.348   1.00 19.30 ? 25  TYR A CE2 1 
ATOM   340  C CZ  . TYR A 1 38  ? -14.910 6.508   9.676   1.00 19.77 ? 25  TYR A CZ  1 
ATOM   341  O OH  . TYR A 1 38  ? -15.641 5.715   10.525  1.00 27.11 ? 25  TYR A OH  1 
ATOM   342  N N   . PRO A 1 39  ? -12.835 12.298  5.382   1.00 14.77 ? 26  PRO A N   1 
ATOM   343  C CA  . PRO A 1 39  ? -12.190 13.020  4.282   1.00 17.18 ? 26  PRO A CA  1 
ATOM   344  C C   . PRO A 1 39  ? -10.733 13.388  4.538   1.00 17.54 ? 26  PRO A C   1 
ATOM   345  O O   . PRO A 1 39  ? -10.061 13.771  3.582   1.00 17.32 ? 26  PRO A O   1 
ATOM   346  C CB  . PRO A 1 39  ? -13.050 14.279  4.140   1.00 22.04 ? 26  PRO A CB  1 
ATOM   347  C CG  . PRO A 1 39  ? -13.678 14.462  5.480   1.00 22.38 ? 26  PRO A CG  1 
ATOM   348  C CD  . PRO A 1 39  ? -13.911 13.082  6.016   1.00 16.87 ? 26  PRO A CD  1 
ATOM   349  N N   . ASP A 1 40  ? -10.255 13.247  5.774   1.00 14.59 ? 27  ASP A N   1 
ATOM   350  C CA  . ASP A 1 40  ? -8.868  13.579  6.078   1.00 13.56 ? 27  ASP A CA  1 
ATOM   351  C C   . ASP A 1 40  ? -8.007  12.321  6.168   1.00 12.14 ? 27  ASP A C   1 
ATOM   352  O O   . ASP A 1 40  ? -6.855  12.385  6.578   1.00 12.91 ? 27  ASP A O   1 
ATOM   353  C CB  . ASP A 1 40  ? -8.772  14.415  7.367   1.00 19.44 ? 27  ASP A CB  1 
ATOM   354  C CG  . ASP A 1 40  ? -9.389  13.727  8.581   1.00 37.97 ? 27  ASP A CG  1 
ATOM   355  O OD1 . ASP A 1 40  ? -10.008 12.661  8.418   1.00 26.41 ? 27  ASP A OD1 1 
ATOM   356  O OD2 . ASP A 1 40  ? -9.277  14.269  9.706   1.00 25.88 ? 27  ASP A OD2 1 
ATOM   357  N N   . ARG A 1 41  ? -8.574  11.188  5.741   1.00 10.88 ? 28  ARG A N   1 
ATOM   358  C CA  . ARG A 1 41  ? -7.855  9.912   5.652   1.00 10.43 ? 28  ARG A CA  1 
ATOM   359  C C   . ARG A 1 41  ? -8.018  9.307   4.263   1.00 7.89  ? 28  ARG A C   1 
ATOM   360  O O   . ARG A 1 41  ? -8.907  9.714   3.509   1.00 10.33 ? 28  ARG A O   1 
ATOM   361  C CB  . ARG A 1 41  ? -8.355  8.912   6.703   1.00 9.87  ? 28  ARG A CB  1 
ATOM   362  C CG  . ARG A 1 41  ? -8.059  9.344   8.119   1.00 12.97 ? 28  ARG A CG  1 
ATOM   363  C CD  . ARG A 1 41  ? -8.711  8.445   9.179   1.00 14.40 ? 28  ARG A CD  1 
ATOM   364  N NE  . ARG A 1 41  ? -8.282  8.871   10.516  1.00 11.98 ? 28  ARG A NE  1 
ATOM   365  C CZ  . ARG A 1 41  ? -7.238  8.378   11.166  1.00 13.54 ? 28  ARG A CZ  1 
ATOM   366  N NH1 . ARG A 1 41  ? -6.506  7.416   10.633  1.00 13.69 ? 28  ARG A NH1 1 
ATOM   367  N NH2 . ARG A 1 41  ? -6.919  8.860   12.371  1.00 14.08 ? 28  ARG A NH2 1 
ATOM   368  N N   . VAL A 1 42  ? -7.159  8.364   3.924   1.00 9.29  ? 29  VAL A N   1 
ATOM   369  C CA  . VAL A 1 42  ? -7.305  7.641   2.673   1.00 8.60  ? 29  VAL A CA  1 
ATOM   370  C C   . VAL A 1 42  ? -7.394  6.151   2.980   1.00 8.42  ? 29  VAL A C   1 
ATOM   371  O O   . VAL A 1 42  ? -6.731  5.649   3.900   1.00 9.59  ? 29  VAL A O   1 
ATOM   372  C CB  . VAL A 1 42  ? -6.118  7.923   1.712   1.00 9.59  ? 29  VAL A CB  1 
ATOM   373  C CG1 . VAL A 1 42  ? -6.173  9.374   1.220   1.00 11.88 ? 29  VAL A CG1 1 
ATOM   374  C CG2 . VAL A 1 42  ? -4.754  7.592   2.366   1.00 9.99  ? 29  VAL A CG2 1 
ATOM   375  N N   . PRO A 1 43  ? -8.237  5.427   2.222   1.00 9.22  ? 30  PRO A N   1 
ATOM   376  C CA  . PRO A 1 43  ? -8.400  3.979   2.457   1.00 8.04  ? 30  PRO A CA  1 
ATOM   377  C C   . PRO A 1 43  ? -7.361  3.137   1.743   1.00 7.12  ? 30  PRO A C   1 
ATOM   378  O O   . PRO A 1 43  ? -7.163  3.298   0.530   1.00 8.94  ? 30  PRO A O   1 
ATOM   379  C CB  . PRO A 1 43  ? -9.794  3.698   1.913   1.00 11.69 ? 30  PRO A CB  1 
ATOM   380  C CG  . PRO A 1 43  ? -10.003 4.746   0.872   1.00 10.39 ? 30  PRO A CG  1 
ATOM   381  C CD  . PRO A 1 43  ? -9.271  5.967   1.316   1.00 7.60  ? 30  PRO A CD  1 
ATOM   382  N N   . VAL A 1 44  ? -6.707  2.256   2.494   1.00 8.41  ? 31  VAL A N   1 
ATOM   383  C CA  . VAL A 1 44  ? -5.575  1.521   1.983   1.00 7.28  ? 31  VAL A CA  1 
ATOM   384  C C   . VAL A 1 44  ? -5.714  0.062   2.299   1.00 8.32  ? 31  VAL A C   1 
ATOM   385  O O   . VAL A 1 44  ? -6.012  -0.315  3.435   1.00 9.99  ? 31  VAL A O   1 
ATOM   386  C CB  . VAL A 1 44  ? -4.242  2.064   2.580   1.00 8.52  ? 31  VAL A CB  1 
ATOM   387  C CG1 . VAL A 1 44  ? -3.047  1.464   1.875   1.00 9.71  ? 31  VAL A CG1 1 
ATOM   388  C CG2 . VAL A 1 44  ? -4.174  3.598   2.498   1.00 9.02  ? 31  VAL A CG2 1 
ATOM   389  N N   . ILE A 1 45  ? -5.482  -0.750  1.272   1.00 7.67  ? 32  ILE A N   1 
ATOM   390  C CA  . ILE A 1 45  ? -5.405  -2.188  1.434   1.00 8.48  ? 32  ILE A CA  1 
ATOM   391  C C   . ILE A 1 45  ? -3.930  -2.558  1.413   1.00 8.16  ? 32  ILE A C   1 
ATOM   392  O O   . ILE A 1 45  ? -3.222  -2.195  0.487   1.00 8.96  ? 32  ILE A O   1 
ATOM   393  C CB  . ILE A 1 45  ? -6.166  -2.934  0.313   1.00 8.48  ? 32  ILE A CB  1 
ATOM   394  C CG1 . ILE A 1 45  ? -7.649  -2.546  0.319   1.00 9.53  ? 32  ILE A CG1 1 
ATOM   395  C CG2 . ILE A 1 45  ? -5.964  -4.430  0.452   1.00 9.75  ? 32  ILE A CG2 1 
ATOM   396  C CD1 . ILE A 1 45  ? -8.391  -3.002  1.549   1.00 10.56 ? 32  ILE A CD1 1 
ATOM   397  N N   . VAL A 1 46  ? -3.472  -3.277  2.433   1.00 7.78  ? 33  VAL A N   1 
ATOM   398  C CA  . VAL A 1 46  ? -2.042  -3.562  2.573   1.00 8.28  ? 33  VAL A CA  1 
ATOM   399  C C   . VAL A 1 46  ? -1.866  -5.055  2.744   1.00 8.95  ? 33  VAL A C   1 
ATOM   400  O O   . VAL A 1 46  ? -2.389  -5.610  3.705   1.00 11.69 ? 33  VAL A O   1 
ATOM   401  C CB  . VAL A 1 46  ? -1.400  -2.826  3.777   1.00 8.41  ? 33  VAL A CB  1 
ATOM   402  C CG1 . VAL A 1 46  ? 0.135   -3.026  3.766   1.00 11.10 ? 33  VAL A CG1 1 
ATOM   403  C CG2 . VAL A 1 46  ? -1.712  -1.366  3.748   1.00 11.51 ? 33  VAL A CG2 1 
ATOM   404  N N   . GLU A 1 47  ? -1.150  -5.686  1.822   1.00 8.23  ? 34  GLU A N   1 
ATOM   405  C CA  . GLU A 1 47  ? -1.034  -7.146  1.871   1.00 9.38  ? 34  GLU A CA  1 
ATOM   406  C C   . GLU A 1 47  ? 0.395   -7.575  1.569   1.00 8.81  ? 34  GLU A C   1 
ATOM   407  O O   . GLU A 1 47  ? 1.095   -6.968  0.768   1.00 9.07  ? 34  GLU A O   1 
ATOM   408  C CB  . GLU A 1 47  ? -2.035  -7.787  0.881   1.00 12.13 ? 34  GLU A CB  1 
ATOM   409  C CG  . GLU A 1 47  ? -3.542  -7.636  1.287   1.00 14.15 ? 34  GLU A CG  1 
ATOM   410  C CD  . GLU A 1 47  ? -4.521  -8.403  0.381   1.00 16.90 ? 34  GLU A CD  1 
ATOM   411  O OE1 . GLU A 1 47  ? -4.125  -9.492  -0.120  1.00 16.53 ? 34  GLU A OE1 1 
ATOM   412  O OE2 . GLU A 1 47  ? -5.674  -7.912  0.174   1.00 13.25 ? 34  GLU A OE2 1 
ATOM   413  N N   . LYS A 1 48  ? 0.842   -8.635  2.228   1.00 11.89 ? 35  LYS A N   1 
ATOM   414  C CA  . LYS A 1 48  ? 2.184   -9.163  2.010   1.00 11.29 ? 35  LYS A CA  1 
ATOM   415  C C   . LYS A 1 48  ? 2.371   -9.735  0.603   1.00 11.60 ? 35  LYS A C   1 
ATOM   416  O O   . LYS A 1 48  ? 1.506   -10.468 0.111   1.00 14.71 ? 35  LYS A O   1 
ATOM   417  C CB  . LYS A 1 48  ? 2.473   -10.260 3.040   1.00 12.42 ? 35  LYS A CB  1 
ATOM   418  C CG  . LYS A 1 48  ? 3.915   -10.714 3.106   1.00 12.65 ? 35  LYS A CG  1 
ATOM   419  C CD  . LYS A 1 48  ? 4.016   -11.910 4.077   1.00 16.33 ? 35  LYS A CD  1 
ATOM   420  C CE  . LYS A 1 48  ? 3.379   -13.156 3.493   1.00 18.52 ? 35  LYS A CE  1 
ATOM   421  N NZ  . LYS A 1 48  ? 4.109   -13.649 2.292   1.00 21.79 ? 35  LYS A NZ  1 
ATOM   422  N N   . ALA A 1 49  ? 3.496   -9.417  -0.031  1.00 12.37 ? 36  ALA A N   1 
ATOM   423  C CA  . ALA A 1 49  ? 3.891   -10.033 -1.300  1.00 13.64 ? 36  ALA A CA  1 
ATOM   424  C C   . ALA A 1 49  ? 3.981   -11.541 -1.112  1.00 15.80 ? 36  ALA A C   1 
ATOM   425  O O   . ALA A 1 49  ? 4.385   -12.005 -0.051  1.00 16.09 ? 36  ALA A O   1 
ATOM   426  C CB  . ALA A 1 49  ? 5.211   -9.479  -1.777  1.00 17.08 ? 36  ALA A CB  1 
ATOM   427  N N   . PRO A 1 50  ? 3.614   -12.309 -2.146  1.00 22.22 ? 37  PRO A N   1 
ATOM   428  C CA  . PRO A 1 50  ? 3.470   -13.766 -2.041  1.00 25.20 ? 37  PRO A CA  1 
ATOM   429  C C   . PRO A 1 50  ? 4.671   -14.492 -1.444  1.00 21.62 ? 37  PRO A C   1 
ATOM   430  O O   . PRO A 1 50  ? 4.493   -15.307 -0.531  1.00 29.33 ? 37  PRO A O   1 
ATOM   431  C CB  . PRO A 1 50  ? 3.258   -14.189 -3.495  1.00 25.34 ? 37  PRO A CB  1 
ATOM   432  C CG  . PRO A 1 50  ? 2.567   -13.030 -4.108  1.00 28.37 ? 37  PRO A CG  1 
ATOM   433  C CD  . PRO A 1 50  ? 3.200   -11.819 -3.473  1.00 21.59 ? 37  PRO A CD  1 
ATOM   434  N N   . LYS A 1 51  ? 5.870   -14.203 -1.931  1.00 22.65 ? 38  LYS A N   1 
ATOM   435  C CA  . LYS A 1 51  ? 7.041   -14.966 -1.508  1.00 23.25 ? 38  LYS A CA  1 
ATOM   436  C C   . LYS A 1 51  ? 7.760   -14.380 -0.294  1.00 23.28 ? 38  LYS A C   1 
ATOM   437  O O   . LYS A 1 51  ? 8.760   -14.934 0.163   1.00 24.06 ? 38  LYS A O   1 
ATOM   438  C CB  . LYS A 1 51  ? 8.029   -15.107 -2.666  1.00 34.21 ? 38  LYS A CB  1 
ATOM   439  C CG  . LYS A 1 51  ? 7.447   -15.790 -3.891  1.00 57.73 ? 38  LYS A CG  1 
ATOM   440  C CD  . LYS A 1 51  ? 8.484   -15.911 -5.000  1.00 58.30 ? 38  LYS A CD  1 
ATOM   441  C CE  . LYS A 1 51  ? 7.852   -16.434 -6.282  1.00 61.61 ? 38  LYS A CE  1 
ATOM   442  N NZ  . LYS A 1 51  ? 8.147   -15.558 -7.449  1.00 52.62 ? 38  LYS A NZ  1 
ATOM   443  N N   . ALA A 1 52  ? 7.253   -13.276 0.247   1.00 19.23 ? 39  ALA A N   1 
ATOM   444  C CA  . ALA A 1 52  ? 7.898   -12.642 1.392   1.00 15.59 ? 39  ALA A CA  1 
ATOM   445  C C   . ALA A 1 52  ? 7.813   -13.491 2.659   1.00 13.25 ? 39  ALA A C   1 
ATOM   446  O O   . ALA A 1 52  ? 6.753   -13.988 3.006   1.00 14.47 ? 39  ALA A O   1 
ATOM   447  C CB  . ALA A 1 52  ? 7.290   -11.274 1.641   1.00 19.19 ? 39  ALA A CB  1 
ATOM   448  N N   . ARG A 1 53  ? 8.937   -13.640 3.349   1.00 15.06 ? 40  ARG A N   1 
ATOM   449  C CA  . ARG A 1 53  ? 8.993   -14.482 4.545   1.00 13.50 ? 40  ARG A CA  1 
ATOM   450  C C   . ARG A 1 53  ? 8.990   -13.635 5.801   1.00 13.12 ? 40  ARG A C   1 
ATOM   451  O O   . ARG A 1 53  ? 9.921   -13.692 6.614   1.00 22.22 ? 40  ARG A O   1 
ATOM   452  C CB  . ARG A 1 53  ? 10.226  -15.392 4.497   1.00 15.11 ? 40  ARG A CB  1 
ATOM   453  C CG  . ARG A 1 53  ? 10.207  -16.339 3.317   1.00 15.14 ? 40  ARG A CG  1 
ATOM   454  C CD  . ARG A 1 53  ? 9.003   -17.247 3.365   1.00 17.95 ? 40  ARG A CD  1 
ATOM   455  N NE  . ARG A 1 53  ? 8.933   -17.976 4.629   1.00 20.32 ? 40  ARG A NE  1 
ATOM   456  C CZ  . ARG A 1 53  ? 8.153   -19.032 4.840   1.00 23.11 ? 40  ARG A CZ  1 
ATOM   457  N NH1 . ARG A 1 53  ? 7.379   -19.493 3.859   1.00 26.84 ? 40  ARG A NH1 1 
ATOM   458  N NH2 . ARG A 1 53  ? 8.151   -19.633 6.026   1.00 13.81 ? 40  ARG A NH2 1 
ATOM   459  N N   . ILE A 1 54  ? 7.931   -12.856 5.963   1.00 11.45 ? 41  ILE A N   1 
ATOM   460  C CA  . ILE A 1 54  ? 7.761   -11.962 7.094   1.00 10.94 ? 41  ILE A CA  1 
ATOM   461  C C   . ILE A 1 54  ? 6.312   -12.019 7.547   1.00 11.32 ? 41  ILE A C   1 
ATOM   462  O O   . ILE A 1 54  ? 5.495   -12.692 6.924   1.00 11.86 ? 41  ILE A O   1 
ATOM   463  C CB  . ILE A 1 54  ? 8.159   -10.520 6.751   1.00 16.50 ? 41  ILE A CB  1 
ATOM   464  C CG1 . ILE A 1 54  ? 7.437   -10.055 5.491   1.00 15.72 ? 41  ILE A CG1 1 
ATOM   465  C CG2 . ILE A 1 54  ? 9.684   -10.419 6.620   1.00 17.97 ? 41  ILE A CG2 1 
ATOM   466  C CD1 . ILE A 1 54  ? 7.715   -8.580  5.149   1.00 21.67 ? 41  ILE A CD1 1 
ATOM   467  N N   . GLY A 1 55  ? 6.000   -11.338 8.642   1.00 10.38 ? 42  GLY A N   1 
ATOM   468  C CA  . GLY A 1 55  ? 4.689   -11.437 9.248   1.00 13.38 ? 42  GLY A CA  1 
ATOM   469  C C   . GLY A 1 55  ? 3.566   -10.914 8.380   1.00 14.18 ? 42  GLY A C   1 
ATOM   470  O O   . GLY A 1 55  ? 3.778   -10.045 7.520   1.00 13.05 ? 42  GLY A O   1 
ATOM   471  N N   . ASP A 1 56  ? 2.370   -11.453 8.600   1.00 15.86 ? 43  ASP A N   1 
ATOM   472  C CA  . ASP A 1 56  ? 1.185   -11.008 7.873   1.00 14.05 ? 43  ASP A CA  1 
ATOM   473  C C   . ASP A 1 56  ? 0.460   -9.918  8.633   1.00 17.34 ? 43  ASP A C   1 
ATOM   474  O O   . ASP A 1 56  ? 0.549   -9.838  9.857   1.00 23.88 ? 43  ASP A O   1 
ATOM   475  C CB  . ASP A 1 56  ? 0.228   -12.167 7.613   1.00 23.09 ? 43  ASP A CB  1 
ATOM   476  C CG  . ASP A 1 56  ? 0.762   -13.128 6.589   1.00 37.82 ? 43  ASP A CG  1 
ATOM   477  O OD1 . ASP A 1 56  ? 0.648   -12.818 5.382   1.00 40.06 ? 43  ASP A OD1 1 
ATOM   478  O OD2 . ASP A 1 56  ? 1.287   -14.187 6.988   1.00 41.19 ? 43  ASP A OD2 1 
ATOM   479  N N   . LEU A 1 57  ? -0.217  -9.050  7.899   1.00 17.62 ? 44  LEU A N   1 
ATOM   480  C CA  . LEU A 1 57  ? -1.062  -8.028  8.498   1.00 17.88 ? 44  LEU A CA  1 
ATOM   481  C C   . LEU A 1 57  ? -2.472  -8.512  8.628   1.00 17.64 ? 44  LEU A C   1 
ATOM   482  O O   . LEU A 1 57  ? -2.945  -9.291  7.802   1.00 18.90 ? 44  LEU A O   1 
ATOM   483  C CB  . LEU A 1 57  ? -1.084  -6.758  7.657   1.00 19.37 ? 44  LEU A CB  1 
ATOM   484  C CG  . LEU A 1 57  ? 0.063   -5.771  7.718   1.00 15.89 ? 44  LEU A CG  1 
ATOM   485  C CD1 . LEU A 1 57  ? -0.291  -4.687  6.749   1.00 18.16 ? 44  LEU A CD1 1 
ATOM   486  C CD2 . LEU A 1 57  ? 0.215   -5.200  9.105   1.00 20.04 ? 44  LEU A CD2 1 
ATOM   487  N N   . ASP A 1 58  ? -3.157  -8.019  9.650   1.00 17.66 ? 45  ASP A N   1 
ATOM   488  C CA  . ASP A 1 58  ? -4.590  -8.218  9.760   1.00 16.73 ? 45  ASP A CA  1 
ATOM   489  C C   . ASP A 1 58  ? -5.297  -7.735  8.501   1.00 19.87 ? 45  ASP A C   1 
ATOM   490  O O   . ASP A 1 58  ? -4.871  -6.758  7.875   1.00 18.44 ? 45  ASP A O   1 
ATOM   491  C CB  . ASP A 1 58  ? -5.136  -7.468  10.974  1.00 20.46 ? 45  ASP A CB  1 
ATOM   492  C CG  . ASP A 1 58  ? -4.855  -8.183  12.281  1.00 44.82 ? 45  ASP A CG  1 
ATOM   493  O OD1 . ASP A 1 58  ? -4.175  -9.228  12.256  1.00 38.77 ? 45  ASP A OD1 1 
ATOM   494  O OD2 . ASP A 1 58  ? -5.302  -7.686  13.335  1.00 47.90 ? 45  ASP A OD2 1 
ATOM   495  N N   . LYS A 1 59  ? -6.364  -8.433  8.134   1.00 17.46 ? 46  LYS A N   1 
ATOM   496  C CA  . LYS A 1 59  ? -7.212  -8.030  7.020   1.00 16.77 ? 46  LYS A CA  1 
ATOM   497  C C   . LYS A 1 59  ? -8.133  -6.898  7.460   1.00 16.59 ? 46  LYS A C   1 
ATOM   498  O O   . LYS A 1 59  ? -9.204  -7.133  8.012   1.00 18.70 ? 46  LYS A O   1 
ATOM   499  C CB  . LYS A 1 59  ? -8.011  -9.225  6.504   1.00 20.73 ? 46  LYS A CB  1 
ATOM   500  C CG  . LYS A 1 59  ? -7.150  -10.219 5.723   1.00 29.48 ? 46  LYS A CG  1 
ATOM   501  C CD  . LYS A 1 59  ? -7.780  -11.605 5.643   1.00 27.50 ? 46  LYS A CD  1 
ATOM   502  C CE  . LYS A 1 59  ? -9.071  -11.624 4.844   1.00 42.57 ? 46  LYS A CE  1 
ATOM   503  N NZ  . LYS A 1 59  ? -9.496  -13.007 4.476   1.00 50.44 ? 46  LYS A NZ  1 
ATOM   504  N N   . LYS A 1 60  ? -7.680  -5.666  7.243   1.00 13.61 ? 47  LYS A N   1 
ATOM   505  C CA  . LYS A 1 60  ? -8.448  -4.476  7.581   1.00 14.40 ? 47  LYS A CA  1 
ATOM   506  C C   . LYS A 1 60  ? -8.477  -3.554  6.394   1.00 13.67 ? 47  LYS A C   1 
ATOM   507  O O   . LYS A 1 60  ? -7.630  -3.646  5.517   1.00 13.78 ? 47  LYS A O   1 
ATOM   508  C CB  . LYS A 1 60  ? -7.831  -3.712  8.752   1.00 17.43 ? 47  LYS A CB  1 
ATOM   509  C CG  . LYS A 1 60  ? -7.653  -4.515  10.030  1.00 21.89 ? 47  LYS A CG  1 
ATOM   510  C CD  . LYS A 1 60  ? -8.992  -4.717  10.727  1.00 27.66 ? 47  LYS A CD  1 
ATOM   511  C CE  . LYS A 1 60  ? -8.807  -5.087  12.190  1.00 35.15 ? 47  LYS A CE  1 
ATOM   512  N NZ  . LYS A 1 60  ? -8.416  -3.905  13.008  1.00 44.69 ? 47  LYS A NZ  1 
ATOM   513  N N   . LYS A 1 61  ? -9.434  -2.640  6.392   1.00 12.62 ? 48  LYS A N   1 
ATOM   514  C CA  . LYS A 1 61  ? -9.344  -1.460  5.560   1.00 13.05 ? 48  LYS A CA  1 
ATOM   515  C C   . LYS A 1 61  ? -8.611  -0.414  6.387   1.00 13.08 ? 48  LYS A C   1 
ATOM   516  O O   . LYS A 1 61  ? -9.156  0.117   7.355   1.00 15.87 ? 48  LYS A O   1 
ATOM   517  C CB  . LYS A 1 61  ? -10.732 -0.974  5.147   1.00 13.75 ? 48  LYS A CB  1 
ATOM   518  C CG  . LYS A 1 61  ? -11.520 -1.958  4.280   1.00 13.35 ? 48  LYS A CG  1 
ATOM   519  C CD  . LYS A 1 61  ? -12.866 -1.364  3.896   1.00 19.30 ? 48  LYS A CD  1 
ATOM   520  C CE  . LYS A 1 61  ? -13.786 -2.418  3.325   1.00 25.62 ? 48  LYS A CE  1 
ATOM   521  N NZ  . LYS A 1 61  ? -14.512 -3.149  4.406   1.00 20.73 ? 48  LYS A NZ  1 
ATOM   522  N N   . TYR A 1 62  ? -7.363  -0.132  6.028   1.00 10.55 ? 49  TYR A N   1 
ATOM   523  C CA  . TYR A 1 62  ? -6.569  0.793   6.820   1.00 10.64 ? 49  TYR A CA  1 
ATOM   524  C C   . TYR A 1 62  ? -6.851  2.229   6.390   1.00 14.11 ? 49  TYR A C   1 
ATOM   525  O O   . TYR A 1 62  ? -6.584  2.612   5.253   1.00 13.18 ? 49  TYR A O   1 
ATOM   526  C CB  . TYR A 1 62  ? -5.084  0.442   6.695   1.00 11.03 ? 49  TYR A CB  1 
ATOM   527  C CG  . TYR A 1 62  ? -4.746  -0.878  7.339   1.00 13.83 ? 49  TYR A CG  1 
ATOM   528  C CD1 . TYR A 1 62  ? -4.677  -0.988  8.723   1.00 15.88 ? 49  TYR A CD1 1 
ATOM   529  C CD2 . TYR A 1 62  ? -4.531  -2.010  6.574   1.00 13.24 ? 49  TYR A CD2 1 
ATOM   530  C CE1 . TYR A 1 62  ? -4.376  -2.186  9.327   1.00 17.33 ? 49  TYR A CE1 1 
ATOM   531  C CE2 . TYR A 1 62  ? -4.235  -3.234  7.180   1.00 14.79 ? 49  TYR A CE2 1 
ATOM   532  C CZ  . TYR A 1 62  ? -4.161  -3.303  8.556   1.00 16.44 ? 49  TYR A CZ  1 
ATOM   533  O OH  . TYR A 1 62  ? -3.881  -4.499  9.186   1.00 17.45 ? 49  TYR A OH  1 
ATOM   534  N N   . LEU A 1 63  ? -7.411  3.024   7.293   1.00 10.56 ? 50  LEU A N   1 
ATOM   535  C CA  . LEU A 1 63  ? -7.712  4.414   6.976   1.00 9.82  ? 50  LEU A CA  1 
ATOM   536  C C   . LEU A 1 63  ? -6.597  5.259   7.547   1.00 9.71  ? 50  LEU A C   1 
ATOM   537  O O   . LEU A 1 63  ? -6.445  5.386   8.776   1.00 10.76 ? 50  LEU A O   1 
ATOM   538  C CB  . LEU A 1 63  ? -9.067  4.826   7.531   1.00 10.70 ? 50  LEU A CB  1 
ATOM   539  C CG  . LEU A 1 63  ? -10.246 4.545   6.590   1.00 18.04 ? 50  LEU A CG  1 
ATOM   540  C CD1 . LEU A 1 63  ? -10.232 3.169   5.933   1.00 15.04 ? 50  LEU A CD1 1 
ATOM   541  C CD2 . LEU A 1 63  ? -11.562 4.789   7.284   1.00 19.34 ? 50  LEU A CD2 1 
ATOM   542  N N   . VAL A 1 64  ? -5.791  5.816   6.654   1.00 10.48 ? 51  VAL A N   1 
ATOM   543  C CA  . VAL A 1 64  ? -4.508  6.396   7.000   1.00 10.66 ? 51  VAL A CA  1 
ATOM   544  C C   . VAL A 1 64  ? -4.602  7.912   6.880   1.00 7.93  ? 51  VAL A C   1 
ATOM   545  O O   . VAL A 1 64  ? -5.141  8.402   5.916   1.00 9.58  ? 51  VAL A O   1 
ATOM   546  C CB  . VAL A 1 64  ? -3.420  5.842   6.072   1.00 11.14 ? 51  VAL A CB  1 
ATOM   547  C CG1 . VAL A 1 64  ? -2.024  6.378   6.471   1.00 12.01 ? 51  VAL A CG1 1 
ATOM   548  C CG2 . VAL A 1 64  ? -3.462  4.312   6.053   1.00 12.32 ? 51  VAL A CG2 1 
ATOM   549  N N   . PRO A 1 65  ? -4.087  8.679   7.872   1.00 9.79  ? 52  PRO A N   1 
ATOM   550  C CA  . PRO A 1 65  ? -4.108  10.143  7.738   1.00 10.03 ? 52  PRO A CA  1 
ATOM   551  C C   . PRO A 1 65  ? -3.449  10.601  6.442   1.00 10.00 ? 52  PRO A C   1 
ATOM   552  O O   . PRO A 1 65  ? -2.351  10.151  6.138   1.00 10.20 ? 52  PRO A O   1 
ATOM   553  C CB  . PRO A 1 65  ? -3.322  10.624  8.957   1.00 10.28 ? 52  PRO A CB  1 
ATOM   554  C CG  . PRO A 1 65  ? -3.511  9.502   9.951   1.00 13.89 ? 52  PRO A CG  1 
ATOM   555  C CD  . PRO A 1 65  ? -3.436  8.250   9.127   1.00 10.28 ? 52  PRO A CD  1 
ATOM   556  N N   . SER A 1 66  ? -4.104  11.482  5.704   1.00 10.78 ? 53  SER A N   1 
ATOM   557  C CA  . SER A 1 66  ? -3.595  11.871  4.405   1.00 10.04 ? 53  SER A CA  1 
ATOM   558  C C   . SER A 1 66  ? -2.245  12.560  4.491   1.00 10.47 ? 53  SER A C   1 
ATOM   559  O O   . SER A 1 66  ? -1.473  12.513  3.547   1.00 9.61  ? 53  SER A O   1 
ATOM   560  C CB  . SER A 1 66  ? -4.611  12.762  3.707   0.99 9.80  ? 53  SER A CB  1 
ATOM   561  O OG  . SER A 1 66  ? -5.809  12.028  3.518   0.87 13.15 ? 53  SER A OG  1 
ATOM   562  N N   . ASP A 1 67  ? -1.949  13.187  5.622   1.00 10.58 ? 54  ASP A N   1 
ATOM   563  C CA  . ASP A 1 67  ? -0.678  13.890  5.755   1.00 9.92  ? 54  ASP A CA  1 
ATOM   564  C C   . ASP A 1 67  ? 0.445   13.033  6.325   1.00 11.15 ? 54  ASP A C   1 
ATOM   565  O O   . ASP A 1 67  ? 1.581   13.488  6.412   1.00 13.07 ? 54  ASP A O   1 
ATOM   566  C CB  . ASP A 1 67  ? -0.870  15.148  6.608   1.00 13.40 ? 54  ASP A CB  1 
ATOM   567  C CG  . ASP A 1 67  ? -1.696  16.203  5.903   1.00 23.78 ? 54  ASP A CG  1 
ATOM   568  O OD1 . ASP A 1 67  ? -1.733  16.191  4.653   1.00 26.31 ? 54  ASP A OD1 1 
ATOM   569  O OD2 . ASP A 1 67  ? -2.309  17.041  6.599   1.00 39.60 ? 54  ASP A OD2 1 
ATOM   570  N N   . LEU A 1 68  ? 0.161   11.795  6.695   1.00 8.46  ? 55  LEU A N   1 
ATOM   571  C CA  . LEU A 1 68  ? 1.195   10.879  7.138   1.00 8.89  ? 55  LEU A CA  1 
ATOM   572  C C   . LEU A 1 68  ? 2.105   10.611  5.948   1.00 9.65  ? 55  LEU A C   1 
ATOM   573  O O   . LEU A 1 68  ? 1.604   10.413  4.836   1.00 10.18 ? 55  LEU A O   1 
ATOM   574  C CB  . LEU A 1 68  ? 0.550   9.582   7.629   1.00 9.96  ? 55  LEU A CB  1 
ATOM   575  C CG  . LEU A 1 68  ? 1.511   8.638   8.344   1.00 10.82 ? 55  LEU A CG  1 
ATOM   576  C CD1 . LEU A 1 68  ? 1.777   9.099   9.777   1.00 13.98 ? 55  LEU A CD1 1 
ATOM   577  C CD2 . LEU A 1 68  ? 1.032   7.199   8.302   1.00 13.11 ? 55  LEU A CD2 1 
ATOM   578  N N   . THR A 1 69  ? 3.430   10.613  6.116   1.00 8.35  ? 56  THR A N   1 
ATOM   579  C CA  . THR A 1 69  ? 4.278   10.294  4.979   1.00 7.41  ? 56  THR A CA  1 
ATOM   580  C C   . THR A 1 69  ? 4.367   8.790   4.767   1.00 7.71  ? 56  THR A C   1 
ATOM   581  O O   . THR A 1 69  ? 4.126   7.999   5.675   1.00 7.33  ? 56  THR A O   1 
ATOM   582  C CB  . THR A 1 69  ? 5.700   10.852  5.129   1.00 7.96  ? 56  THR A CB  1 
ATOM   583  O OG1 . THR A 1 69  ? 6.331   10.200  6.213   1.00 9.11  ? 56  THR A OG1 1 
ATOM   584  C CG2 . THR A 1 69  ? 5.702   12.354  5.370   1.00 10.34 ? 56  THR A CG2 1 
ATOM   585  N N   . VAL A 1 70  ? 4.768   8.437   3.559   1.00 7.81  ? 57  VAL A N   1 
ATOM   586  C CA  . VAL A 1 70  ? 5.080   7.039   3.289   1.00 7.79  ? 57  VAL A CA  1 
ATOM   587  C C   . VAL A 1 70  ? 6.150   6.511   4.263   1.00 9.30  ? 57  VAL A C   1 
ATOM   588  O O   . VAL A 1 70  ? 6.054   5.399   4.787   1.00 9.53  ? 57  VAL A O   1 
ATOM   589  C CB  . VAL A 1 70  ? 5.530   6.872   1.832   1.00 9.78  ? 57  VAL A CB  1 
ATOM   590  C CG1 . VAL A 1 70  ? 6.079   5.478   1.581   1.00 12.17 ? 57  VAL A CG1 1 
ATOM   591  C CG2 . VAL A 1 70  ? 4.370   7.183   0.868   1.00 9.41  ? 57  VAL A CG2 1 
ATOM   592  N N   . GLY A 1 71  ? 7.173   7.333   4.525   1.00 7.43  ? 58  GLY A N   1 
ATOM   593  C CA  . GLY A 1 71  ? 8.199   6.954   5.489   1.00 8.28  ? 58  GLY A CA  1 
ATOM   594  C C   . GLY A 1 71  ? 7.640   6.657   6.871   1.00 7.87  ? 58  GLY A C   1 
ATOM   595  O O   . GLY A 1 71  ? 8.028   5.679   7.529   1.00 9.24  ? 58  GLY A O   1 
ATOM   596  N N   . GLN A 1 72  ? 6.695   7.483   7.312   1.00 7.95  ? 59  GLN A N   1 
ATOM   597  C CA  . GLN A 1 72  ? 6.042   7.196   8.588   1.00 8.41  ? 59  GLN A CA  1 
ATOM   598  C C   . GLN A 1 72  ? 5.211   5.908   8.547   1.00 8.86  ? 59  GLN A C   1 
ATOM   599  O O   . GLN A 1 72  ? 5.127   5.161   9.522   1.00 9.47  ? 59  GLN A O   1 
ATOM   600  C CB  . GLN A 1 72  ? 5.157   8.366   8.996   1.00 8.38  ? 59  GLN A CB  1 
ATOM   601  C CG  . GLN A 1 72  ? 5.948   9.588   9.453   1.00 8.40  ? 59  GLN A CG  1 
ATOM   602  C CD  . GLN A 1 72  ? 5.046   10.769  9.714   1.00 9.16  ? 59  GLN A CD  1 
ATOM   603  O OE1 . GLN A 1 72  ? 4.418   11.297  8.803   1.00 10.77 ? 59  GLN A OE1 1 
ATOM   604  N NE2 . GLN A 1 72  ? 4.961   11.186  10.972  1.00 13.37 ? 59  GLN A NE2 1 
ATOM   605  N N   . PHE A 1 73  ? 4.566   5.670   7.396   1.00 8.43  ? 60  PHE A N   1 
ATOM   606  C CA  . PHE A 1 73  ? 3.719   4.488   7.265   1.00 6.65  ? 60  PHE A CA  1 
ATOM   607  C C   . PHE A 1 73  ? 4.567   3.236   7.324   1.00 8.07  ? 60  PHE A C   1 
ATOM   608  O O   . PHE A 1 73  ? 4.148   2.220   7.874   1.00 8.70  ? 60  PHE A O   1 
ATOM   609  C CB  . PHE A 1 73  ? 2.931   4.555   5.963   1.00 8.94  ? 60  PHE A CB  1 
ATOM   610  C CG  . PHE A 1 73  ? 1.785   3.584   5.897   1.00 8.99  ? 60  PHE A CG  1 
ATOM   611  C CD1 . PHE A 1 73  ? 0.785   3.603   6.862   1.00 10.05 ? 60  PHE A CD1 1 
ATOM   612  C CD2 . PHE A 1 73  ? 1.705   2.644   4.868   1.00 9.11  ? 60  PHE A CD2 1 
ATOM   613  C CE1 . PHE A 1 73  ? -0.293  2.686   6.803   1.00 10.12 ? 60  PHE A CE1 1 
ATOM   614  C CE2 . PHE A 1 73  ? 0.641   1.738   4.820   1.00 8.55  ? 60  PHE A CE2 1 
ATOM   615  C CZ  . PHE A 1 73  ? -0.343  1.772   5.781   1.00 9.38  ? 60  PHE A CZ  1 
ATOM   616  N N   . TYR A 1 74  ? 5.775   3.300   6.764   1.00 9.58  ? 61  TYR A N   1 
ATOM   617  C CA  . TYR A 1 74  ? 6.700   2.188   6.915   1.00 9.46  ? 61  TYR A CA  1 
ATOM   618  C C   . TYR A 1 74  ? 6.903   1.797   8.358   1.00 10.72 ? 61  TYR A C   1 
ATOM   619  O O   . TYR A 1 74  ? 6.940   0.608   8.678   1.00 10.86 ? 61  TYR A O   1 
ATOM   620  C CB  . TYR A 1 74  ? 8.081   2.493   6.334   1.00 11.34 ? 61  TYR A CB  1 
ATOM   621  C CG  . TYR A 1 74  ? 8.281   2.174   4.867   1.00 10.43 ? 61  TYR A CG  1 
ATOM   622  C CD1 . TYR A 1 74  ? 8.252   0.870   4.398   1.00 8.98  ? 61  TYR A CD1 1 
ATOM   623  C CD2 . TYR A 1 74  ? 8.534   3.186   3.955   1.00 11.73 ? 61  TYR A CD2 1 
ATOM   624  C CE1 . TYR A 1 74  ? 8.456   0.584   3.060   1.00 10.44 ? 61  TYR A CE1 1 
ATOM   625  C CE2 . TYR A 1 74  ? 8.735   2.911   2.613   1.00 13.85 ? 61  TYR A CE2 1 
ATOM   626  C CZ  . TYR A 1 74  ? 8.712   1.610   2.174   1.00 11.54 ? 61  TYR A CZ  1 
ATOM   627  O OH  . TYR A 1 74  ? 8.935   1.329   0.839   1.00 11.34 ? 61  TYR A OH  1 
ATOM   628  N N   . PHE A 1 75  ? 7.120   2.794   9.221   1.00 9.03  ? 62  PHE A N   1 
ATOM   629  C CA  . PHE A 1 75  ? 7.348   2.486   10.627  1.00 10.07 ? 62  PHE A CA  1 
ATOM   630  C C   . PHE A 1 75  ? 6.098   1.941   11.302  1.00 12.45 ? 62  PHE A C   1 
ATOM   631  O O   . PHE A 1 75  ? 6.180   1.053   12.144  1.00 12.02 ? 62  PHE A O   1 
ATOM   632  C CB  . PHE A 1 75  ? 7.891   3.712   11.361  1.00 13.02 ? 62  PHE A CB  1 
ATOM   633  C CG  . PHE A 1 75  ? 9.370   3.870   11.206  1.00 11.99 ? 62  PHE A CG  1 
ATOM   634  C CD1 . PHE A 1 75  ? 9.889   4.451   10.071  1.00 12.41 ? 62  PHE A CD1 1 
ATOM   635  C CD2 . PHE A 1 75  ? 10.259  3.392   12.180  1.00 13.06 ? 62  PHE A CD2 1 
ATOM   636  C CE1 . PHE A 1 75  ? 11.270  4.591   9.906   1.00 14.90 ? 62  PHE A CE1 1 
ATOM   637  C CE2 . PHE A 1 75  ? 11.632  3.536   12.019  1.00 16.66 ? 62  PHE A CE2 1 
ATOM   638  C CZ  . PHE A 1 75  ? 12.138  4.127   10.881  1.00 17.22 ? 62  PHE A CZ  1 
ATOM   639  N N   . LEU A 1 76  ? 4.942   2.461   10.919  1.00 10.54 ? 63  LEU A N   1 
ATOM   640  C CA  . LEU A 1 76  ? 3.683   1.953   11.428  1.00 11.66 ? 63  LEU A CA  1 
ATOM   641  C C   . LEU A 1 76  ? 3.524   0.467   11.108  1.00 12.34 ? 63  LEU A C   1 
ATOM   642  O O   . LEU A 1 76  ? 3.135   -0.335  11.971  1.00 14.22 ? 63  LEU A O   1 
ATOM   643  C CB  . LEU A 1 76  ? 2.537   2.770   10.830  1.00 12.12 ? 63  LEU A CB  1 
ATOM   644  C CG  . LEU A 1 76  ? 1.122   2.692   11.386  1.00 21.78 ? 63  LEU A CG  1 
ATOM   645  C CD1 . LEU A 1 76  ? 0.352   3.950   10.966  1.00 20.04 ? 63  LEU A CD1 1 
ATOM   646  C CD2 . LEU A 1 76  ? 0.412   1.456   10.863  1.00 36.86 ? 63  LEU A CD2 1 
ATOM   647  N N   . ILE A 1 77  ? 3.839   0.094   9.872   1.00 9.33  ? 64  ILE A N   1 
ATOM   648  C CA  . ILE A 1 77  ? 3.686   -1.291  9.451   1.00 9.16  ? 64  ILE A CA  1 
ATOM   649  C C   . ILE A 1 77  ? 4.776   -2.148  10.109  1.00 12.47 ? 64  ILE A C   1 
ATOM   650  O O   . ILE A 1 77  ? 4.500   -3.270  10.539  1.00 12.15 ? 64  ILE A O   1 
ATOM   651  C CB  . ILE A 1 77  ? 3.731   -1.422  7.911   1.00 10.66 ? 64  ILE A CB  1 
ATOM   652  C CG1 . ILE A 1 77  ? 2.537   -0.698  7.262   1.00 9.39  ? 64  ILE A CG1 1 
ATOM   653  C CG2 . ILE A 1 77  ? 3.772   -2.895  7.495   1.00 12.60 ? 64  ILE A CG2 1 
ATOM   654  C CD1 . ILE A 1 77  ? 1.153   -1.179  7.767   1.00 11.49 ? 64  ILE A CD1 1 
ATOM   655  N N   . ARG A 1 78  ? 6.008   -1.646  10.194  1.00 11.08 ? 65  ARG A N   1 
ATOM   656  C CA  . ARG A 1 78  ? 7.053   -2.392  10.920  1.00 11.22 ? 65  ARG A CA  1 
ATOM   657  C C   . ARG A 1 78  ? 6.588   -2.811  12.312  1.00 14.72 ? 65  ARG A C   1 
ATOM   658  O O   . ARG A 1 78  ? 6.786   -3.959  12.739  1.00 15.37 ? 65  ARG A O   1 
ATOM   659  C CB  . ARG A 1 78  ? 8.319   -1.563  11.065  1.00 12.58 ? 65  ARG A CB  1 
ATOM   660  C CG  . ARG A 1 78  ? 9.241   -1.559  9.863   1.00 14.85 ? 65  ARG A CG  1 
ATOM   661  C CD  . ARG A 1 78  ? 10.649  -1.106  10.314  1.00 20.67 ? 65  ARG A CD  1 
ATOM   662  N NE  . ARG A 1 78  ? 11.640  -1.243  9.254   1.00 21.85 ? 65  ARG A NE  1 
ATOM   663  C CZ  . ARG A 1 78  ? 11.809  -0.347  8.285   1.00 20.98 ? 65  ARG A CZ  1 
ATOM   664  N NH1 . ARG A 1 78  ? 11.060  0.751   8.252   1.00 28.52 ? 65  ARG A NH1 1 
ATOM   665  N NH2 . ARG A 1 78  ? 12.723  -0.544  7.345   1.00 20.59 ? 65  ARG A NH2 1 
ATOM   666  N N   . LYS A 1 79  ? 5.973   -1.871  13.022  1.00 13.25 ? 66  LYS A N   1 
ATOM   667  C CA  . LYS A 1 79  ? 5.495   -2.149  14.370  1.00 16.37 ? 66  LYS A CA  1 
ATOM   668  C C   . LYS A 1 79  ? 4.414   -3.221  14.400  1.00 19.85 ? 66  LYS A C   1 
ATOM   669  O O   . LYS A 1 79  ? 4.405   -4.073  15.298  1.00 19.02 ? 66  LYS A O   1 
ATOM   670  C CB  . LYS A 1 79  ? 4.995   -0.859  15.026  1.00 18.55 ? 66  LYS A CB  1 
ATOM   671  C CG  . LYS A 1 79  ? 6.126   0.107   15.366  1.00 30.70 ? 66  LYS A CG  1 
ATOM   672  C CD  . LYS A 1 79  ? 5.639   1.434   15.925  1.00 36.17 ? 66  LYS A CD  1 
ATOM   673  C CE  . LYS A 1 79  ? 6.768   2.463   15.895  1.00 44.30 ? 66  LYS A CE  1 
ATOM   674  N NZ  . LYS A 1 79  ? 6.398   3.750   15.230  1.00 51.73 ? 66  LYS A NZ  1 
ATOM   675  N N   . ARG A 1 80  ? 3.509   -3.200  13.425  1.00 16.20 ? 67  ARG A N   1 
ATOM   676  C CA  . ARG A 1 80  ? 2.415   -4.161  13.391  1.00 18.61 ? 67  ARG A CA  1 
ATOM   677  C C   . ARG A 1 80  ? 2.914   -5.576  13.148  1.00 17.90 ? 67  ARG A C   1 
ATOM   678  O O   . ARG A 1 80  ? 2.339   -6.524  13.679  1.00 20.90 ? 67  ARG A O   1 
ATOM   679  C CB  . ARG A 1 80  ? 1.389   -3.773  12.323  1.00 17.60 ? 67  ARG A CB  1 
ATOM   680  C CG  . ARG A 1 80  ? 0.589   -2.534  12.690  1.00 20.61 ? 67  ARG A CG  1 
ATOM   681  C CD  . ARG A 1 80  ? -0.509  -2.252  11.681  1.00 21.67 ? 67  ARG A CD  1 
ATOM   682  N NE  . ARG A 1 80  ? -1.653  -3.152  11.861  1.00 26.61 ? 67  ARG A NE  1 
ATOM   683  C CZ  . ARG A 1 80  ? -2.785  -2.821  12.480  1.00 24.84 ? 67  ARG A CZ  1 
ATOM   684  N NH1 . ARG A 1 80  ? -2.944  -1.598  12.972  1.00 23.03 ? 67  ARG A NH1 1 
ATOM   685  N NH2 . ARG A 1 80  ? -3.764  -3.709  12.597  1.00 24.07 ? 67  ARG A NH2 1 
ATOM   686  N N   . ILE A 1 81  ? 3.976   -5.729  12.359  1.00 15.18 ? 68  ILE A N   1 
ATOM   687  C CA  . ILE A 1 81  ? 4.456   -7.066  12.028  1.00 14.68 ? 68  ILE A CA  1 
ATOM   688  C C   . ILE A 1 81  ? 5.765   -7.404  12.745  1.00 15.83 ? 68  ILE A C   1 
ATOM   689  O O   . ILE A 1 81  ? 6.441   -8.369  12.383  1.00 18.18 ? 68  ILE A O   1 
ATOM   690  C CB  . ILE A 1 81  ? 4.635   -7.259  10.506  1.00 17.00 ? 68  ILE A CB  1 
ATOM   691  C CG1 . ILE A 1 81  ? 5.707   -6.334  9.941   1.00 14.73 ? 68  ILE A CG1 1 
ATOM   692  C CG2 . ILE A 1 81  ? 3.312   -7.023  9.782   1.00 20.18 ? 68  ILE A CG2 1 
ATOM   693  C CD1 . ILE A 1 81  ? 5.971   -6.561  8.461   1.00 18.31 ? 68  ILE A CD1 1 
ATOM   694  N N   . HIS A 1 82  ? 6.109   -6.595  13.749  1.00 16.56 ? 69  HIS A N   1 
ATOM   695  C CA  . HIS A 1 82  ? 7.196   -6.893  14.696  1.00 16.07 ? 69  HIS A CA  1 
ATOM   696  C C   . HIS A 1 82  ? 8.558   -6.955  14.014  1.00 21.94 ? 69  HIS A C   1 
ATOM   697  O O   . HIS A 1 82  ? 9.417   -7.777  14.360  1.00 23.56 ? 69  HIS A O   1 
ATOM   698  C CB  . HIS A 1 82  ? 6.906   -8.200  15.450  1.00 18.96 ? 69  HIS A CB  1 
ATOM   699  C CG  . HIS A 1 82  ? 5.595   -8.188  16.167  1.00 26.57 ? 69  HIS A CG  1 
ATOM   700  N ND1 . HIS A 1 82  ? 4.534   -8.982  15.791  1.00 36.45 ? 69  HIS A ND1 1 
ATOM   701  C CD2 . HIS A 1 82  ? 5.160   -7.449  17.215  1.00 39.28 ? 69  HIS A CD2 1 
ATOM   702  C CE1 . HIS A 1 82  ? 3.507   -8.749  16.590  1.00 39.89 ? 69  HIS A CE1 1 
ATOM   703  N NE2 . HIS A 1 82  ? 3.860   -7.822  17.462  1.00 43.44 ? 69  HIS A NE2 1 
ATOM   704  N N   . LEU A 1 83  ? 8.747   -6.064  13.046  1.00 17.16 ? 70  LEU A N   1 
ATOM   705  C CA  . LEU A 1 83  ? 10.026  -5.863  12.398  1.00 15.91 ? 70  LEU A CA  1 
ATOM   706  C C   . LEU A 1 83  ? 10.779  -4.784  13.133  1.00 22.86 ? 70  LEU A C   1 
ATOM   707  O O   . LEU A 1 83  ? 10.175  -3.827  13.614  1.00 24.82 ? 70  LEU A O   1 
ATOM   708  C CB  . LEU A 1 83  ? 9.848   -5.459  10.931  1.00 17.23 ? 70  LEU A CB  1 
ATOM   709  C CG  . LEU A 1 83  ? 9.556   -6.551  9.910   1.00 23.60 ? 70  LEU A CG  1 
ATOM   710  C CD1 . LEU A 1 83  ? 9.604   -5.936  8.508   1.00 26.98 ? 70  LEU A CD1 1 
ATOM   711  C CD2 . LEU A 1 83  ? 10.548  -7.692  10.035  1.00 16.88 ? 70  LEU A CD2 1 
ATOM   712  N N   . ARG A 1 84  ? 12.093  -4.951  13.221  1.00 17.87 ? 71  ARG A N   1 
ATOM   713  C CA  . ARG A 1 84  ? 12.956  -3.950  13.827  1.00 22.00 ? 71  ARG A CA  1 
ATOM   714  C C   . ARG A 1 84  ? 13.160  -2.802  12.848  1.00 18.16 ? 71  ARG A C   1 
ATOM   715  O O   . ARG A 1 84  ? 12.961  -2.964  11.639  1.00 19.20 ? 71  ARG A O   1 
ATOM   716  C CB  . ARG A 1 84  ? 14.299  -4.567  14.215  1.00 21.21 ? 71  ARG A CB  1 
ATOM   717  C CG  . ARG A 1 84  ? 14.168  -5.864  15.013  1.00 31.71 ? 71  ARG A CG  1 
ATOM   718  C CD  . ARG A 1 84  ? 15.518  -6.552  15.225  1.00 29.79 ? 71  ARG A CD  1 
ATOM   719  N NE  . ARG A 1 84  ? 16.166  -6.886  13.959  1.00 31.60 ? 71  ARG A NE  1 
ATOM   720  C CZ  . ARG A 1 84  ? 17.350  -7.481  13.848  1.00 45.04 ? 71  ARG A CZ  1 
ATOM   721  N NH1 . ARG A 1 84  ? 17.851  -7.735  12.645  1.00 31.26 ? 71  ARG A NH1 1 
ATOM   722  N NH2 . ARG A 1 84  ? 18.031  -7.829  14.932  1.00 44.68 ? 71  ARG A NH2 1 
ATOM   723  N N   . ALA A 1 85  ? 13.570  -1.648  13.371  1.00 23.90 ? 72  ALA A N   1 
ATOM   724  C CA  . ALA A 1 85  ? 13.890  -0.504  12.525  1.00 20.13 ? 72  ALA A CA  1 
ATOM   725  C C   . ALA A 1 85  ? 15.019  -0.848  11.557  1.00 22.00 ? 72  ALA A C   1 
ATOM   726  O O   . ALA A 1 85  ? 15.067  -0.326  10.441  1.00 29.56 ? 72  ALA A O   1 
ATOM   727  C CB  . ALA A 1 85  ? 14.272  0.700   13.376  1.00 24.46 ? 72  ALA A CB  1 
ATOM   728  N N   . GLU A 1 86  ? 15.913  -1.739  11.979  1.00 23.99 ? 73  GLU A N   1 
ATOM   729  C CA  . GLU A 1 86  ? 17.048  -2.147  11.154  1.00 21.72 ? 73  GLU A CA  1 
ATOM   730  C C   . GLU A 1 86  ? 16.658  -3.169  10.096  1.00 27.35 ? 73  GLU A C   1 
ATOM   731  O O   . GLU A 1 86  ? 17.456  -3.502  9.219   1.00 37.29 ? 73  GLU A O   1 
ATOM   732  C CB  . GLU A 1 86  ? 18.162  -2.721  12.025  1.00 23.50 ? 73  GLU A CB  1 
ATOM   733  C CG  . GLU A 1 86  ? 17.695  -3.812  12.970  1.00 39.21 ? 73  GLU A CG  1 
ATOM   734  C CD  . GLU A 1 86  ? 18.842  -4.470  13.705  1.00 52.22 ? 73  GLU A CD  1 
ATOM   735  O OE1 . GLU A 1 86  ? 19.756  -4.996  13.035  1.00 46.71 ? 73  GLU A OE1 1 
ATOM   736  O OE2 . GLU A 1 86  ? 18.833  -4.448  14.954  1.00 62.31 ? 73  GLU A OE2 1 
ATOM   737  N N   . ASP A 1 87  ? 15.430  -3.670  10.173  1.00 22.20 ? 74  ASP A N   1 
ATOM   738  C CA  . ASP A 1 87  ? 14.977  -4.664  9.210   1.00 27.72 ? 74  ASP A CA  1 
ATOM   739  C C   . ASP A 1 87  ? 14.423  -3.999  7.958   1.00 19.41 ? 74  ASP A C   1 
ATOM   740  O O   . ASP A 1 87  ? 13.653  -3.038  8.031   1.00 23.29 ? 74  ASP A O   1 
ATOM   741  C CB  . ASP A 1 87  ? 13.934  -5.589  9.845   1.00 20.23 ? 74  ASP A CB  1 
ATOM   742  C CG  . ASP A 1 87  ? 14.530  -6.473  10.928  1.00 37.50 ? 74  ASP A CG  1 
ATOM   743  O OD1 . ASP A 1 87  ? 15.713  -6.852  10.802  1.00 31.38 ? 74  ASP A OD1 1 
ATOM   744  O OD2 . ASP A 1 87  ? 13.827  -6.778  11.912  1.00 23.27 ? 74  ASP A OD2 1 
ATOM   745  N N   . ALA A 1 88  ? 14.865  -4.500  6.808   1.00 21.69 ? 75  ALA A N   1 
ATOM   746  C CA  . ALA A 1 88  ? 14.360  -4.053  5.510   1.00 21.85 ? 75  ALA A CA  1 
ATOM   747  C C   . ALA A 1 88  ? 12.851  -4.254  5.351   1.00 14.90 ? 75  ALA A C   1 
ATOM   748  O O   . ALA A 1 88  ? 12.299  -5.298  5.700   1.00 15.25 ? 75  ALA A O   1 
ATOM   749  C CB  . ALA A 1 88  ? 15.092  -4.778  4.395   1.00 25.23 ? 75  ALA A CB  1 
ATOM   750  N N   . LEU A 1 89  ? 12.192  -3.233  4.818   1.00 15.45 ? 76  LEU A N   1 
ATOM   751  C CA  . LEU A 1 89  ? 10.775  -3.327  4.458   1.00 14.72 ? 76  LEU A CA  1 
ATOM   752  C C   . LEU A 1 89  ? 10.595  -2.482  3.231   1.00 13.02 ? 76  LEU A C   1 
ATOM   753  O O   . LEU A 1 89  ? 11.106  -1.370  3.165   1.00 14.17 ? 76  LEU A O   1 
ATOM   754  C CB  . LEU A 1 89  ? 9.873   -2.851  5.605   1.00 11.75 ? 76  LEU A CB  1 
ATOM   755  C CG  . LEU A 1 89  ? 8.357   -2.933  5.366   1.00 10.08 ? 76  LEU A CG  1 
ATOM   756  C CD1 . LEU A 1 89  ? 7.888   -4.357  5.114   1.00 10.85 ? 76  LEU A CD1 1 
ATOM   757  C CD2 . LEU A 1 89  ? 7.610   -2.322  6.542   1.00 12.78 ? 76  LEU A CD2 1 
ATOM   758  N N   . PHE A 1 90  ? 9.871   -3.036  2.247   1.00 12.10 ? 77  PHE A N   1 
ATOM   759  C CA  . PHE A 1 90  ? 9.613   -2.334  1.003   1.00 12.95 ? 77  PHE A CA  1 
ATOM   760  C C   . PHE A 1 90  ? 8.147   -2.394  0.668   1.00 8.16  ? 77  PHE A C   1 
ATOM   761  O O   . PHE A 1 90  ? 7.515   -3.435  0.816   1.00 10.36 ? 77  PHE A O   1 
ATOM   762  C CB  . PHE A 1 90  ? 10.417  -2.939  -0.147  1.00 10.65 ? 77  PHE A CB  1 
ATOM   763  C CG  . PHE A 1 90  ? 11.907  -2.831  0.048   1.00 11.12 ? 77  PHE A CG  1 
ATOM   764  C CD1 . PHE A 1 90  ? 12.579  -1.685  -0.348  1.00 13.40 ? 77  PHE A CD1 1 
ATOM   765  C CD2 . PHE A 1 90  ? 12.617  -3.850  0.650   1.00 13.87 ? 77  PHE A CD2 1 
ATOM   766  C CE1 . PHE A 1 90  ? 13.955  -1.562  -0.164  1.00 17.49 ? 77  PHE A CE1 1 
ATOM   767  C CE2 . PHE A 1 90  ? 14.004  -3.729  0.836   1.00 17.99 ? 77  PHE A CE2 1 
ATOM   768  C CZ  . PHE A 1 90  ? 14.649  -2.588  0.428   1.00 17.25 ? 77  PHE A CZ  1 
ATOM   769  N N   . PHE A 1 91  ? 7.637   -1.267  0.208   1.00 8.78  ? 78  PHE A N   1 
ATOM   770  C CA  . PHE A 1 91  ? 6.286   -1.162  -0.324  1.00 9.39  ? 78  PHE A CA  1 
ATOM   771  C C   . PHE A 1 91  ? 6.306   -1.132  -1.838  1.00 9.69  ? 78  PHE A C   1 
ATOM   772  O O   . PHE A 1 91  ? 7.195   -0.517  -2.431  1.00 11.26 ? 78  PHE A O   1 
ATOM   773  C CB  . PHE A 1 91  ? 5.619   0.132   0.132   1.00 9.15  ? 78  PHE A CB  1 
ATOM   774  C CG  . PHE A 1 91  ? 5.300   0.213   1.600   1.00 9.33  ? 78  PHE A CG  1 
ATOM   775  C CD1 . PHE A 1 91  ? 5.041   -0.902  2.360   1.00 9.82  ? 78  PHE A CD1 1 
ATOM   776  C CD2 . PHE A 1 91  ? 5.253   1.458   2.207   1.00 9.08  ? 78  PHE A CD2 1 
ATOM   777  C CE1 . PHE A 1 91  ? 4.721   -0.775  3.709   1.00 9.45  ? 78  PHE A CE1 1 
ATOM   778  C CE2 . PHE A 1 91  ? 4.956   1.589   3.550   1.00 12.00 ? 78  PHE A CE2 1 
ATOM   779  C CZ  . PHE A 1 91  ? 4.681   0.473   4.300   1.00 11.77 ? 78  PHE A CZ  1 
ATOM   780  N N   . PHE A 1 92  ? 5.291   -1.727  -2.458  1.00 9.06  ? 79  PHE A N   1 
ATOM   781  C CA  . PHE A 1 92  ? 5.102   -1.694  -3.909  1.00 9.68  ? 79  PHE A CA  1 
ATOM   782  C C   . PHE A 1 92  ? 3.685   -1.259  -4.218  1.00 8.17  ? 79  PHE A C   1 
ATOM   783  O O   . PHE A 1 92  ? 2.719   -1.797  -3.662  1.00 9.24  ? 79  PHE A O   1 
ATOM   784  C CB  . PHE A 1 92  ? 5.356   -3.069  -4.548  1.00 11.51 ? 79  PHE A CB  1 
ATOM   785  C CG  . PHE A 1 92  ? 6.662   -3.665  -4.150  1.00 10.92 ? 79  PHE A CG  1 
ATOM   786  C CD1 . PHE A 1 92  ? 7.818   -3.394  -4.876  1.00 11.82 ? 79  PHE A CD1 1 
ATOM   787  C CD2 . PHE A 1 92  ? 6.762   -4.420  -3.006  1.00 15.60 ? 79  PHE A CD2 1 
ATOM   788  C CE1 . PHE A 1 92  ? 9.047   -3.911  -4.479  1.00 13.51 ? 79  PHE A CE1 1 
ATOM   789  C CE2 . PHE A 1 92  ? 7.990   -4.926  -2.613  1.00 15.87 ? 79  PHE A CE2 1 
ATOM   790  C CZ  . PHE A 1 92  ? 9.120   -4.676  -3.355  1.00 16.01 ? 79  PHE A CZ  1 
ATOM   791  N N   . VAL A 1 93  ? 3.562   -0.297  -5.114  1.00 8.62  ? 80  VAL A N   1 
ATOM   792  C CA  . VAL A 1 93  ? 2.298   0.123   -5.676  1.00 8.95  ? 80  VAL A CA  1 
ATOM   793  C C   . VAL A 1 93  ? 2.426   -0.092  -7.179  1.00 12.77 ? 80  VAL A C   1 
ATOM   794  O O   . VAL A 1 93  ? 3.289   0.522   -7.819  1.00 14.42 ? 80  VAL A O   1 
ATOM   795  C CB  . VAL A 1 93  ? 1.990   1.582   -5.358  1.00 12.84 ? 80  VAL A CB  1 
ATOM   796  C CG1 . VAL A 1 93  ? 0.683   1.982   -5.998  1.00 15.28 ? 80  VAL A CG1 1 
ATOM   797  C CG2 . VAL A 1 93  ? 1.932   1.793   -3.869  1.00 16.58 ? 80  VAL A CG2 1 
ATOM   798  N N   . ASN A 1 94  ? 1.617   -1.002  -7.726  1.00 12.41 ? 81  ASN A N   1 
ATOM   799  C CA  . ASN A 1 94  ? 1.776   -1.455  -9.109  1.00 14.01 ? 81  ASN A CA  1 
ATOM   800  C C   . ASN A 1 94  ? 3.238   -1.783  -9.468  1.00 13.57 ? 81  ASN A C   1 
ATOM   801  O O   . ASN A 1 94  ? 3.739   -1.398  -10.535 1.00 16.14 ? 81  ASN A O   1 
ATOM   802  C CB  . ASN A 1 94  ? 1.192   -0.411  -10.056 1.00 20.90 ? 81  ASN A CB  1 
ATOM   803  C CG  . ASN A 1 94  ? -0.292  -0.175  -9.797  1.00 21.05 ? 81  ASN A CG  1 
ATOM   804  O OD1 . ASN A 1 94  ? -1.036  -1.109  -9.513  1.00 20.31 ? 81  ASN A OD1 1 
ATOM   805  N ND2 . ASN A 1 94  ? -0.707  1.081   -9.832  1.00 23.37 ? 81  ASN A ND2 1 
ATOM   806  N N   . ASN A 1 95  ? 3.878   -2.527  -8.563  1.00 13.04 ? 82  ASN A N   1 
ATOM   807  C CA  . ASN A 1 95  ? 5.243   -3.069  -8.675  1.00 13.85 ? 82  ASN A CA  1 
ATOM   808  C C   . ASN A 1 95  ? 6.353   -2.042  -8.474  1.00 15.55 ? 82  ASN A C   1 
ATOM   809  O O   . ASN A 1 95  ? 7.529   -2.392  -8.561  1.00 19.32 ? 82  ASN A O   1 
ATOM   810  C CB  . ASN A 1 95  ? 5.456   -3.772  -10.030 1.00 19.65 ? 82  ASN A CB  1 
ATOM   811  C CG  . ASN A 1 95  ? 6.639   -4.728  -10.011 1.00 22.61 ? 82  ASN A CG  1 
ATOM   812  O OD1 . ASN A 1 95  ? 6.783   -5.534  -9.090  1.00 23.76 ? 82  ASN A OD1 1 
ATOM   813  N ND2 . ASN A 1 95  ? 7.507   -4.625  -11.017 1.00 18.79 ? 82  ASN A ND2 1 
ATOM   814  N N   . VAL A 1 96  ? 5.986   -0.790  -8.200  1.00 13.17 ? 83  VAL A N   1 
ATOM   815  C CA  . VAL A 1 96  ? 6.963   0.302   -8.051  1.00 14.03 ? 83  VAL A CA  1 
ATOM   816  C C   . VAL A 1 96  ? 7.046   0.817   -6.608  1.00 12.70 ? 83  VAL A C   1 
ATOM   817  O O   . VAL A 1 96  ? 6.037   1.004   -5.936  1.00 11.21 ? 83  VAL A O   1 
ATOM   818  C CB  . VAL A 1 96  ? 6.620   1.466   -8.983  1.00 16.05 ? 83  VAL A CB  1 
ATOM   819  C CG1 . VAL A 1 96  ? 7.704   2.538   -8.937  1.00 22.72 ? 83  VAL A CG1 1 
ATOM   820  C CG2 . VAL A 1 96  ? 6.449   0.958   -10.412 1.00 25.62 ? 83  VAL A CG2 1 
ATOM   821  N N   . ILE A 1 97  ? 8.264   1.053   -6.143  1.00 11.55 ? 84  ILE A N   1 
ATOM   822  C CA  . ILE A 1 97  ? 8.497   1.460   -4.769  1.00 9.97  ? 84  ILE A CA  1 
ATOM   823  C C   . ILE A 1 97  ? 8.273   2.944   -4.693  1.00 12.08 ? 84  ILE A C   1 
ATOM   824  O O   . ILE A 1 97  ? 8.895   3.697   -5.430  1.00 15.88 ? 84  ILE A O   1 
ATOM   825  C CB  . ILE A 1 97  ? 9.905   1.102   -4.324  1.00 11.65 ? 84  ILE A CB  1 
ATOM   826  C CG1 . ILE A 1 97  ? 10.089  -0.415  -4.384  1.00 14.90 ? 84  ILE A CG1 1 
ATOM   827  C CG2 . ILE A 1 97  ? 10.146  1.631   -2.934  1.00 10.97 ? 84  ILE A CG2 1 
ATOM   828  C CD1 . ILE A 1 97  ? 11.486  -0.897  -4.093  1.00 19.51 ? 84  ILE A CD1 1 
ATOM   829  N N   . PRO A 1 98  ? 7.388   3.376   -3.790  1.00 10.11 ? 85  PRO A N   1 
ATOM   830  C CA  . PRO A 1 98  ? 7.061   4.795   -3.677  1.00 13.76 ? 85  PRO A CA  1 
ATOM   831  C C   . PRO A 1 98  ? 8.129   5.583   -2.912  1.00 14.31 ? 85  PRO A C   1 
ATOM   832  O O   . PRO A 1 98  ? 8.830   5.008   -2.093  1.00 13.11 ? 85  PRO A O   1 
ATOM   833  C CB  . PRO A 1 98  ? 5.740   4.773   -2.896  1.00 16.26 ? 85  PRO A CB  1 
ATOM   834  C CG  . PRO A 1 98  ? 5.872   3.607   -2.018  1.00 15.59 ? 85  PRO A CG  1 
ATOM   835  C CD  . PRO A 1 98  ? 6.575   2.559   -2.877  1.00 13.65 ? 85  PRO A CD  1 
ATOM   836  N N   . PRO A 1 99  ? 8.238   6.898   -3.150  1.00 14.76 ? 86  PRO A N   1 
ATOM   837  C CA  . PRO A 1 99  ? 9.179   7.719   -2.383  1.00 18.73 ? 86  PRO A CA  1 
ATOM   838  C C   . PRO A 1 99  ? 8.743   7.903   -0.936  1.00 13.22 ? 86  PRO A C   1 
ATOM   839  O O   . PRO A 1 99  ? 7.557   8.131   -0.695  1.00 11.70 ? 86  PRO A O   1 
ATOM   840  C CB  . PRO A 1 99  ? 9.160   9.061   -3.128  1.00 19.45 ? 86  PRO A CB  1 
ATOM   841  C CG  . PRO A 1 99  ? 7.874   9.099   -3.821  1.00 24.30 ? 86  PRO A CG  1 
ATOM   842  C CD  . PRO A 1 99  ? 7.487   7.681   -4.146  1.00 23.36 ? 86  PRO A CD  1 
ATOM   843  N N   . THR A 1 100 ? 9.674   7.819   0.008   1.00 13.75 ? 87  THR A N   1 
ATOM   844  C CA  . THR A 1 100 ? 9.318   7.940   1.419   1.00 11.59 ? 87  THR A CA  1 
ATOM   845  C C   . THR A 1 100 ? 8.811   9.318   1.789   1.00 11.84 ? 87  THR A C   1 
ATOM   846  O O   . THR A 1 100 ? 8.075   9.463   2.751   1.00 12.32 ? 87  THR A O   1 
ATOM   847  C CB  . THR A 1 100 ? 10.503  7.570   2.364   1.00 16.66 ? 87  THR A CB  1 
ATOM   848  O OG1 . THR A 1 100 ? 11.595  8.489   2.213   1.00 20.24 ? 87  THR A OG1 1 
ATOM   849  C CG2 . THR A 1 100 ? 10.975  6.168   2.067   1.00 19.61 ? 87  THR A CG2 1 
ATOM   850  N N   . SER A 1 101 ? 9.188   10.328  1.011   1.00 10.74 ? 88  SER A N   1 
ATOM   851  C CA  . SER A 1 101 ? 8.755   11.675  1.308   1.00 10.74 ? 88  SER A CA  1 
ATOM   852  C C   . SER A 1 101 ? 7.347   12.025  0.824   1.00 13.74 ? 88  SER A C   1 
ATOM   853  O O   . SER A 1 101 ? 6.804   13.058  1.207   1.00 13.96 ? 88  SER A O   1 
ATOM   854  C CB  . SER A 1 101 ? 9.757   12.663  0.705   1.00 14.14 ? 88  SER A CB  1 
ATOM   855  O OG  . SER A 1 101 ? 9.780   12.515  -0.700  1.00 18.86 ? 88  SER A OG  1 
ATOM   856  N N   . ALA A 1 102 ? 6.741   11.180  -0.008  1.00 11.10 ? 89  ALA A N   1 
ATOM   857  C CA  . ALA A 1 102 ? 5.367   11.451  -0.431  1.00 10.26 ? 89  ALA A CA  1 
ATOM   858  C C   . ALA A 1 102 ? 4.438   11.320  0.761   1.00 9.87  ? 89  ALA A C   1 
ATOM   859  O O   . ALA A 1 102 ? 4.679   10.499  1.643   1.00 10.37 ? 89  ALA A O   1 
ATOM   860  C CB  . ALA A 1 102 ? 4.942   10.492  -1.537  1.00 13.04 ? 89  ALA A CB  1 
ATOM   861  N N   . THR A 1 103 ? 3.379   12.115  0.794   1.00 10.65 ? 90  THR A N   1 
ATOM   862  C CA  . THR A 1 103 ? 2.363   11.847  1.793   1.00 9.42  ? 90  THR A CA  1 
ATOM   863  C C   . THR A 1 103 ? 1.466   10.705  1.298   1.00 8.68  ? 90  THR A C   1 
ATOM   864  O O   . THR A 1 103 ? 1.398   10.410  0.085   1.00 9.09  ? 90  THR A O   1 
ATOM   865  C CB  . THR A 1 103 ? 1.490   13.062  2.106   1.00 8.80  ? 90  THR A CB  1 
ATOM   866  O OG1 . THR A 1 103 ? 0.682   13.369  0.967   1.00 11.55 ? 90  THR A OG1 1 
ATOM   867  C CG2 . THR A 1 103 ? 2.353   14.270  2.460   1.00 11.49 ? 90  THR A CG2 1 
ATOM   868  N N   . MET A 1 104 ? 0.777   10.046  2.222   1.00 8.25  ? 91  MET A N   1 
ATOM   869  C CA  . MET A 1 104 ? -0.174  9.023   1.839   1.00 8.74  ? 91  MET A CA  1 
ATOM   870  C C   . MET A 1 104 ? -1.321  9.600   0.994   1.00 8.44  ? 91  MET A C   1 
ATOM   871  O O   . MET A 1 104 ? -1.846  8.906   0.116   1.00 9.35  ? 91  MET A O   1 
ATOM   872  C CB  . MET A 1 104 ? -0.687  8.325   3.094   1.00 9.64  ? 91  MET A CB  1 
ATOM   873  C CG  . MET A 1 104 ? 0.378   7.463   3.814   1.00 12.39 ? 91  MET A CG  1 
ATOM   874  S SD  . MET A 1 104 ? 1.043   6.090   2.828   1.00 9.74  ? 91  MET A SD  1 
ATOM   875  C CE  . MET A 1 104 ? -0.330  4.962   2.835   1.00 8.77  ? 91  MET A CE  1 
ATOM   876  N N   . GLY A 1 105 ? -1.700  10.848  1.227   1.00 8.87  ? 92  GLY A N   1 
ATOM   877  C CA  . GLY A 1 105 ? -2.704  11.480  0.396   1.00 7.98  ? 92  GLY A CA  1 
ATOM   878  C C   . GLY A 1 105 ? -2.203  11.664  -1.019  1.00 10.12 ? 92  GLY A C   1 
ATOM   879  O O   . GLY A 1 105 ? -2.953  11.457  -1.978  1.00 10.09 ? 92  GLY A O   1 
ATOM   880  N N   . GLN A 1 106 ? -0.940  12.062  -1.183  1.00 8.61  ? 93  GLN A N   1 
ATOM   881  C CA  . GLN A 1 106 ? -0.370  12.173  -2.516  1.00 8.78  ? 93  GLN A CA  1 
ATOM   882  C C   . GLN A 1 106 ? -0.286  10.827  -3.212  1.00 9.32  ? 93  GLN A C   1 
ATOM   883  O O   . GLN A 1 106 ? -0.584  10.693  -4.408  1.00 9.19  ? 93  GLN A O   1 
ATOM   884  C CB  . GLN A 1 106 ? 1.023   12.804  -2.452  1.00 10.13 ? 93  GLN A CB  1 
ATOM   885  C CG  . GLN A 1 106 ? 0.985   14.278  -2.075  1.00 12.38 ? 93  GLN A CG  1 
ATOM   886  C CD  . GLN A 1 106 ? 2.345   14.843  -1.769  1.00 13.25 ? 93  GLN A CD  1 
ATOM   887  O OE1 . GLN A 1 106 ? 3.225   14.140  -1.273  1.00 11.45 ? 93  GLN A OE1 1 
ATOM   888  N NE2 . GLN A 1 106 ? 2.529   16.133  -2.056  1.00 17.32 ? 93  GLN A NE2 1 
ATOM   889  N N   . LEU A 1 107 ? 0.181   9.836   -2.476  1.00 8.40  ? 94  LEU A N   1 
ATOM   890  C CA  . LEU A 1 107 ? 0.290   8.505   -3.020  1.00 7.83  ? 94  LEU A CA  1 
ATOM   891  C C   . LEU A 1 107 ? -1.099  7.989   -3.459  1.00 7.79  ? 94  LEU A C   1 
ATOM   892  O O   . LEU A 1 107 ? -1.238  7.408   -4.537  1.00 8.62  ? 94  LEU A O   1 
ATOM   893  C CB  . LEU A 1 107 ? 0.946   7.567   -1.991  1.00 8.05  ? 94  LEU A CB  1 
ATOM   894  C CG  . LEU A 1 107 ? 1.283   6.172   -2.497  1.00 11.77 ? 94  LEU A CG  1 
ATOM   895  C CD1 . LEU A 1 107 ? 2.429   6.256   -3.504  1.00 19.72 ? 94  LEU A CD1 1 
ATOM   896  C CD2 . LEU A 1 107 ? 1.672   5.280   -1.340  1.00 9.89  ? 94  LEU A CD2 1 
ATOM   897  N N   . TYR A 1 108 ? -2.102  8.200   -2.617  1.00 7.25  ? 95  TYR A N   1 
ATOM   898  C CA  . TYR A 1 108 ? -3.485  7.849   -2.899  1.00 7.35  ? 95  TYR A CA  1 
ATOM   899  C C   . TYR A 1 108 ? -3.960  8.537   -4.164  1.00 7.81  ? 95  TYR A C   1 
ATOM   900  O O   . TYR A 1 108 ? -4.514  7.870   -5.064  1.00 8.53  ? 95  TYR A O   1 
ATOM   901  C CB  . TYR A 1 108 ? -4.369  8.248   -1.721  1.00 8.71  ? 95  TYR A CB  1 
ATOM   902  C CG  . TYR A 1 108 ? -5.830  7.939   -1.986  1.00 7.42  ? 95  TYR A CG  1 
ATOM   903  C CD1 . TYR A 1 108 ? -6.359  6.685   -1.739  1.00 6.92  ? 95  TYR A CD1 1 
ATOM   904  C CD2 . TYR A 1 108 ? -6.667  8.885   -2.556  1.00 8.53  ? 95  TYR A CD2 1 
ATOM   905  C CE1 . TYR A 1 108 ? -7.692  6.395   -2.002  1.00 7.68  ? 95  TYR A CE1 1 
ATOM   906  C CE2 . TYR A 1 108 ? -7.993  8.598   -2.838  1.00 8.20  ? 95  TYR A CE2 1 
ATOM   907  C CZ  . TYR A 1 108 ? -8.478  7.355   -2.579  1.00 7.23  ? 95  TYR A CZ  1 
ATOM   908  O OH  . TYR A 1 108 ? -9.792  7.055   -2.846  1.00 9.10  ? 95  TYR A OH  1 
ATOM   909  N N   . GLN A 1 109 ? -3.743  9.850   -4.274  1.00 7.94  ? 96  GLN A N   1 
ATOM   910  C CA  . GLN A 1 109 ? -4.261  10.502  -5.467  1.00 8.59  ? 96  GLN A CA  1 
ATOM   911  C C   . GLN A 1 109 ? -3.583  9.975   -6.714  1.00 9.42  ? 96  GLN A C   1 
ATOM   912  O O   . GLN A 1 109 ? -4.234  9.832   -7.759  1.00 10.66 ? 96  GLN A O   1 
ATOM   913  C CB  . GLN A 1 109 ? -4.089  12.012  -5.404  1.00 8.94  ? 96  GLN A CB  1 
ATOM   914  C CG  . GLN A 1 109 ? -4.997  12.690  -4.391  1.00 9.81  ? 96  GLN A CG  1 
ATOM   915  C CD  . GLN A 1 109 ? -6.470  12.516  -4.687  1.00 11.43 ? 96  GLN A CD  1 
ATOM   916  O OE1 . GLN A 1 109 ? -6.878  12.322  -5.834  1.00 12.62 ? 96  GLN A OE1 1 
ATOM   917  N NE2 . GLN A 1 109 ? -7.277  12.572  -3.648  1.00 14.01 ? 96  GLN A NE2 1 
ATOM   918  N N   . GLU A 1 110 ? -2.295  9.670   -6.638  1.00 10.17 ? 97  GLU A N   1 
ATOM   919  C CA  . GLU A 1 110 ? -1.575  9.211   -7.816  1.00 10.50 ? 97  GLU A CA  1 
ATOM   920  C C   . GLU A 1 110 ? -1.967  7.801   -8.235  1.00 13.00 ? 97  GLU A C   1 
ATOM   921  O O   . GLU A 1 110 ? -2.005  7.503   -9.429  1.00 11.93 ? 97  GLU A O   1 
ATOM   922  C CB  . GLU A 1 110 ? -0.063  9.273   -7.566  1.00 11.59 ? 97  GLU A CB  1 
ATOM   923  C CG  . GLU A 1 110 ? 0.808   8.882   -8.778  1.00 17.97 ? 97  GLU A CG  1 
ATOM   924  C CD  . GLU A 1 110 ? 0.645   9.802   -9.980  1.00 29.43 ? 97  GLU A CD  1 
ATOM   925  O OE1 . GLU A 1 110 ? 0.187   10.951  -9.814  1.00 25.86 ? 97  GLU A OE1 1 
ATOM   926  O OE2 . GLU A 1 110 ? 0.976   9.370   -11.105 1.00 45.42 ? 97  GLU A OE2 1 
ATOM   927  N N   . HIS A 1 111 ? -2.259  6.933   -7.263  1.00 9.61  ? 98  HIS A N   1 
ATOM   928  C CA  . HIS A 1 111 ? -2.341  5.504   -7.543  1.00 10.48 ? 98  HIS A CA  1 
ATOM   929  C C   . HIS A 1 111 ? -3.621  4.766   -7.137  1.00 7.81  ? 98  HIS A C   1 
ATOM   930  O O   . HIS A 1 111 ? -3.735  3.549   -7.370  1.00 9.05  ? 98  HIS A O   1 
ATOM   931  C CB  . HIS A 1 111 ? -1.166  4.789   -6.858  1.00 10.55 ? 98  HIS A CB  1 
ATOM   932  C CG  . HIS A 1 111 ? 0.174   5.143   -7.417  1.00 15.54 ? 98  HIS A CG  1 
ATOM   933  N ND1 . HIS A 1 111 ? 1.123   5.838   -6.700  1.00 19.90 ? 98  HIS A ND1 1 
ATOM   934  C CD2 . HIS A 1 111 ? 0.716   4.908   -8.633  1.00 21.63 ? 98  HIS A CD2 1 
ATOM   935  C CE1 . HIS A 1 111 ? 2.198   6.010   -7.449  1.00 22.00 ? 98  HIS A CE1 1 
ATOM   936  N NE2 . HIS A 1 111 ? 1.977   5.458   -8.626  1.00 22.12 ? 98  HIS A NE2 1 
ATOM   937  N N   . HIS A 1 112 ? -4.584  5.439   -6.518  1.00 8.37  ? 99  HIS A N   1 
ATOM   938  C CA  . HIS A 1 112 ? -5.790  4.708   -6.124  1.00 7.23  ? 99  HIS A CA  1 
ATOM   939  C C   . HIS A 1 112 ? -6.469  4.100   -7.342  1.00 8.72  ? 99  HIS A C   1 
ATOM   940  O O   . HIS A 1 112 ? -6.430  4.651   -8.444  1.00 9.58  ? 99  HIS A O   1 
ATOM   941  C CB  . HIS A 1 112 ? -6.779  5.602   -5.372  1.00 9.01  ? 99  HIS A CB  1 
ATOM   942  C CG  . HIS A 1 112 ? -7.530  6.565   -6.240  1.00 8.74  ? 99  HIS A CG  1 
ATOM   943  N ND1 . HIS A 1 112 ? -8.640  6.210   -6.970  1.00 11.58 ? 99  HIS A ND1 1 
ATOM   944  C CD2 . HIS A 1 112 ? -7.323  7.875   -6.489  1.00 9.79  ? 99  HIS A CD2 1 
ATOM   945  C CE1 . HIS A 1 112 ? -9.101  7.264   -7.620  1.00 12.86 ? 99  HIS A CE1 1 
ATOM   946  N NE2 . HIS A 1 112 ? -8.315  8.291   -7.357  1.00 11.09 ? 99  HIS A NE2 1 
ATOM   947  N N   . GLU A 1 113 ? -7.071  2.935   -7.136  1.00 7.59  ? 100 GLU A N   1 
ATOM   948  C CA  . GLU A 1 113 ? -7.805  2.259   -8.206  1.00 7.69  ? 100 GLU A CA  1 
ATOM   949  C C   . GLU A 1 113 ? -9.224  2.812   -8.324  1.00 8.54  ? 100 GLU A C   1 
ATOM   950  O O   . GLU A 1 113 ? -9.659  3.650   -7.543  1.00 8.39  ? 100 GLU A O   1 
ATOM   951  C CB  . GLU A 1 113 ? -7.817  0.743   -7.965  1.00 9.83  ? 100 GLU A CB  1 
ATOM   952  C CG  . GLU A 1 113 ? -6.420  0.170   -8.056  1.00 11.42 ? 100 GLU A CG  1 
ATOM   953  C CD  . GLU A 1 113 ? -6.382  -1.345  -8.167  1.00 12.99 ? 100 GLU A CD  1 
ATOM   954  O OE1 . GLU A 1 113 ? -7.453  -1.965  -8.300  1.00 17.21 ? 100 GLU A OE1 1 
ATOM   955  O OE2 . GLU A 1 113 ? -5.275  -1.930  -8.118  1.00 16.13 ? 100 GLU A OE2 1 
ATOM   956  N N   . GLU A 1 114 ? -9.967  2.322   -9.319  1.00 10.83 ? 101 GLU A N   1 
ATOM   957  C CA  . GLU A 1 114 ? -11.292 2.862   -9.595  1.00 9.79  ? 101 GLU A CA  1 
ATOM   958  C C   . GLU A 1 114 ? -12.317 2.482   -8.530  1.00 8.82  ? 101 GLU A C   1 
ATOM   959  O O   . GLU A 1 114 ? -13.419 3.026   -8.496  1.00 11.13 ? 101 GLU A O   1 
ATOM   960  C CB  . GLU A 1 114 ? -11.764 2.410   -10.973 1.00 14.95 ? 101 GLU A CB  1 
ATOM   961  C CG  . GLU A 1 114 ? -10.907 2.962   -12.098 1.00 19.30 ? 101 GLU A CG  1 
ATOM   962  C CD  . GLU A 1 114 ? -11.461 2.620   -13.467 1.00 50.41 ? 101 GLU A CD  1 
ATOM   963  O OE1 . GLU A 1 114 ? -11.884 1.461   -13.665 1.00 52.46 ? 101 GLU A OE1 1 
ATOM   964  O OE2 . GLU A 1 114 ? -11.473 3.508   -14.346 1.00 68.68 ? 101 GLU A OE2 1 
ATOM   965  N N   . ASP A 1 115 ? -11.945 1.596   -7.620  1.00 7.69  ? 102 ASP A N   1 
ATOM   966  C CA  . ASP A 1 115 ? -12.797 1.338   -6.463  1.00 9.08  ? 102 ASP A CA  1 
ATOM   967  C C   . ASP A 1 115 ? -12.518 2.259   -5.270  1.00 7.50  ? 102 ASP A C   1 
ATOM   968  O O   . ASP A 1 115 ? -13.082 2.057   -4.200  1.00 8.74  ? 102 ASP A O   1 
ATOM   969  C CB  . ASP A 1 115 ? -12.671 -0.119  -6.014  1.00 8.95  ? 102 ASP A CB  1 
ATOM   970  C CG  . ASP A 1 115 ? -11.267 -0.498  -5.603  1.00 10.46 ? 102 ASP A CG  1 
ATOM   971  O OD1 . ASP A 1 115 ? -10.370 0.379   -5.547  1.00 8.71  ? 102 ASP A OD1 1 
ATOM   972  O OD2 . ASP A 1 115 ? -11.090 -1.682  -5.303  1.00 10.59 ? 102 ASP A OD2 1 
ATOM   973  N N   . PHE A 1 116 ? -11.662 3.268   -5.489  1.00 8.19  ? 103 PHE A N   1 
ATOM   974  C CA  . PHE A 1 116 ? -11.262 4.277   -4.503  1.00 9.61  ? 103 PHE A CA  1 
ATOM   975  C C   . PHE A 1 116 ? -10.397 3.732   -3.382  1.00 7.58  ? 103 PHE A C   1 
ATOM   976  O O   . PHE A 1 116 ? -10.147 4.456   -2.407  1.00 8.50  ? 103 PHE A O   1 
ATOM   977  C CB  . PHE A 1 116 ? -12.501 4.980   -3.954  1.00 10.78 ? 103 PHE A CB  1 
ATOM   978  C CG  . PHE A 1 116 ? -13.292 5.669   -5.025  1.00 14.27 ? 103 PHE A CG  1 
ATOM   979  C CD1 . PHE A 1 116 ? -12.682 6.632   -5.823  1.00 22.11 ? 103 PHE A CD1 1 
ATOM   980  C CD2 . PHE A 1 116 ? -14.596 5.290   -5.315  1.00 13.00 ? 103 PHE A CD2 1 
ATOM   981  C CE1 . PHE A 1 116 ? -13.377 7.246   -6.847  1.00 22.88 ? 103 PHE A CE1 1 
ATOM   982  C CE2 . PHE A 1 116 ? -15.303 5.909   -6.334  1.00 17.17 ? 103 PHE A CE2 1 
ATOM   983  C CZ  . PHE A 1 116 ? -14.690 6.882   -7.102  1.00 22.82 ? 103 PHE A CZ  1 
ATOM   984  N N   . PHE A 1 117 ? -9.845  2.537   -3.540  1.00 7.34  ? 104 PHE A N   1 
ATOM   985  C CA  . PHE A 1 117 ? -8.803  2.094   -2.615  1.00 6.64  ? 104 PHE A CA  1 
ATOM   986  C C   . PHE A 1 117 ? -7.413  2.253   -3.201  1.00 7.34  ? 104 PHE A C   1 
ATOM   987  O O   . PHE A 1 117 ? -7.215  2.103   -4.404  1.00 7.81  ? 104 PHE A O   1 
ATOM   988  C CB  . PHE A 1 117 ? -9.021  0.627   -2.241  1.00 7.94  ? 104 PHE A CB  1 
ATOM   989  C CG  . PHE A 1 117 ? -10.167 0.422   -1.324  1.00 8.84  ? 104 PHE A CG  1 
ATOM   990  C CD1 . PHE A 1 117 ? -11.449 0.214   -1.830  1.00 9.32  ? 104 PHE A CD1 1 
ATOM   991  C CD2 . PHE A 1 117 ? -9.973  0.433   0.052   1.00 10.03 ? 104 PHE A CD2 1 
ATOM   992  C CE1 . PHE A 1 117 ? -12.524 0.023   -0.972  1.00 9.42  ? 104 PHE A CE1 1 
ATOM   993  C CE2 . PHE A 1 117 ? -11.030 0.258   0.919   1.00 10.84 ? 104 PHE A CE2 1 
ATOM   994  C CZ  . PHE A 1 117 ? -12.313 0.058   0.402   1.00 10.36 ? 104 PHE A CZ  1 
ATOM   995  N N   . LEU A 1 118 ? -6.440  2.547   -2.335  1.00 7.14  ? 105 LEU A N   1 
ATOM   996  C CA  . LEU A 1 118 ? -5.030  2.389   -2.652  1.00 6.67  ? 105 LEU A CA  1 
ATOM   997  C C   . LEU A 1 118 ? -4.540  1.005   -2.223  1.00 8.04  ? 105 LEU A C   1 
ATOM   998  O O   . LEU A 1 118 ? -4.825  0.576   -1.104  1.00 9.36  ? 105 LEU A O   1 
ATOM   999  C CB  . LEU A 1 118 ? -4.233  3.483   -1.950  1.00 8.30  ? 105 LEU A CB  1 
ATOM   1000 C CG  . LEU A 1 118 ? -2.716  3.416   -2.008  1.00 7.93  ? 105 LEU A CG  1 
ATOM   1001 C CD1 . LEU A 1 118 ? -2.220  3.602   -3.435  1.00 10.42 ? 105 LEU A CD1 1 
ATOM   1002 C CD2 . LEU A 1 118 ? -2.159  4.507   -1.082  1.00 9.41  ? 105 LEU A CD2 1 
ATOM   1003 N N   . TYR A 1 119 ? -3.799  0.319   -3.093  1.00 7.38  ? 106 TYR A N   1 
ATOM   1004 C CA  . TYR A 1 119 ? -3.317  -1.035  -2.810  1.00 8.28  ? 106 TYR A CA  1 
ATOM   1005 C C   . TYR A 1 119 ? -1.814  -1.038  -2.677  1.00 8.39  ? 106 TYR A C   1 
ATOM   1006 O O   . TYR A 1 119 ? -1.105  -0.581  -3.579  1.00 9.22  ? 106 TYR A O   1 
ATOM   1007 C CB  . TYR A 1 119 ? -3.734  -2.012  -3.924  1.00 7.32  ? 106 TYR A CB  1 
ATOM   1008 C CG  . TYR A 1 119 ? -5.224  -2.276  -3.944  1.00 8.44  ? 106 TYR A CG  1 
ATOM   1009 C CD1 . TYR A 1 119 ? -6.092  -1.424  -4.602  1.00 6.93  ? 106 TYR A CD1 1 
ATOM   1010 C CD2 . TYR A 1 119 ? -5.761  -3.343  -3.257  1.00 7.34  ? 106 TYR A CD2 1 
ATOM   1011 C CE1 . TYR A 1 119 ? -7.461  -1.652  -4.593  1.00 9.41  ? 106 TYR A CE1 1 
ATOM   1012 C CE2 . TYR A 1 119 ? -7.132  -3.595  -3.259  1.00 8.40  ? 106 TYR A CE2 1 
ATOM   1013 C CZ  . TYR A 1 119 ? -7.972  -2.737  -3.915  1.00 8.53  ? 106 TYR A CZ  1 
ATOM   1014 O OH  . TYR A 1 119 ? -9.332  -2.991  -3.871  1.00 9.44  ? 106 TYR A OH  1 
ATOM   1015 N N   . ILE A 1 120 ? -1.338  -1.537  -1.533  1.00 7.84  ? 107 ILE A N   1 
ATOM   1016 C CA  . ILE A 1 120 ? 0.100   -1.604  -1.255  1.00 7.16  ? 107 ILE A CA  1 
ATOM   1017 C C   . ILE A 1 120 ? 0.483   -3.031  -0.918  1.00 7.71  ? 107 ILE A C   1 
ATOM   1018 O O   . ILE A 1 120 ? -0.130  -3.641  -0.058  1.00 9.57  ? 107 ILE A O   1 
ATOM   1019 C CB  . ILE A 1 120 ? 0.493   -0.671  -0.093  1.00 9.41  ? 107 ILE A CB  1 
ATOM   1020 C CG1 . ILE A 1 120 ? 0.167   0.790   -0.455  1.00 12.61 ? 107 ILE A CG1 1 
ATOM   1021 C CG2 . ILE A 1 120 ? 1.990   -0.833  0.271   1.00 11.83 ? 107 ILE A CG2 1 
ATOM   1022 C CD1 . ILE A 1 120 ? 0.481   1.823   0.649   1.00 13.08 ? 107 ILE A CD1 1 
ATOM   1023 N N   . ALA A 1 121 ? 1.444   -3.561  -1.661  1.00 8.05  ? 108 ALA A N   1 
ATOM   1024 C CA  . ALA A 1 121 ? 2.076   -4.829  -1.286  1.00 8.94  ? 108 ALA A CA  1 
ATOM   1025 C C   . ALA A 1 121 ? 3.344   -4.573  -0.472  1.00 9.63  ? 108 ALA A C   1 
ATOM   1026 O O   . ALA A 1 121 ? 4.002   -3.560  -0.676  1.00 9.20  ? 108 ALA A O   1 
ATOM   1027 C CB  . ALA A 1 121 ? 2.424   -5.626  -2.509  1.00 10.39 ? 108 ALA A CB  1 
ATOM   1028 N N   . TYR A 1 122 ? 3.725   -5.484  0.415   1.00 8.71  ? 109 TYR A N   1 
ATOM   1029 C CA  . TYR A 1 122 ? 4.981   -5.264  1.149   1.00 9.45  ? 109 TYR A CA  1 
ATOM   1030 C C   . TYR A 1 122 ? 5.813   -6.515  1.196   1.00 9.45  ? 109 TYR A C   1 
ATOM   1031 O O   . TYR A 1 122 ? 5.300   -7.631  1.123   1.00 11.05 ? 109 TYR A O   1 
ATOM   1032 C CB  . TYR A 1 122 ? 4.739   -4.742  2.575   1.00 10.57 ? 109 TYR A CB  1 
ATOM   1033 C CG  . TYR A 1 122 ? 4.073   -5.700  3.519   1.00 9.49  ? 109 TYR A CG  1 
ATOM   1034 C CD1 . TYR A 1 122 ? 4.835   -6.558  4.312   1.00 10.19 ? 109 TYR A CD1 1 
ATOM   1035 C CD2 . TYR A 1 122 ? 2.700   -5.724  3.651   1.00 12.03 ? 109 TYR A CD2 1 
ATOM   1036 C CE1 . TYR A 1 122 ? 4.238   -7.432  5.175   1.00 11.10 ? 109 TYR A CE1 1 
ATOM   1037 C CE2 . TYR A 1 122 ? 2.088   -6.601  4.514   1.00 11.83 ? 109 TYR A CE2 1 
ATOM   1038 C CZ  . TYR A 1 122 ? 2.863   -7.437  5.289   1.00 11.21 ? 109 TYR A CZ  1 
ATOM   1039 O OH  . TYR A 1 122 ? 2.226   -8.303  6.141   1.00 12.55 ? 109 TYR A OH  1 
ATOM   1040 N N   . SER A 1 123 ? 7.117   -6.292  1.289   1.00 10.51 ? 110 SER A N   1 
ATOM   1041 C CA  . SER A 1 123 ? 8.070   -7.390  1.298   1.00 12.06 ? 110 SER A CA  1 
ATOM   1042 C C   . SER A 1 123 ? 9.315   -7.008  2.070   1.00 12.79 ? 110 SER A C   1 
ATOM   1043 O O   . SER A 1 123 ? 9.583   -5.832  2.301   1.00 13.32 ? 110 SER A O   1 
ATOM   1044 C CB  . SER A 1 123 ? 8.457   -7.768  -0.123  1.00 15.33 ? 110 SER A CB  1 
ATOM   1045 O OG  . SER A 1 123 ? 9.339   -8.885  -0.123  1.00 15.49 ? 110 SER A OG  1 
ATOM   1046 N N   . ASP A 1 124 ? 10.094  -8.021  2.447   1.00 17.26 ? 111 ASP A N   1 
ATOM   1047 C CA  . ASP A 1 124 ? 11.408  -7.783  3.023   1.00 17.70 ? 111 ASP A CA  1 
ATOM   1048 C C   . ASP A 1 124 ? 12.482  -7.645  1.949   1.00 17.87 ? 111 ASP A C   1 
ATOM   1049 O O   . ASP A 1 124 ? 13.625  -7.299  2.248   1.00 20.46 ? 111 ASP A O   1 
ATOM   1050 C CB  . ASP A 1 124 ? 11.781  -8.908  3.991   1.00 21.26 ? 111 ASP A CB  1 
ATOM   1051 C CG  . ASP A 1 124 ? 11.728  -10.271 3.343   1.00 22.96 ? 111 ASP A CG  1 
ATOM   1052 O OD1 . ASP A 1 124 ? 10.894  -10.493 2.448   1.00 26.61 ? 111 ASP A OD1 1 
ATOM   1053 O OD2 . ASP A 1 124 ? 12.541  -11.139 3.728   1.00 35.56 ? 111 ASP A OD2 1 
ATOM   1054 N N   . GLU A 1 125 ? 12.120  -7.926  0.701   1.00 14.14 ? 112 GLU A N   1 
ATOM   1055 C CA  . GLU A 1 125 ? 13.050  -7.812  -0.417  1.00 16.22 ? 112 GLU A CA  1 
ATOM   1056 C C   . GLU A 1 125 ? 12.647  -6.640  -1.302  1.00 15.04 ? 112 GLU A C   1 
ATOM   1057 O O   . GLU A 1 125 ? 11.466  -6.293  -1.377  1.00 15.88 ? 112 GLU A O   1 
ATOM   1058 C CB  . GLU A 1 125 ? 13.089  -9.112  -1.219  1.00 23.56 ? 112 GLU A CB  1 
ATOM   1059 C CG  . GLU A 1 125 ? 13.796  -10.237 -0.477  1.00 22.94 ? 112 GLU A CG  1 
ATOM   1060 C CD  . GLU A 1 125 ? 13.776  -11.555 -1.227  1.00 36.56 ? 112 GLU A CD  1 
ATOM   1061 O OE1 . GLU A 1 125 ? 13.284  -11.587 -2.373  1.00 48.50 ? 112 GLU A OE1 1 
ATOM   1062 O OE2 . GLU A 1 125 ? 14.257  -12.560 -0.664  1.00 55.03 ? 112 GLU A OE2 1 
ATOM   1063 N N   . SER A 1 126 ? 13.625  -6.038  -1.975  1.00 16.38 ? 113 SER A N   1 
ATOM   1064 C CA  . SER A 1 126 ? 13.391  -4.791  -2.705  1.00 19.32 ? 113 SER A CA  1 
ATOM   1065 C C   . SER A 1 126 ? 12.819  -5.032  -4.094  1.00 18.43 ? 113 SER A C   1 
ATOM   1066 O O   . SER A 1 126 ? 12.439  -4.090  -4.787  1.00 17.36 ? 113 SER A O   1 
ATOM   1067 C CB  . SER A 1 126 ? 14.681  -3.977  -2.818  1.00 21.60 ? 113 SER A CB  1 
ATOM   1068 O OG  . SER A 1 126 ? 15.456  -4.376  -3.944  1.00 17.36 ? 113 SER A OG  1 
ATOM   1069 N N   . VAL A 1 127 ? 12.763  -6.296  -4.498  1.00 17.80 ? 114 VAL A N   1 
ATOM   1070 C CA  . VAL A 1 127 ? 12.150  -6.665  -5.767  1.00 15.89 ? 114 VAL A CA  1 
ATOM   1071 C C   . VAL A 1 127 ? 10.944  -7.528  -5.473  1.00 16.27 ? 114 VAL A C   1 
ATOM   1072 O O   . VAL A 1 127 ? 11.043  -8.519  -4.748  1.00 18.67 ? 114 VAL A O   1 
ATOM   1073 C CB  . VAL A 1 127 ? 13.137  -7.417  -6.693  1.00 15.19 ? 114 VAL A CB  1 
ATOM   1074 C CG1 . VAL A 1 127 ? 12.443  -7.843  -7.974  1.00 20.85 ? 114 VAL A CG1 1 
ATOM   1075 C CG2 . VAL A 1 127 ? 14.324  -6.536  -7.020  1.00 17.60 ? 114 VAL A CG2 1 
ATOM   1076 N N   . TYR A 1 128 ? 9.796   -7.141  -6.020  1.00 17.94 ? 115 TYR A N   1 
ATOM   1077 C CA  . TYR A 1 128 ? 8.567   -7.844  -5.721  1.00 16.89 ? 115 TYR A CA  1 
ATOM   1078 C C   . TYR A 1 128 ? 8.593   -9.268  -6.268  1.00 23.74 ? 115 TYR A C   1 
ATOM   1079 O O   . TYR A 1 128 ? 9.052   -9.513  -7.384  1.00 27.78 ? 115 TYR A O   1 
ATOM   1080 C CB  . TYR A 1 128 ? 7.360   -7.086  -6.281  1.00 19.44 ? 115 TYR A CB  1 
ATOM   1081 C CG  . TYR A 1 128 ? 6.080   -7.888  -6.212  1.00 23.95 ? 115 TYR A CG  1 
ATOM   1082 C CD1 . TYR A 1 128 ? 5.722   -8.745  -7.242  1.00 21.58 ? 115 TYR A CD1 1 
ATOM   1083 C CD2 . TYR A 1 128 ? 5.233   -7.794  -5.116  1.00 20.04 ? 115 TYR A CD2 1 
ATOM   1084 C CE1 . TYR A 1 128 ? 4.568   -9.487  -7.186  1.00 24.85 ? 115 TYR A CE1 1 
ATOM   1085 C CE2 . TYR A 1 128 ? 4.064   -8.530  -5.053  1.00 20.84 ? 115 TYR A CE2 1 
ATOM   1086 C CZ  . TYR A 1 128 ? 3.743   -9.379  -6.091  1.00 23.17 ? 115 TYR A CZ  1 
ATOM   1087 O OH  . TYR A 1 128 ? 2.584   -10.119 -6.051  1.00 31.09 ? 115 TYR A OH  1 
ATOM   1088 N N   . GLY A 1 129 ? 8.086   -10.198 -5.470  1.00 27.95 ? 116 GLY A N   1 
ATOM   1089 C CA  . GLY A 1 129 ? 7.995   -11.591 -5.873  1.00 32.35 ? 116 GLY A CA  1 
ATOM   1090 C C   . GLY A 1 129 ? 6.996   -12.353 -5.024  1.00 33.87 ? 116 GLY A C   1 
ATOM   1091 O O   . GLY A 1 129 ? 6.563   -11.863 -3.978  1.00 28.29 ? 116 GLY A O   1 
HETATM 1092 O O   . HOH B 2 .   ? -11.530 11.550  8.598   1.00 22.77 ? 201 HOH A O   1 
HETATM 1093 O O   . HOH B 2 .   ? 13.974  -12.692 4.023   1.00 44.86 ? 202 HOH A O   1 
HETATM 1094 O O   . HOH B 2 .   ? 4.906   4.324   13.753  1.00 36.57 ? 203 HOH A O   1 
HETATM 1095 O O   . HOH B 2 .   ? -8.632  10.189  -8.396  1.00 9.67  ? 204 HOH A O   1 
HETATM 1096 O O   . HOH B 2 .   ? -19.750 -0.704  -10.964 1.00 37.64 ? 205 HOH A O   1 
HETATM 1097 O O   . HOH B 2 .   ? -13.589 -0.148  -13.668 1.00 46.70 ? 206 HOH A O   1 
HETATM 1098 O O   . HOH B 2 .   ? 13.358  -9.051  12.362  1.00 34.04 ? 207 HOH A O   1 
HETATM 1099 O O   . HOH B 2 .   ? -2.574  -11.380 -0.294  1.00 28.84 ? 208 HOH A O   1 
HETATM 1100 O O   . HOH B 2 .   ? 3.365   -6.965  -10.209 1.00 28.45 ? 209 HOH A O   1 
HETATM 1101 O O   . HOH B 2 .   ? 13.620  -11.597 5.920   1.00 27.40 ? 210 HOH A O   1 
HETATM 1102 O O   . HOH B 2 .   ? 15.117  2.079   9.813   1.00 31.40 ? 211 HOH A O   1 
HETATM 1103 O O   . HOH B 2 .   ? -3.560  -11.706 7.350   1.00 35.74 ? 212 HOH A O   1 
HETATM 1104 O O   . HOH B 2 .   ? -17.027 14.501  3.636   1.00 34.62 ? 213 HOH A O   1 
HETATM 1105 O O   . HOH B 2 .   ? -8.269  16.620  9.838   1.00 36.04 ? 214 HOH A O   1 
HETATM 1106 O O   . HOH B 2 .   ? 3.877   -14.661 6.564   1.00 22.74 ? 215 HOH A O   1 
HETATM 1107 O O   . HOH B 2 .   ? 12.471  -14.102 6.856   1.00 20.52 ? 216 HOH A O   1 
HETATM 1108 O O   . HOH B 2 .   ? -4.119  -6.962  5.103   1.00 23.16 ? 217 HOH A O   1 
HETATM 1109 O O   . HOH B 2 .   ? 6.342   -7.462  -12.696 1.00 38.63 ? 218 HOH A O   1 
HETATM 1110 O O   . HOH B 2 .   ? 15.597  8.631   -6.271  1.00 37.51 ? 219 HOH A O   1 
HETATM 1111 O O   . HOH B 2 .   ? 10.080  3.573   -0.265  1.00 15.50 ? 220 HOH A O   1 
HETATM 1112 O O   . HOH B 2 .   ? 13.365  -7.473  6.763   1.00 27.15 ? 221 HOH A O   1 
HETATM 1113 O O   . HOH B 2 .   ? -13.232 12.840  0.458   1.00 26.07 ? 222 HOH A O   1 
HETATM 1114 O O   . HOH B 2 .   ? -7.708  13.255  2.131   1.00 29.90 ? 223 HOH A O   1 
HETATM 1115 O O   . HOH B 2 .   ? 7.521   -10.174 10.502  1.00 23.81 ? 224 HOH A O   1 
HETATM 1116 O O   . HOH B 2 .   ? 3.075   13.601  8.960   1.00 21.25 ? 225 HOH A O   1 
HETATM 1117 O O   . HOH B 2 .   ? 8.332   2.431   -13.373 1.00 28.73 ? 226 HOH A O   1 
HETATM 1118 O O   . HOH B 2 .   ? -2.917  -0.776  -7.588  1.00 15.39 ? 227 HOH A O   1 
HETATM 1119 O O   . HOH B 2 .   ? -6.660  10.912  -8.133  1.00 14.88 ? 228 HOH A O   1 
HETATM 1120 O O   . HOH B 2 .   ? -10.989 14.419  1.147   1.00 23.45 ? 229 HOH A O   1 
HETATM 1121 O O   . HOH B 2 .   ? 9.240   -9.845  -2.632  1.00 30.21 ? 230 HOH A O   1 
HETATM 1122 O O   . HOH B 2 .   ? -1.126  15.225  1.687   1.00 25.39 ? 231 HOH A O   1 
HETATM 1123 O O   . HOH B 2 .   ? -3.225  -5.879  -8.095  1.00 33.90 ? 232 HOH A O   1 
HETATM 1124 O O   . HOH B 2 .   ? 11.580  -13.196 2.270   1.00 32.73 ? 233 HOH A O   1 
HETATM 1125 O O   . HOH B 2 .   ? -10.151 -2.105  -8.248  1.00 23.30 ? 234 HOH A O   1 
HETATM 1126 O O   . HOH B 2 .   ? -5.445  -4.506  4.153   1.00 13.89 ? 235 HOH A O   1 
HETATM 1127 O O   . HOH B 2 .   ? -0.715  -1.645  -6.051  1.00 14.29 ? 236 HOH A O   1 
HETATM 1128 O O   . HOH B 2 .   ? 9.552   -17.522 -0.207  1.00 30.17 ? 237 HOH A O   1 
HETATM 1129 O O   . HOH B 2 .   ? 10.934  3.749   -7.247  1.00 26.69 ? 238 HOH A O   1 
HETATM 1130 O O   . HOH B 2 .   ? -3.648  1.294   -5.830  1.00 9.96  ? 239 HOH A O   1 
HETATM 1131 O O   . HOH B 2 .   ? -3.302  2.198   -9.709  1.00 25.31 ? 240 HOH A O   1 
HETATM 1132 O O   . HOH B 2 .   ? 5.362   15.239  0.062   1.00 25.69 ? 241 HOH A O   1 
HETATM 1133 O O   . HOH B 2 .   ? -1.274  0.563   13.326  1.00 27.99 ? 242 HOH A O   1 
HETATM 1134 O O   . HOH B 2 .   ? 11.805  10.885  3.554   1.00 38.20 ? 243 HOH A O   1 
HETATM 1135 O O   . HOH B 2 .   ? -7.979  5.079   -10.682 1.00 21.70 ? 244 HOH A O   1 
HETATM 1136 O O   . HOH B 2 .   ? -0.319  12.998  -5.901  1.00 17.27 ? 245 HOH A O   1 
HETATM 1137 O O   . HOH B 2 .   ? 2.823   15.874  5.788   1.00 25.17 ? 246 HOH A O   1 
HETATM 1138 O O   . HOH B 2 .   ? 7.124   15.103  3.035   1.00 26.25 ? 247 HOH A O   1 
HETATM 1139 O O   . HOH B 2 .   ? -13.174 -9.340  -7.931  1.00 41.63 ? 248 HOH A O   1 
HETATM 1140 O O   . HOH B 2 .   ? 10.658  -0.332  -7.688  1.00 21.25 ? 249 HOH A O   1 
HETATM 1141 O O   . HOH B 2 .   ? -15.036 4.656   -10.049 1.00 23.21 ? 250 HOH A O   1 
HETATM 1142 O O   . HOH B 2 .   ? -16.627 7.165   12.688  1.00 40.92 ? 251 HOH A O   1 
HETATM 1143 O O   . HOH B 2 .   ? 1.590   0.408   14.174  1.00 21.05 ? 252 HOH A O   1 
HETATM 1144 O O   . HOH B 2 .   ? 14.844  -12.046 2.019   1.00 42.09 ? 253 HOH A O   1 
HETATM 1145 O O   . HOH B 2 .   ? -16.056 -10.187 3.161   1.00 43.71 ? 254 HOH A O   1 
HETATM 1146 O O   . HOH B 2 .   ? 10.966  4.520   -9.826  1.00 27.57 ? 255 HOH A O   1 
HETATM 1147 O O   . HOH B 2 .   ? -9.314  11.106  -6.573  1.00 20.27 ? 256 HOH A O   1 
HETATM 1148 O O   . HOH B 2 .   ? -8.811  0.570   -11.218 1.00 26.82 ? 257 HOH A O   1 
HETATM 1149 O O   . HOH B 2 .   ? 4.949   3.561   -6.517  1.00 25.64 ? 258 HOH A O   1 
HETATM 1150 O O   . HOH B 2 .   ? -0.449  -12.389 0.908   1.00 40.44 ? 259 HOH A O   1 
HETATM 1151 O O   . HOH B 2 .   ? 11.672  10.367  -0.774  1.00 28.95 ? 260 HOH A O   1 
HETATM 1152 O O   . HOH B 2 .   ? -7.143  -10.831 9.504   1.00 27.57 ? 261 HOH A O   1 
HETATM 1153 O O   . HOH B 2 .   ? 1.388   -6.179  -8.567  1.00 31.57 ? 262 HOH A O   1 
HETATM 1154 O O   . HOH B 2 .   ? 12.069  0.890   4.688   1.00 37.00 ? 263 HOH A O   1 
HETATM 1155 O O   . HOH B 2 .   ? 5.628   -17.533 5.063   1.00 32.22 ? 264 HOH A O   1 
HETATM 1156 O O   . HOH B 2 .   ? -15.834 -4.241  1.817   1.00 32.61 ? 265 HOH A O   1 
HETATM 1157 O O   . HOH B 2 .   ? -11.245 8.015   3.403   1.00 15.88 ? 266 HOH A O   1 
HETATM 1158 O O   . HOH B 2 .   ? -21.103 4.599   -2.365  1.00 29.48 ? 267 HOH A O   1 
HETATM 1159 O O   . HOH B 2 .   ? 6.820   -8.690  -17.155 1.00 26.39 ? 268 HOH A O   1 
HETATM 1160 O O   . HOH B 2 .   ? 12.937  -14.432 1.134   1.00 39.10 ? 269 HOH A O   1 
HETATM 1161 O O   . HOH B 2 .   ? 2.523   -4.253  -6.646  1.00 24.60 ? 270 HOH A O   1 
HETATM 1162 O O   . HOH B 2 .   ? -8.450  14.324  -0.407  1.00 31.25 ? 271 HOH A O   1 
HETATM 1163 O O   . HOH B 2 .   ? 11.808  2.901   6.425   1.00 22.76 ? 272 HOH A O   1 
HETATM 1164 O O   . HOH B 2 .   ? -4.564  14.047  7.304   1.00 29.05 ? 273 HOH A O   1 
HETATM 1165 O O   . HOH B 2 .   ? 5.331   -15.188 5.268   1.00 20.93 ? 274 HOH A O   1 
HETATM 1166 O O   . HOH B 2 .   ? 7.017   -18.512 1.118   1.00 47.98 ? 275 HOH A O   1 
HETATM 1167 O O   . HOH B 2 .   ? -0.361  -12.818 -6.528  1.00 39.01 ? 276 HOH A O   1 
HETATM 1168 O O   . HOH B 2 .   ? -20.313 8.154   3.842   1.00 23.64 ? 277 HOH A O   1 
HETATM 1169 O O   . HOH B 2 .   ? -11.664 10.109  -3.638  1.00 24.10 ? 278 HOH A O   1 
HETATM 1170 O O   . HOH B 2 .   ? 7.812   13.049  -2.833  1.00 31.18 ? 279 HOH A O   1 
HETATM 1171 O O   . HOH B 2 .   ? 10.864  5.314   6.768   1.00 23.47 ? 280 HOH A O   1 
HETATM 1172 O O   . HOH B 2 .   ? 9.560   -4.888  -7.935  1.00 18.97 ? 281 HOH A O   1 
HETATM 1173 O O   . HOH B 2 .   ? 13.446  4.764   -5.361  1.00 29.29 ? 282 HOH A O   1 
HETATM 1174 O O   . HOH B 2 .   ? 0.762   -3.568  -5.077  1.00 21.54 ? 283 HOH A O   1 
HETATM 1175 O O   . HOH B 2 .   ? -10.478 9.585   -8.988  1.00 21.27 ? 284 HOH A O   1 
HETATM 1176 O O   . HOH B 2 .   ? 9.304   10.367  6.616   1.00 4.49  ? 285 HOH A O   1 
HETATM 1177 O O   . HOH B 2 .   ? 6.892   0.472   -16.824 1.00 23.36 ? 286 HOH A O   1 
HETATM 1178 O O   . HOH B 2 .   ? 16.415  -7.000  -1.357  1.00 30.14 ? 287 HOH A O   1 
HETATM 1179 O O   . HOH B 2 .   ? 19.306  12.756  -7.141  1.00 25.44 ? 288 HOH A O   1 
HETATM 1180 O O   . HOH B 2 .   ? 1.908   -12.398 11.436  1.00 27.19 ? 289 HOH A O   1 
HETATM 1181 O O   . HOH B 2 .   ? -0.603  -9.610  4.721   1.00 19.05 ? 290 HOH A O   1 
HETATM 1182 O O   . HOH B 2 .   ? -3.511  -9.672  4.830   1.00 33.15 ? 291 HOH A O   1 
HETATM 1183 O O   . HOH B 2 .   ? 8.466   -6.589  -13.958 1.00 34.52 ? 292 HOH A O   1 
HETATM 1184 O O   . HOH B 2 .   ? 12.516  7.340   -1.023  1.00 27.72 ? 293 HOH A O   1 
HETATM 1185 O O   . HOH B 2 .   ? -18.322 -10.323 -1.162  1.00 38.88 ? 294 HOH A O   1 
HETATM 1186 O O   . HOH B 2 .   ? -23.541 -1.642  -4.862  1.00 36.48 ? 295 HOH A O   1 
HETATM 1187 O O   . HOH B 2 .   ? -16.490 -7.770  -10.162 1.00 18.23 ? 296 HOH A O   1 
HETATM 1188 O O   . HOH B 2 .   ? 16.442  -1.866  14.998  1.00 27.85 ? 297 HOH A O   1 
HETATM 1189 O O   . HOH B 2 .   ? -5.828  12.788  -0.949  1.00 27.70 ? 298 HOH A O   1 
HETATM 1190 O O   . HOH B 2 .   ? 4.915   -10.981 12.910  1.00 30.06 ? 299 HOH A O   1 
HETATM 1191 O O   . HOH B 2 .   ? 20.153  7.912   -2.212  1.00 32.95 ? 300 HOH A O   1 
HETATM 1192 O O   . HOH B 2 .   ? 2.644   13.185  11.442  1.00 34.59 ? 301 HOH A O   1 
HETATM 1193 O O   . HOH B 2 .   ? 2.479   -10.277 12.250  1.00 32.10 ? 302 HOH A O   1 
HETATM 1194 O O   . HOH B 2 .   ? -10.460 12.959  -4.083  1.00 16.29 ? 303 HOH A O   1 
HETATM 1195 O O   . HOH B 2 .   ? 10.735  2.903   -11.985 1.00 20.57 ? 304 HOH A O   1 
HETATM 1196 O O   . HOH B 2 .   ? -17.528 5.918   -9.093  1.00 24.63 ? 305 HOH A O   1 
HETATM 1197 O O   . HOH B 2 .   ? -1.267  -10.788 3.088   1.00 36.90 ? 306 HOH A O   1 
HETATM 1198 O O   . HOH B 2 .   ? 10.535  -5.027  -12.776 1.00 20.91 ? 307 HOH A O   1 
HETATM 1199 O O   . HOH B 2 .   ? -1.824  -6.377  12.000  1.00 21.27 ? 308 HOH A O   1 
HETATM 1200 O O   . HOH B 2 .   ? 14.314  -1.067  3.757   1.00 25.76 ? 309 HOH A O   1 
HETATM 1201 O O   . HOH B 2 .   ? 12.487  1.491   2.588   1.00 31.36 ? 310 HOH A O   1 
HETATM 1202 O O   . HOH B 2 .   ? -17.656 13.575  7.027   1.00 41.33 ? 311 HOH A O   1 
HETATM 1203 O O   . HOH B 2 .   ? 10.381  -6.092  -10.362 1.00 33.24 ? 312 HOH A O   1 
HETATM 1204 O O   . HOH B 2 .   ? 5.561   -17.027 2.524   1.00 34.76 ? 313 HOH A O   1 
HETATM 1205 O O   . HOH B 2 .   ? -0.576  -4.359  -8.698  1.00 36.41 ? 314 HOH A O   1 
HETATM 1206 O O   . HOH B 2 .   ? 15.933  -9.018  17.475  1.00 37.61 ? 315 HOH A O   1 
HETATM 1207 O O   . HOH B 2 .   ? 9.888   12.199  4.451   1.00 21.52 ? 316 HOH A O   1 
HETATM 1208 O O   . HOH B 2 .   ? -9.830  -15.711 -1.375  1.00 40.65 ? 317 HOH A O   1 
HETATM 1209 O O   . HOH B 2 .   ? -10.839 16.942  5.451   1.00 38.09 ? 318 HOH A O   1 
HETATM 1210 O O   . HOH B 2 .   ? 11.809  6.295   -4.205  1.00 38.80 ? 319 HOH A O   1 
HETATM 1211 O O   . HOH B 2 .   ? 3.508   -20.003 4.354   1.00 27.94 ? 320 HOH A O   1 
HETATM 1212 O O   . HOH B 2 .   ? -3.510  14.739  0.222   1.00 37.35 ? 321 HOH A O   1 
HETATM 1213 O O   . HOH B 2 .   ? 8.047   2.342   -16.065 1.00 40.94 ? 322 HOH A O   1 
HETATM 1214 O O   . HOH B 2 .   ? -0.066  17.632  0.628   1.00 38.13 ? 323 HOH A O   1 
HETATM 1215 O O   . HOH B 2 .   ? 2.615   13.410  -11.996 1.00 45.39 ? 324 HOH A O   1 
HETATM 1216 O O   . HOH B 2 .   ? 9.299   14.693  4.019   1.00 35.29 ? 325 HOH A O   1 
HETATM 1217 O O   . HOH B 2 .   ? 14.508  6.074   3.938   1.00 38.73 ? 326 HOH A O   1 
HETATM 1218 O O   . HOH B 2 .   ? -20.535 9.973   6.550   1.00 53.65 ? 327 HOH A O   1 
HETATM 1219 O O   . HOH B 2 .   ? -13.803 12.669  -2.313  1.00 44.79 ? 328 HOH A O   1 
HETATM 1220 O O   . HOH B 2 .   ? -22.831 -0.033  -12.283 1.00 28.42 ? 329 HOH A O   1 
HETATM 1221 O O   . HOH B 2 .   ? 3.668   11.356  -5.332  1.00 45.34 ? 330 HOH A O   1 
HETATM 1222 O O   . HOH B 2 .   ? 13.107  -9.995  8.079   1.00 28.88 ? 331 HOH A O   1 
HETATM 1223 O O   . HOH B 2 .   ? -17.608 9.701   11.852  1.00 38.07 ? 332 HOH A O   1 
HETATM 1224 O O   . HOH B 2 .   ? -22.030 8.061   1.739   1.00 35.18 ? 333 HOH A O   1 
HETATM 1225 O O   . HOH B 2 .   ? 9.991   -11.097 11.115  1.00 25.83 ? 334 HOH A O   1 
HETATM 1226 O O   . HOH B 2 .   ? -0.274  -16.791 10.544  1.00 43.44 ? 335 HOH A O   1 
HETATM 1227 O O   . HOH B 2 .   ? 12.901  3.669   -0.099  1.00 43.65 ? 336 HOH A O   1 
HETATM 1228 O O   . HOH B 2 .   ? 11.837  15.511  2.319   1.00 38.77 ? 337 HOH A O   1 
# 
